data_8K53
#
_entry.id   8K53
#
_cell.length_a   1.00
_cell.length_b   1.00
_cell.length_c   1.00
_cell.angle_alpha   90.00
_cell.angle_beta   90.00
_cell.angle_gamma   90.00
#
_symmetry.space_group_name_H-M   'P 1'
#
loop_
_entity.id
_entity.type
_entity.pdbx_description
1 polymer Contactin-2
2 branched beta-D-mannopyranose-(1-4)-2-acetamido-2-deoxy-beta-D-glucopyranose-(1-4)-2-acetamido-2-deoxy-beta-D-glucopyranose
3 branched 2-acetamido-2-deoxy-beta-D-glucopyranose-(1-4)-2-acetamido-2-deoxy-beta-D-glucopyranose
4 non-polymer 2-acetamido-2-deoxy-beta-D-glucopyranose
#
_entity_poly.entity_id   1
_entity_poly.type   'polypeptide(L)'
_entity_poly.pdbx_seq_one_letter_code
;SQTTFGPVFEDQPLSVLFPEESTEEQVLLACRARASPPATYRWKMNGTEMKLEPGSRHQLVGGNLVIMNPTKAQDAGVYQ
CLASNPVGTVVSREAILRFGFLQEFSKEERDPVKAHEGWGVMLPCNPPAHYPGLSYRWLLNEFPNFIPTDGRHFVSQTTG
NLYIARTNASDLGNYSCLATSHMDFSTKSVFSKFAQLNLAAEDTRLFAPSIKARFPAETYALVGQQVTLECFAFGNPVPR
IKWRKVDGSLSPQWTTAEPTLQIPSVSFEDEGTYECEAENSKGRDTVQGRIIVQAQPEWLKVISDTEADIGSNLRWGCAA
AGKPRPTVRWLRNGEPLASQNRVEVLAGDLRFSKLSLEDSGMYQCVAENKHGTIYASAELAVQALAPDFRLNPVRRLIPA
ARGGEILIPCQPRAAPKAVVLWSKGTEILVNSSRVTVTPDGTLIIRNISRSDEGKYTCFAENFMGKANSTGILSVRDATK
ITLAPSSADINLGDNLTLQCHASHDPTMDLTFTWTLDDFPIDFDKPGGHYRRTNVKETIGDLTILNAQLRHGGKYTCMAQ
TVVDSASKEATVLVRGPPGPPGGVVVRDIGDTTIQLSWSRGFDNHSPIAKYTLQARTPPAGKWKQVRTNPANIEGNAETA
QVLGLTPWMDYEFRVIASNILGTGEPSGPSSKIRTREAAPSVAPSGLSGGGGAPGELIVNWTPMSREYQNGDGFGYLLSF
RRQGSTHWQTARVPGADAQYFVYSNESVRPYTPFEVKIRSYNRRGDGPESLTALVYSAEEEPRVAPTKVWAKGVSSSEMN
VTWEPVQQDMNGILLGYEIRYWKAGDKEAAADRVRTAGLDTSARVSGLHPNTKYHVTVRAYNRAGTGPASPSANATTMKP
PPRRPPGNISWTFSSSSLSIKWDPVVPFRNESAVTGYKMLYQNDLHLTPTLHLTGKNWIEIPVPEDIGHALVQIRTTGPG
GDGIPAEVHIVRNGGTSMMVEN
;
_entity_poly.pdbx_strand_id   A,B
#
loop_
_chem_comp.id
_chem_comp.type
_chem_comp.name
_chem_comp.formula
BMA D-saccharide, beta linking beta-D-mannopyranose 'C6 H12 O6'
NAG D-saccharide, beta linking 2-acetamido-2-deoxy-beta-D-glucopyranose 'C8 H15 N O6'
#
# COMPACT_ATOMS: atom_id res chain seq x y z
N GLN A 2 5.34 11.69 -27.82
CA GLN A 2 5.76 10.64 -28.73
C GLN A 2 5.66 11.09 -30.18
N THR A 3 4.76 12.05 -30.44
CA THR A 3 4.62 12.58 -31.78
C THR A 3 5.88 13.32 -32.23
N THR A 4 6.46 14.10 -31.33
CA THR A 4 7.67 14.86 -31.63
C THR A 4 8.68 14.67 -30.50
N PHE A 5 9.93 14.45 -30.87
CA PHE A 5 11.02 14.30 -29.91
C PHE A 5 12.29 14.94 -30.47
N GLY A 6 13.18 15.34 -29.57
CA GLY A 6 14.41 15.99 -29.97
C GLY A 6 15.42 15.00 -30.50
N PRO A 7 16.53 15.55 -31.02
CA PRO A 7 17.57 14.69 -31.59
C PRO A 7 18.27 13.88 -30.52
N VAL A 8 18.33 12.57 -30.73
CA VAL A 8 19.03 11.65 -29.84
C VAL A 8 20.09 10.93 -30.65
N PHE A 9 21.33 10.98 -30.18
CA PHE A 9 22.44 10.44 -30.94
C PHE A 9 22.43 8.92 -30.93
N GLU A 10 22.85 8.33 -32.05
CA GLU A 10 23.03 6.89 -32.17
C GLU A 10 24.47 6.52 -32.44
N ASP A 11 25.10 7.15 -33.44
CA ASP A 11 26.51 6.94 -33.75
C ASP A 11 27.23 8.27 -33.61
N GLN A 12 28.36 8.25 -32.90
CA GLN A 12 29.13 9.46 -32.65
C GLN A 12 30.53 9.31 -33.25
N PRO A 13 31.18 10.41 -33.61
CA PRO A 13 32.48 10.32 -34.28
C PRO A 13 33.55 9.70 -33.39
N LEU A 14 34.51 9.05 -34.03
CA LEU A 14 35.60 8.36 -33.35
C LEU A 14 36.94 8.87 -33.84
N SER A 15 37.94 8.82 -32.97
CA SER A 15 39.26 9.32 -33.31
C SER A 15 39.89 8.47 -34.41
N VAL A 16 40.68 9.12 -35.26
CA VAL A 16 41.31 8.47 -36.41
C VAL A 16 42.80 8.80 -36.40
N LEU A 17 43.62 7.77 -36.59
CA LEU A 17 45.05 7.91 -36.80
C LEU A 17 45.36 7.52 -38.24
N PHE A 18 45.96 8.45 -38.99
CA PHE A 18 46.14 8.24 -40.41
C PHE A 18 47.61 8.36 -40.80
N PRO A 19 48.14 7.43 -41.59
CA PRO A 19 49.52 7.58 -42.07
C PRO A 19 49.64 8.76 -43.03
N GLU A 20 50.77 9.45 -42.97
CA GLU A 20 50.97 10.61 -43.84
C GLU A 20 51.13 10.19 -45.29
N GLU A 21 51.77 9.04 -45.55
CA GLU A 21 51.99 8.55 -46.90
C GLU A 21 51.15 7.31 -47.18
N SER A 22 49.93 7.28 -46.65
CA SER A 22 49.02 6.18 -46.89
C SER A 22 48.46 6.24 -48.31
N THR A 23 48.08 5.07 -48.83
CA THR A 23 47.49 4.99 -50.16
C THR A 23 46.01 5.37 -50.18
N GLU A 24 45.38 5.49 -49.01
CA GLU A 24 43.98 5.87 -48.96
C GLU A 24 43.79 7.31 -49.40
N GLU A 25 42.58 7.62 -49.88
CA GLU A 25 42.29 8.92 -50.46
C GLU A 25 41.34 9.77 -49.64
N GLN A 26 40.60 9.19 -48.70
CA GLN A 26 39.59 9.95 -47.97
C GLN A 26 39.50 9.46 -46.53
N VAL A 27 38.97 10.33 -45.68
CA VAL A 27 38.72 10.02 -44.28
C VAL A 27 37.25 10.32 -43.98
N LEU A 28 36.60 9.39 -43.29
CA LEU A 28 35.17 9.45 -42.97
C LEU A 28 34.98 9.57 -41.47
N LEU A 29 34.20 10.57 -41.05
CA LEU A 29 33.79 10.72 -39.67
C LEU A 29 32.27 10.65 -39.60
N ALA A 30 31.75 9.76 -38.75
CA ALA A 30 30.33 9.44 -38.74
C ALA A 30 29.59 10.19 -37.64
N CYS A 31 28.33 10.49 -37.91
CA CYS A 31 27.45 11.15 -36.94
C CYS A 31 26.01 10.93 -37.37
N ARG A 32 25.22 10.31 -36.51
CA ARG A 32 23.83 10.01 -36.84
C ARG A 32 22.94 10.23 -35.63
N ALA A 33 21.79 10.85 -35.86
CA ALA A 33 20.84 11.15 -34.80
C ALA A 33 19.43 10.79 -35.24
N ARG A 34 18.62 10.31 -34.30
CA ARG A 34 17.22 10.04 -34.54
C ARG A 34 16.40 11.23 -34.05
N ALA A 35 15.49 11.72 -34.91
CA ALA A 35 14.69 12.88 -34.58
C ALA A 35 13.40 12.84 -35.41
N SER A 36 12.41 13.61 -34.95
CA SER A 36 11.15 13.75 -35.64
C SER A 36 10.68 15.19 -35.51
N PRO A 37 10.75 16.01 -36.58
CA PRO A 37 11.18 15.70 -37.96
C PRO A 37 12.67 15.40 -38.06
N PRO A 38 13.13 14.86 -39.18
CA PRO A 38 14.57 14.53 -39.30
C PRO A 38 15.46 15.73 -39.07
N ALA A 39 16.58 15.50 -38.40
CA ALA A 39 17.46 16.56 -37.95
C ALA A 39 18.40 17.01 -39.05
N THR A 40 19.04 18.15 -38.81
CA THR A 40 20.05 18.71 -39.70
C THR A 40 21.39 18.74 -38.96
N TYR A 41 22.46 18.41 -39.68
CA TYR A 41 23.77 18.26 -39.09
C TYR A 41 24.69 19.39 -39.52
N ARG A 42 25.50 19.87 -38.58
CA ARG A 42 26.54 20.84 -38.85
C ARG A 42 27.83 20.37 -38.19
N TRP A 43 28.95 20.90 -38.65
CA TRP A 43 30.24 20.44 -38.16
C TRP A 43 31.09 21.62 -37.72
N LYS A 44 31.83 21.42 -36.63
CA LYS A 44 32.74 22.41 -36.07
C LYS A 44 34.15 21.86 -36.09
N MET A 45 35.10 22.68 -36.52
CA MET A 45 36.51 22.33 -36.47
C MET A 45 37.25 23.42 -35.70
N ASN A 46 38.09 23.00 -34.75
CA ASN A 46 38.88 23.93 -33.95
C ASN A 46 37.99 24.92 -33.19
N GLY A 47 36.78 24.50 -32.81
CA GLY A 47 35.87 25.32 -32.03
C GLY A 47 35.00 26.28 -32.81
N THR A 48 35.27 26.47 -34.11
CA THR A 48 34.47 27.34 -34.95
C THR A 48 33.75 26.52 -36.02
N GLU A 49 32.65 27.07 -36.52
CA GLU A 49 31.84 26.38 -37.51
C GLU A 49 32.60 26.24 -38.83
N MET A 50 32.38 25.12 -39.51
CA MET A 50 33.06 24.82 -40.77
C MET A 50 32.16 25.16 -41.94
N LYS A 51 32.75 25.73 -42.99
CA LYS A 51 32.00 26.14 -44.18
C LYS A 51 31.81 24.93 -45.07
N LEU A 52 30.68 24.25 -44.89
CA LEU A 52 30.35 23.08 -45.71
C LEU A 52 29.92 23.57 -47.09
N GLU A 53 30.90 23.77 -47.97
CA GLU A 53 30.61 24.26 -49.30
C GLU A 53 30.68 23.12 -50.32
N PRO A 54 29.80 23.09 -51.30
CA PRO A 54 29.84 22.02 -52.30
C PRO A 54 31.15 22.02 -53.06
N GLY A 55 31.66 20.83 -53.33
CA GLY A 55 32.90 20.69 -54.11
C GLY A 55 34.20 20.90 -53.37
N SER A 56 34.24 21.89 -52.47
CA SER A 56 35.48 22.26 -51.79
C SER A 56 35.82 21.20 -50.75
N ARG A 57 36.65 20.23 -51.15
CA ARG A 57 37.16 19.18 -50.28
C ARG A 57 36.09 18.55 -49.39
N HIS A 58 35.84 19.16 -48.24
CA HIS A 58 34.92 18.60 -47.26
C HIS A 58 33.53 18.41 -47.86
N GLN A 59 32.96 17.23 -47.66
CA GLN A 59 31.64 16.92 -48.19
C GLN A 59 30.78 16.28 -47.12
N LEU A 60 29.48 16.55 -47.18
CA LEU A 60 28.51 16.05 -46.23
C LEU A 60 27.68 14.96 -46.88
N VAL A 61 27.71 13.76 -46.31
CA VAL A 61 26.99 12.60 -46.83
C VAL A 61 26.16 12.04 -45.69
N GLY A 62 24.88 12.40 -45.65
CA GLY A 62 23.97 11.86 -44.66
C GLY A 62 24.41 12.09 -43.23
N GLY A 63 24.97 13.26 -42.95
CA GLY A 63 25.49 13.54 -41.63
C GLY A 63 26.98 13.29 -41.52
N ASN A 64 27.46 12.25 -42.20
CA ASN A 64 28.88 11.95 -42.18
C ASN A 64 29.68 13.03 -42.90
N LEU A 65 30.91 13.23 -42.45
CA LEU A 65 31.83 14.18 -43.06
C LEU A 65 32.96 13.42 -43.72
N VAL A 66 33.17 13.68 -45.02
CA VAL A 66 34.23 13.05 -45.78
C VAL A 66 35.22 14.11 -46.22
N ILE A 67 36.50 13.86 -45.96
CA ILE A 67 37.58 14.75 -46.39
C ILE A 67 38.49 13.95 -47.31
N MET A 68 38.64 14.41 -48.55
CA MET A 68 39.42 13.70 -49.55
C MET A 68 40.81 14.30 -49.69
N ASN A 69 41.78 13.44 -49.97
CA ASN A 69 43.20 13.78 -50.08
C ASN A 69 43.66 14.60 -48.87
N PRO A 70 43.74 14.00 -47.69
CA PRO A 70 44.07 14.76 -46.49
C PRO A 70 45.56 15.09 -46.41
N THR A 71 45.85 16.13 -45.64
CA THR A 71 47.23 16.51 -45.33
C THR A 71 47.26 17.08 -43.92
N LYS A 72 48.43 16.98 -43.29
CA LYS A 72 48.58 17.37 -41.89
C LYS A 72 48.51 18.88 -41.68
N ALA A 73 48.67 19.67 -42.75
CA ALA A 73 48.74 21.12 -42.58
C ALA A 73 47.37 21.79 -42.54
N GLN A 74 46.31 21.11 -42.94
CA GLN A 74 44.98 21.72 -42.96
C GLN A 74 43.87 20.78 -42.50
N ASP A 75 44.19 19.59 -42.00
CA ASP A 75 43.15 18.62 -41.67
C ASP A 75 43.30 18.06 -40.26
N ALA A 76 44.53 17.98 -39.77
CA ALA A 76 44.76 17.43 -38.44
C ALA A 76 44.14 18.33 -37.38
N GLY A 77 43.38 17.74 -36.47
CA GLY A 77 42.69 18.54 -35.47
C GLY A 77 41.48 17.81 -34.93
N VAL A 78 40.64 18.56 -34.21
CA VAL A 78 39.50 17.98 -33.50
C VAL A 78 38.21 18.53 -34.10
N TYR A 79 37.21 17.67 -34.24
CA TYR A 79 35.96 17.97 -34.91
C TYR A 79 34.80 17.63 -33.99
N GLN A 80 33.70 18.36 -34.15
CA GLN A 80 32.45 18.13 -33.42
C GLN A 80 31.28 18.13 -34.39
N CYS A 81 30.26 17.35 -34.07
CA CYS A 81 29.05 17.25 -34.87
C CYS A 81 27.87 17.75 -34.05
N LEU A 82 27.13 18.70 -34.61
CA LEU A 82 25.95 19.27 -33.95
C LEU A 82 24.70 18.84 -34.71
N ALA A 83 23.70 18.35 -33.98
CA ALA A 83 22.42 17.96 -34.56
C ALA A 83 21.35 18.94 -34.10
N SER A 84 20.50 19.37 -35.04
CA SER A 84 19.52 20.40 -34.75
C SER A 84 18.16 20.03 -35.34
N ASN A 85 17.12 20.54 -34.71
CA ASN A 85 15.73 20.42 -35.17
C ASN A 85 14.90 21.47 -34.44
N PRO A 86 13.60 21.62 -34.72
CA PRO A 86 12.82 22.65 -34.01
C PRO A 86 12.82 22.51 -32.50
N VAL A 87 12.86 21.29 -31.96
CA VAL A 87 12.79 21.12 -30.52
C VAL A 87 14.05 21.65 -29.84
N GLY A 88 15.22 21.27 -30.35
CA GLY A 88 16.46 21.70 -29.73
C GLY A 88 17.64 21.08 -30.45
N THR A 89 18.83 21.48 -30.02
CA THR A 89 20.08 21.05 -30.62
C THR A 89 20.96 20.36 -29.59
N VAL A 90 21.76 19.41 -30.06
CA VAL A 90 22.70 18.67 -29.20
C VAL A 90 24.06 18.57 -29.89
N VAL A 91 25.08 18.33 -29.08
CA VAL A 91 26.47 18.31 -29.52
C VAL A 91 27.07 16.95 -29.19
N SER A 92 27.73 16.34 -30.16
CA SER A 92 28.36 15.04 -29.98
C SER A 92 29.77 15.21 -29.39
N ARG A 93 30.38 14.09 -29.04
CA ARG A 93 31.68 14.11 -28.39
C ARG A 93 32.77 14.53 -29.37
N GLU A 94 33.84 15.10 -28.80
CA GLU A 94 34.93 15.67 -29.57
C GLU A 94 35.77 14.54 -30.17
N ALA A 95 36.07 14.62 -31.47
CA ALA A 95 36.76 13.55 -32.17
C ALA A 95 38.06 14.07 -32.76
N ILE A 96 39.17 13.37 -32.49
CA ILE A 96 40.50 13.81 -32.89
C ILE A 96 40.94 13.04 -34.12
N LEU A 97 41.42 13.76 -35.13
CA LEU A 97 42.05 13.17 -36.30
C LEU A 97 43.51 13.60 -36.32
N ARG A 98 44.40 12.61 -36.32
CA ARG A 98 45.84 12.85 -36.17
C ARG A 98 46.60 12.08 -37.24
N PHE A 99 47.80 12.55 -37.54
CA PHE A 99 48.63 12.00 -38.60
C PHE A 99 49.92 11.42 -38.02
N GLY A 100 50.35 10.29 -38.60
CA GLY A 100 51.56 9.64 -38.18
C GLY A 100 52.62 9.69 -39.27
N PHE A 101 53.88 9.72 -38.86
CA PHE A 101 54.98 9.90 -39.80
C PHE A 101 56.26 9.34 -39.19
N LEU A 102 57.30 9.33 -40.01
CA LEU A 102 58.63 8.91 -39.58
C LEU A 102 59.66 9.58 -40.47
N GLN A 103 60.45 10.48 -39.90
CA GLN A 103 61.41 11.26 -40.67
C GLN A 103 62.71 10.47 -40.85
N GLU A 104 63.67 11.10 -41.52
CA GLU A 104 64.96 10.50 -41.80
C GLU A 104 66.02 11.02 -40.84
N PHE A 105 67.08 10.23 -40.68
CA PHE A 105 68.16 10.58 -39.78
C PHE A 105 68.98 11.75 -40.33
N SER A 106 69.68 12.42 -39.43
CA SER A 106 70.50 13.57 -39.80
C SER A 106 71.67 13.13 -40.69
N LYS A 107 71.96 13.93 -41.71
CA LYS A 107 73.05 13.64 -42.62
C LYS A 107 74.41 14.04 -42.07
N GLU A 108 74.46 14.84 -41.02
CA GLU A 108 75.73 15.24 -40.43
C GLU A 108 76.43 14.05 -39.79
N GLU A 109 77.74 13.96 -40.02
CA GLU A 109 78.51 12.84 -39.47
C GLU A 109 78.60 12.94 -37.96
N ARG A 110 78.55 11.79 -37.30
CA ARG A 110 78.64 11.72 -35.85
C ARG A 110 80.08 11.59 -35.42
N ASP A 111 80.46 12.36 -34.41
CA ASP A 111 81.84 12.39 -33.95
C ASP A 111 82.21 11.04 -33.32
N PRO A 112 83.45 10.56 -33.54
CA PRO A 112 83.88 9.32 -32.88
C PRO A 112 83.89 9.48 -31.37
N VAL A 113 83.59 8.38 -30.68
CA VAL A 113 83.51 8.36 -29.23
C VAL A 113 84.78 7.71 -28.69
N LYS A 114 85.51 8.44 -27.86
CA LYS A 114 86.74 7.95 -27.24
C LYS A 114 86.45 7.52 -25.81
N ALA A 115 86.91 6.33 -25.45
CA ALA A 115 86.67 5.79 -24.12
C ALA A 115 87.85 4.92 -23.71
N HIS A 116 87.94 4.65 -22.41
CA HIS A 116 88.99 3.80 -21.87
C HIS A 116 88.53 2.35 -21.85
N GLU A 117 89.42 1.45 -22.26
CA GLU A 117 89.10 0.03 -22.25
C GLU A 117 88.90 -0.44 -20.81
N GLY A 118 87.84 -1.23 -20.58
CA GLY A 118 87.44 -1.62 -19.25
C GLY A 118 86.43 -0.70 -18.61
N TRP A 119 85.95 0.32 -19.32
CA TRP A 119 84.97 1.26 -18.81
C TRP A 119 83.69 1.16 -19.63
N GLY A 120 82.55 1.29 -18.97
CA GLY A 120 81.28 1.34 -19.67
C GLY A 120 81.18 2.60 -20.51
N VAL A 121 80.56 2.47 -21.68
CA VAL A 121 80.49 3.56 -22.65
C VAL A 121 79.03 3.76 -23.06
N MET A 122 78.69 5.02 -23.36
CA MET A 122 77.34 5.41 -23.75
C MET A 122 77.38 5.93 -25.17
N LEU A 123 76.54 5.35 -26.03
CA LEU A 123 76.47 5.71 -27.44
C LEU A 123 75.08 6.23 -27.76
N PRO A 124 74.94 7.50 -28.15
CA PRO A 124 73.61 8.04 -28.43
C PRO A 124 73.07 7.58 -29.78
N CYS A 125 71.76 7.76 -29.94
CA CYS A 125 71.07 7.47 -31.19
C CYS A 125 70.43 8.69 -31.81
N ASN A 126 69.82 9.56 -30.99
CA ASN A 126 69.23 10.81 -31.43
C ASN A 126 68.19 10.60 -32.53
N PRO A 127 67.06 9.98 -32.22
CA PRO A 127 66.05 9.70 -33.25
C PRO A 127 65.44 10.98 -33.77
N PRO A 128 64.97 10.99 -35.02
CA PRO A 128 64.34 12.19 -35.58
C PRO A 128 62.91 12.37 -35.09
N ALA A 129 62.22 13.39 -35.62
CA ALA A 129 60.82 13.59 -35.29
C ALA A 129 59.99 12.39 -35.74
N HIS A 130 59.10 11.94 -34.86
CA HIS A 130 58.37 10.70 -35.12
C HIS A 130 57.10 10.68 -34.29
N TYR A 131 56.14 9.88 -34.76
CA TYR A 131 54.91 9.58 -34.04
C TYR A 131 54.23 8.38 -34.69
N PRO A 132 53.86 7.35 -33.91
CA PRO A 132 54.04 7.18 -32.46
C PRO A 132 55.43 6.66 -32.12
N GLY A 133 55.59 6.03 -30.95
CA GLY A 133 56.89 5.53 -30.54
C GLY A 133 57.44 4.47 -31.47
N LEU A 134 58.75 4.29 -31.42
CA LEU A 134 59.49 3.44 -32.35
C LEU A 134 60.10 2.25 -31.62
N SER A 135 60.76 1.41 -32.39
CA SER A 135 61.59 0.32 -31.88
C SER A 135 63.02 0.54 -32.35
N TYR A 136 63.98 0.34 -31.45
CA TYR A 136 65.36 0.70 -31.71
C TYR A 136 66.25 -0.54 -31.67
N ARG A 137 67.20 -0.58 -32.60
CA ARG A 137 68.19 -1.65 -32.64
C ARG A 137 69.55 -1.05 -32.96
N TRP A 138 70.60 -1.83 -32.76
CA TRP A 138 71.96 -1.39 -33.01
C TRP A 138 72.69 -2.42 -33.88
N LEU A 139 73.56 -1.93 -34.75
CA LEU A 139 74.35 -2.77 -35.62
C LEU A 139 75.81 -2.37 -35.54
N LEU A 140 76.70 -3.34 -35.72
CA LEU A 140 78.14 -3.13 -35.65
C LEU A 140 78.75 -3.37 -37.02
N ASN A 141 79.64 -2.46 -37.42
CA ASN A 141 80.40 -2.59 -38.67
C ASN A 141 79.51 -2.55 -39.90
N GLU A 142 78.74 -3.61 -40.13
CA GLU A 142 77.93 -3.69 -41.35
C GLU A 142 76.62 -4.41 -41.08
N PHE A 143 75.56 -3.90 -41.68
CA PHE A 143 74.27 -4.59 -41.68
C PHE A 143 74.40 -5.89 -42.48
N PRO A 144 73.72 -6.97 -42.05
CA PRO A 144 72.82 -7.09 -40.89
C PRO A 144 73.47 -7.64 -39.62
N ASN A 145 74.70 -7.27 -39.28
CA ASN A 145 75.32 -7.77 -38.05
C ASN A 145 74.71 -7.04 -36.87
N PHE A 146 73.83 -7.73 -36.15
CA PHE A 146 73.15 -7.18 -34.98
C PHE A 146 73.90 -7.56 -33.71
N ILE A 147 74.13 -6.58 -32.85
CA ILE A 147 74.76 -6.82 -31.56
C ILE A 147 73.74 -7.49 -30.65
N PRO A 148 74.05 -8.68 -30.11
CA PRO A 148 73.08 -9.36 -29.24
C PRO A 148 72.85 -8.61 -27.95
N THR A 149 71.64 -8.74 -27.41
CA THR A 149 71.27 -8.11 -26.14
C THR A 149 71.70 -9.04 -25.00
N ASP A 150 73.01 -9.07 -24.77
CA ASP A 150 73.58 -9.92 -23.73
C ASP A 150 73.66 -9.13 -22.41
N GLY A 151 74.35 -9.69 -21.43
CA GLY A 151 74.50 -9.03 -20.14
C GLY A 151 75.47 -7.87 -20.14
N ARG A 152 76.26 -7.70 -21.21
CA ARG A 152 77.23 -6.62 -21.30
C ARG A 152 76.72 -5.42 -22.09
N HIS A 153 75.73 -5.61 -22.96
CA HIS A 153 75.18 -4.55 -23.79
C HIS A 153 73.71 -4.36 -23.47
N PHE A 154 73.32 -3.11 -23.20
CA PHE A 154 71.93 -2.76 -22.97
C PHE A 154 71.46 -1.80 -24.04
N VAL A 155 70.31 -2.11 -24.64
CA VAL A 155 69.68 -1.24 -25.63
C VAL A 155 68.35 -0.76 -25.04
N SER A 156 68.20 0.55 -24.93
CA SER A 156 67.02 1.12 -24.31
C SER A 156 65.90 1.29 -25.33
N GLN A 157 64.69 0.91 -24.95
CA GLN A 157 63.51 1.11 -25.78
C GLN A 157 62.88 2.47 -25.58
N THR A 158 63.38 3.26 -24.63
CA THR A 158 62.87 4.60 -24.35
C THR A 158 63.63 5.69 -25.08
N THR A 159 64.96 5.73 -24.91
CA THR A 159 65.78 6.75 -25.56
C THR A 159 66.57 6.22 -26.75
N GLY A 160 66.70 4.90 -26.89
CA GLY A 160 67.41 4.32 -28.00
C GLY A 160 68.92 4.29 -27.86
N ASN A 161 69.45 4.67 -26.71
CA ASN A 161 70.89 4.71 -26.52
C ASN A 161 71.45 3.30 -26.29
N LEU A 162 72.76 3.17 -26.46
CA LEU A 162 73.47 1.92 -26.26
C LEU A 162 74.41 2.06 -25.07
N TYR A 163 74.34 1.11 -24.14
CA TYR A 163 75.18 1.11 -22.96
C TYR A 163 76.06 -0.14 -22.96
N ILE A 164 77.36 0.03 -22.79
CA ILE A 164 78.30 -1.08 -22.72
C ILE A 164 78.88 -1.10 -21.31
N ALA A 165 78.69 -2.22 -20.61
CA ALA A 165 79.09 -2.30 -19.22
C ALA A 165 80.60 -2.22 -19.06
N ARG A 166 81.35 -2.94 -19.89
CA ARG A 166 82.80 -2.95 -19.80
C ARG A 166 83.38 -3.14 -21.19
N THR A 167 84.22 -2.20 -21.62
CA THR A 167 84.79 -2.24 -22.96
C THR A 167 86.04 -3.11 -22.99
N ASN A 168 86.13 -3.94 -24.04
CA ASN A 168 87.33 -4.71 -24.33
C ASN A 168 87.72 -4.49 -25.79
N ALA A 169 88.79 -5.15 -26.22
CA ALA A 169 89.29 -4.95 -27.57
C ALA A 169 88.31 -5.39 -28.65
N SER A 170 87.33 -6.23 -28.30
CA SER A 170 86.36 -6.70 -29.27
C SER A 170 85.30 -5.67 -29.63
N ASP A 171 85.20 -4.58 -28.87
CA ASP A 171 84.16 -3.58 -29.08
C ASP A 171 84.59 -2.47 -30.04
N LEU A 172 85.81 -2.52 -30.58
CA LEU A 172 86.26 -1.51 -31.51
C LEU A 172 85.53 -1.66 -32.84
N GLY A 173 85.07 -0.53 -33.39
CA GLY A 173 84.44 -0.56 -34.69
C GLY A 173 83.47 0.60 -34.85
N ASN A 174 82.66 0.49 -35.90
CA ASN A 174 81.65 1.50 -36.23
C ASN A 174 80.27 0.98 -35.85
N TYR A 175 79.52 1.82 -35.13
CA TYR A 175 78.19 1.47 -34.64
C TYR A 175 77.13 2.30 -35.36
N SER A 176 75.97 1.69 -35.57
CA SER A 176 74.85 2.36 -36.22
C SER A 176 73.57 2.06 -35.46
N CYS A 177 72.67 3.04 -35.45
CA CYS A 177 71.38 2.93 -34.79
C CYS A 177 70.28 2.81 -35.84
N LEU A 178 69.41 1.82 -35.68
CA LEU A 178 68.36 1.53 -36.64
C LEU A 178 67.01 1.72 -35.96
N ALA A 179 66.13 2.48 -36.61
CA ALA A 179 64.76 2.69 -36.14
C ALA A 179 63.81 1.90 -37.02
N THR A 180 62.97 1.08 -36.40
CA THR A 180 62.07 0.20 -37.13
C THR A 180 60.62 0.41 -36.67
N SER A 181 60.17 1.66 -36.65
CA SER A 181 58.82 2.00 -36.23
C SER A 181 57.79 1.09 -36.90
N HIS A 182 57.06 0.33 -36.09
CA HIS A 182 56.11 -0.64 -36.60
C HIS A 182 54.78 0.05 -36.87
N MET A 183 54.51 0.34 -38.13
CA MET A 183 53.17 0.73 -38.52
C MET A 183 52.24 -0.48 -38.45
N ASP A 184 50.94 -0.22 -38.40
CA ASP A 184 49.97 -1.30 -38.26
C ASP A 184 49.90 -2.19 -39.49
N PHE A 185 50.49 -1.77 -40.62
CA PHE A 185 50.48 -2.56 -41.84
C PHE A 185 51.87 -2.97 -42.32
N SER A 186 52.90 -2.16 -42.07
CA SER A 186 54.25 -2.47 -42.52
C SER A 186 55.24 -1.85 -41.54
N THR A 187 56.52 -2.02 -41.84
CA THR A 187 57.60 -1.48 -41.01
C THR A 187 58.55 -0.69 -41.89
N LYS A 188 58.72 0.60 -41.58
CA LYS A 188 59.72 1.43 -42.24
C LYS A 188 60.96 1.53 -41.36
N SER A 189 62.13 1.48 -42.00
CA SER A 189 63.40 1.45 -41.30
C SER A 189 64.24 2.66 -41.68
N VAL A 190 64.91 3.23 -40.68
CA VAL A 190 65.81 4.36 -40.86
C VAL A 190 67.15 4.00 -40.24
N PHE A 191 68.23 4.20 -41.00
CA PHE A 191 69.57 3.80 -40.61
C PHE A 191 70.43 5.03 -40.35
N SER A 192 71.12 5.02 -39.21
CA SER A 192 71.87 6.19 -38.75
C SER A 192 73.31 6.16 -39.25
N LYS A 193 73.95 7.33 -39.23
CA LYS A 193 75.34 7.43 -39.61
C LYS A 193 76.23 6.68 -38.63
N PHE A 194 77.25 6.02 -39.16
CA PHE A 194 78.15 5.22 -38.32
C PHE A 194 78.99 6.10 -37.42
N ALA A 195 79.25 5.62 -36.21
CA ALA A 195 80.12 6.31 -35.25
C ALA A 195 81.25 5.37 -34.86
N GLN A 196 82.48 5.87 -34.94
CA GLN A 196 83.65 5.05 -34.64
C GLN A 196 83.97 5.11 -33.15
N LEU A 197 84.20 3.94 -32.56
CA LEU A 197 84.53 3.83 -31.14
C LEU A 197 86.03 3.62 -31.00
N ASN A 198 86.69 4.54 -30.32
CA ASN A 198 88.13 4.46 -30.06
C ASN A 198 88.35 4.13 -28.59
N LEU A 199 89.30 3.22 -28.34
CA LEU A 199 89.58 2.73 -27.00
C LEU A 199 91.03 3.03 -26.64
N ALA A 200 91.24 3.53 -25.43
CA ALA A 200 92.56 3.87 -24.93
C ALA A 200 93.18 2.65 -24.26
N ALA A 201 94.28 2.84 -23.54
CA ALA A 201 94.94 1.75 -22.86
C ALA A 201 94.04 1.16 -21.78
N GLU A 202 94.14 -0.16 -21.60
CA GLU A 202 93.30 -0.89 -20.67
C GLU A 202 93.84 -0.78 -19.26
N ASP A 203 92.97 -0.38 -18.32
CA ASP A 203 93.31 -0.38 -16.92
C ASP A 203 92.98 -1.74 -16.31
N THR A 204 93.30 -1.90 -15.02
CA THR A 204 93.05 -3.16 -14.31
C THR A 204 92.48 -2.82 -12.94
N ARG A 205 91.15 -2.73 -12.86
CA ARG A 205 90.47 -2.44 -11.60
C ARG A 205 88.98 -2.72 -11.71
N LEU A 206 88.44 -3.47 -10.75
CA LEU A 206 87.00 -3.65 -10.67
C LEU A 206 86.37 -2.47 -9.92
N PHE A 207 85.07 -2.28 -10.15
CA PHE A 207 84.40 -1.11 -9.60
C PHE A 207 82.97 -1.46 -9.22
N ALA A 208 82.42 -0.66 -8.31
CA ALA A 208 81.03 -0.82 -7.91
C ALA A 208 80.10 -0.38 -9.05
N PRO A 209 78.89 -0.91 -9.10
CA PRO A 209 77.97 -0.52 -10.17
C PRO A 209 77.58 0.95 -10.09
N SER A 210 77.36 1.55 -11.26
CA SER A 210 76.84 2.90 -11.37
C SER A 210 75.64 2.87 -12.30
N ILE A 211 74.46 3.18 -11.79
CA ILE A 211 73.24 3.07 -12.56
C ILE A 211 73.10 4.30 -13.44
N LYS A 212 72.98 4.10 -14.75
CA LYS A 212 72.90 5.20 -15.71
C LYS A 212 71.49 5.44 -16.21
N ALA A 213 70.81 4.38 -16.66
CA ALA A 213 69.43 4.48 -17.12
C ALA A 213 68.52 4.41 -15.91
N ARG A 214 68.09 5.58 -15.42
CA ARG A 214 67.24 5.69 -14.24
C ARG A 214 65.83 6.00 -14.67
N PHE A 215 64.87 5.19 -14.24
CA PHE A 215 63.48 5.47 -14.57
C PHE A 215 63.00 6.69 -13.78
N PRO A 216 62.07 7.46 -14.33
CA PRO A 216 61.60 8.66 -13.63
C PRO A 216 60.94 8.33 -12.30
N ALA A 217 61.05 9.26 -11.35
CA ALA A 217 60.50 9.03 -10.03
C ALA A 217 58.97 8.90 -10.08
N GLU A 218 58.32 9.73 -10.88
CA GLU A 218 56.87 9.72 -11.01
C GLU A 218 56.49 9.25 -12.41
N THR A 219 55.67 8.20 -12.48
CA THR A 219 55.17 7.67 -13.75
C THR A 219 53.66 7.60 -13.67
N TYR A 220 52.98 8.29 -14.59
CA TYR A 220 51.53 8.32 -14.64
C TYR A 220 51.05 7.32 -15.68
N ALA A 221 50.10 6.47 -15.29
CA ALA A 221 49.53 5.48 -16.19
C ALA A 221 48.05 5.36 -15.95
N LEU A 222 47.31 5.04 -17.02
CA LEU A 222 45.88 4.82 -16.94
C LEU A 222 45.60 3.36 -16.63
N VAL A 223 44.37 3.10 -16.18
CA VAL A 223 43.96 1.74 -15.85
C VAL A 223 43.84 0.95 -17.15
N GLY A 224 44.63 -0.12 -17.26
CA GLY A 224 44.61 -0.97 -18.42
C GLY A 224 45.78 -0.82 -19.37
N GLN A 225 46.82 -0.10 -18.99
CA GLN A 225 47.99 0.09 -19.83
C GLN A 225 49.14 -0.78 -19.35
N GLN A 226 50.13 -0.97 -20.22
CA GLN A 226 51.33 -1.74 -19.91
C GLN A 226 52.45 -0.78 -19.51
N VAL A 227 53.10 -1.05 -18.39
CA VAL A 227 54.10 -0.16 -17.82
C VAL A 227 55.43 -0.88 -17.77
N THR A 228 56.47 -0.26 -18.34
CA THR A 228 57.81 -0.82 -18.37
C THR A 228 58.76 0.12 -17.65
N LEU A 229 59.59 -0.45 -16.76
CA LEU A 229 60.62 0.28 -16.05
C LEU A 229 61.98 -0.27 -16.42
N GLU A 230 62.91 0.62 -16.76
CA GLU A 230 64.24 0.25 -17.21
C GLU A 230 65.26 0.61 -16.13
N CYS A 231 66.28 -0.25 -15.98
CA CYS A 231 67.29 -0.06 -14.94
C CYS A 231 68.58 -0.69 -15.45
N PHE A 232 69.47 0.14 -16.00
CA PHE A 232 70.76 -0.30 -16.54
C PHE A 232 71.89 0.31 -15.73
N ALA A 233 72.91 -0.49 -15.47
CA ALA A 233 74.05 -0.05 -14.66
C ALA A 233 75.35 -0.57 -15.26
N PHE A 234 76.41 0.19 -15.04
CA PHE A 234 77.77 -0.23 -15.37
C PHE A 234 78.38 -0.95 -14.18
N GLY A 235 79.26 -1.91 -14.47
CA GLY A 235 79.93 -2.63 -13.41
C GLY A 235 80.80 -3.78 -13.87
N ASN A 236 81.89 -4.01 -13.14
CA ASN A 236 82.79 -5.14 -13.40
C ASN A 236 82.92 -5.96 -12.12
N PRO A 237 82.40 -7.19 -12.07
CA PRO A 237 81.68 -7.92 -13.13
C PRO A 237 80.27 -7.37 -13.35
N VAL A 238 79.51 -7.98 -14.26
CA VAL A 238 78.19 -7.48 -14.61
C VAL A 238 77.27 -7.59 -13.40
N PRO A 239 76.69 -6.48 -12.94
CA PRO A 239 75.83 -6.52 -11.76
C PRO A 239 74.51 -7.21 -12.05
N ARG A 240 73.88 -7.71 -10.98
CA ARG A 240 72.58 -8.34 -11.04
C ARG A 240 71.50 -7.34 -10.64
N ILE A 241 70.35 -7.42 -11.31
CA ILE A 241 69.26 -6.47 -11.15
C ILE A 241 68.14 -7.13 -10.37
N LYS A 242 67.63 -6.45 -9.35
CA LYS A 242 66.50 -6.92 -8.57
C LYS A 242 65.51 -5.78 -8.39
N TRP A 243 64.22 -6.14 -8.35
CA TRP A 243 63.13 -5.19 -8.19
C TRP A 243 62.38 -5.50 -6.90
N ARG A 244 62.11 -4.47 -6.11
CA ARG A 244 61.42 -4.63 -4.84
C ARG A 244 60.29 -3.60 -4.73
N LYS A 245 59.24 -3.98 -4.01
CA LYS A 245 58.14 -3.10 -3.67
C LYS A 245 58.31 -2.66 -2.23
N VAL A 246 58.48 -1.35 -2.02
CA VAL A 246 58.75 -0.84 -0.67
C VAL A 246 57.53 -0.99 0.22
N ASP A 247 56.36 -0.64 -0.28
CA ASP A 247 55.12 -0.63 0.51
C ASP A 247 54.22 -1.82 0.19
N GLY A 248 54.80 -2.99 -0.06
CA GLY A 248 54.00 -4.16 -0.34
C GLY A 248 54.86 -5.32 -0.81
N SER A 249 54.22 -6.31 -1.40
CA SER A 249 54.88 -7.50 -1.91
C SER A 249 54.61 -7.63 -3.41
N LEU A 250 55.67 -7.87 -4.18
CA LEU A 250 55.55 -7.98 -5.62
C LEU A 250 54.97 -9.35 -6.00
N SER A 251 54.37 -9.40 -7.19
CA SER A 251 53.85 -10.65 -7.70
C SER A 251 55.00 -11.58 -8.07
N PRO A 252 54.88 -12.88 -7.80
CA PRO A 252 55.95 -13.82 -8.18
C PRO A 252 56.22 -13.86 -9.67
N GLN A 253 55.19 -13.66 -10.50
CA GLN A 253 55.38 -13.70 -11.95
C GLN A 253 56.22 -12.52 -12.46
N TRP A 254 56.32 -11.44 -11.67
CA TRP A 254 57.10 -10.28 -12.07
C TRP A 254 58.48 -10.23 -11.42
N THR A 255 58.74 -11.09 -10.44
CA THR A 255 60.02 -11.10 -9.73
C THR A 255 61.07 -11.74 -10.63
N THR A 256 61.63 -10.93 -11.52
CA THR A 256 62.63 -11.37 -12.47
C THR A 256 63.93 -10.60 -12.25
N ALA A 257 65.05 -11.24 -12.62
CA ALA A 257 66.36 -10.63 -12.53
C ALA A 257 66.72 -9.81 -13.76
N GLU A 258 65.82 -9.75 -14.74
CA GLU A 258 66.08 -8.98 -15.94
C GLU A 258 66.16 -7.48 -15.61
N PRO A 259 66.96 -6.71 -16.37
CA PRO A 259 67.10 -5.29 -16.07
C PRO A 259 65.85 -4.46 -16.36
N THR A 260 64.81 -5.06 -16.93
CA THR A 260 63.56 -4.36 -17.20
C THR A 260 62.42 -5.07 -16.49
N LEU A 261 61.50 -4.28 -15.92
CA LEU A 261 60.33 -4.80 -15.23
C LEU A 261 59.08 -4.40 -16.00
N GLN A 262 58.26 -5.38 -16.36
CA GLN A 262 57.07 -5.16 -17.18
C GLN A 262 55.82 -5.54 -16.41
N ILE A 263 54.83 -4.67 -16.43
CA ILE A 263 53.50 -4.94 -15.90
C ILE A 263 52.53 -4.88 -17.08
N PRO A 264 51.87 -5.98 -17.44
CA PRO A 264 51.03 -5.97 -18.64
C PRO A 264 49.77 -5.13 -18.49
N SER A 265 49.07 -5.26 -17.37
CA SER A 265 47.85 -4.50 -17.13
C SER A 265 47.89 -3.98 -15.71
N VAL A 266 48.16 -2.69 -15.54
CA VAL A 266 48.26 -2.08 -14.23
C VAL A 266 46.86 -1.82 -13.68
N SER A 267 46.61 -2.25 -12.45
CA SER A 267 45.36 -2.01 -11.77
C SER A 267 45.58 -0.98 -10.66
N PHE A 268 44.53 -0.74 -9.86
CA PHE A 268 44.64 0.19 -8.74
C PHE A 268 45.59 -0.30 -7.66
N GLU A 269 45.95 -1.59 -7.68
CA GLU A 269 46.82 -2.13 -6.63
C GLU A 269 48.28 -1.73 -6.83
N ASP A 270 48.71 -1.56 -8.08
CA ASP A 270 50.13 -1.36 -8.37
C ASP A 270 50.64 0.00 -7.93
N GLU A 271 49.77 0.93 -7.52
CA GLU A 271 50.22 2.23 -7.08
C GLU A 271 51.13 2.11 -5.87
N GLY A 272 52.27 2.78 -5.92
CA GLY A 272 53.23 2.72 -4.84
C GLY A 272 54.63 2.93 -5.35
N THR A 273 55.60 2.71 -4.46
CA THR A 273 57.00 2.96 -4.74
C THR A 273 57.75 1.67 -5.03
N TYR A 274 58.55 1.67 -6.09
CA TYR A 274 59.38 0.56 -6.50
C TYR A 274 60.85 0.94 -6.38
N GLU A 275 61.69 -0.06 -6.17
CA GLU A 275 63.12 0.13 -5.99
C GLU A 275 63.89 -0.89 -6.81
N CYS A 276 64.82 -0.42 -7.63
CA CYS A 276 65.71 -1.26 -8.40
C CYS A 276 67.09 -1.27 -7.75
N GLU A 277 67.67 -2.45 -7.58
CA GLU A 277 68.99 -2.58 -6.99
C GLU A 277 69.90 -3.36 -7.93
N ALA A 278 71.05 -2.77 -8.24
CA ALA A 278 72.10 -3.42 -9.01
C ALA A 278 73.23 -3.79 -8.07
N GLU A 279 73.51 -5.09 -7.96
CA GLU A 279 74.43 -5.59 -6.95
C GLU A 279 75.50 -6.47 -7.59
N ASN A 280 76.76 -6.27 -7.19
CA ASN A 280 77.85 -7.15 -7.55
C ASN A 280 78.79 -7.26 -6.35
N SER A 281 79.82 -8.10 -6.50
CA SER A 281 80.76 -8.30 -5.41
C SER A 281 81.47 -7.01 -5.00
N LYS A 282 81.45 -6.00 -5.86
CA LYS A 282 82.07 -4.72 -5.54
C LYS A 282 81.14 -3.76 -4.80
N GLY A 283 79.84 -3.98 -4.84
CA GLY A 283 78.92 -3.12 -4.11
C GLY A 283 77.57 -3.08 -4.78
N ARG A 284 76.73 -2.15 -4.29
CA ARG A 284 75.35 -2.04 -4.70
C ARG A 284 75.00 -0.60 -5.06
N ASP A 285 74.00 -0.46 -5.92
CA ASP A 285 73.43 0.84 -6.26
C ASP A 285 71.92 0.70 -6.29
N THR A 286 71.21 1.76 -5.91
CA THR A 286 69.77 1.70 -5.70
C THR A 286 69.08 2.87 -6.38
N VAL A 287 67.86 2.61 -6.88
CA VAL A 287 67.01 3.61 -7.51
C VAL A 287 65.60 3.44 -6.97
N GLN A 288 64.91 4.56 -6.70
CA GLN A 288 63.55 4.55 -6.21
C GLN A 288 62.66 5.42 -7.09
N GLY A 289 61.43 4.96 -7.32
CA GLY A 289 60.49 5.73 -8.09
C GLY A 289 59.07 5.26 -7.85
N ARG A 290 58.12 6.17 -7.97
CA ARG A 290 56.73 5.89 -7.61
C ARG A 290 55.84 5.84 -8.85
N ILE A 291 54.87 4.94 -8.83
CA ILE A 291 53.89 4.78 -9.89
C ILE A 291 52.52 5.07 -9.33
N ILE A 292 51.79 5.98 -9.98
CA ILE A 292 50.45 6.34 -9.59
C ILE A 292 49.47 5.79 -10.64
N VAL A 293 48.20 5.72 -10.27
CA VAL A 293 47.16 5.20 -11.15
C VAL A 293 46.01 6.19 -11.18
N GLN A 294 45.57 6.56 -12.38
CA GLN A 294 44.46 7.47 -12.58
C GLN A 294 43.48 6.85 -13.56
N ALA A 295 42.27 7.41 -13.61
CA ALA A 295 41.21 6.84 -14.45
C ALA A 295 40.51 7.92 -15.27
N GLN A 296 39.42 7.54 -15.93
CA GLN A 296 38.63 8.39 -16.80
C GLN A 296 37.21 8.49 -16.29
N PRO A 297 36.55 9.64 -16.44
CA PRO A 297 35.24 9.84 -15.79
C PRO A 297 34.20 8.83 -16.25
N GLU A 298 33.34 8.44 -15.30
CA GLU A 298 32.21 7.56 -15.55
C GLU A 298 30.98 8.14 -14.88
N TRP A 299 29.81 7.61 -15.24
CA TRP A 299 28.54 8.13 -14.76
C TRP A 299 28.05 7.33 -13.56
N LEU A 300 27.35 8.03 -12.66
CA LEU A 300 26.63 7.38 -11.57
C LEU A 300 25.16 7.71 -11.53
N LYS A 301 24.76 8.85 -12.09
CA LYS A 301 23.36 9.28 -12.06
C LYS A 301 23.17 10.33 -13.15
N VAL A 302 22.36 10.02 -14.16
CA VAL A 302 22.14 10.94 -15.26
C VAL A 302 20.70 11.43 -15.22
N ILE A 303 20.35 12.33 -16.15
CA ILE A 303 19.03 12.90 -16.23
C ILE A 303 18.25 12.20 -17.33
N SER A 304 16.93 12.37 -17.30
CA SER A 304 16.04 11.74 -18.27
C SER A 304 14.97 12.73 -18.69
N ASP A 305 14.21 12.35 -19.71
CA ASP A 305 13.17 13.21 -20.25
C ASP A 305 12.11 13.51 -19.19
N THR A 306 11.59 14.73 -19.22
CA THR A 306 10.66 15.16 -18.20
C THR A 306 9.63 16.12 -18.79
N GLU A 307 8.37 15.92 -18.41
CA GLU A 307 7.28 16.84 -18.70
C GLU A 307 6.80 17.44 -17.40
N ALA A 308 6.76 18.77 -17.34
CA ALA A 308 6.37 19.48 -16.13
C ALA A 308 5.28 20.50 -16.47
N ASP A 309 4.45 20.79 -15.47
CA ASP A 309 3.36 21.74 -15.63
C ASP A 309 3.84 23.16 -15.35
N ILE A 310 3.32 24.12 -16.13
CA ILE A 310 3.75 25.50 -15.99
C ILE A 310 3.42 26.02 -14.61
N GLY A 311 4.38 26.70 -14.00
CA GLY A 311 4.22 27.25 -12.66
C GLY A 311 4.79 26.39 -11.54
N SER A 312 5.48 25.30 -11.87
CA SER A 312 6.01 24.38 -10.87
C SER A 312 7.49 24.67 -10.64
N ASN A 313 8.13 23.84 -9.82
CA ASN A 313 9.56 23.92 -9.56
C ASN A 313 10.19 22.57 -9.86
N LEU A 314 11.45 22.59 -10.28
CA LEU A 314 12.13 21.38 -10.72
C LEU A 314 13.54 21.35 -10.20
N ARG A 315 14.09 20.14 -10.03
CA ARG A 315 15.45 19.97 -9.58
C ARG A 315 16.08 18.79 -10.32
N TRP A 316 17.19 19.03 -11.00
CA TRP A 316 17.88 18.03 -11.79
C TRP A 316 19.30 17.83 -11.27
N GLY A 317 19.77 16.60 -11.35
CA GLY A 317 21.08 16.25 -10.83
C GLY A 317 21.88 15.44 -11.81
N CYS A 318 23.20 15.45 -11.62
CA CYS A 318 24.13 14.77 -12.51
C CYS A 318 25.39 14.45 -11.72
N ALA A 319 25.79 13.18 -11.71
CA ALA A 319 26.89 12.72 -10.88
C ALA A 319 27.89 11.91 -11.68
N ALA A 320 29.16 12.30 -11.59
CA ALA A 320 30.24 11.61 -12.29
C ALA A 320 31.33 11.25 -11.29
N ALA A 321 31.98 10.12 -11.55
CA ALA A 321 33.02 9.59 -10.67
C ALA A 321 34.27 9.27 -11.49
N GLY A 322 35.42 9.75 -11.02
CA GLY A 322 36.66 9.48 -11.69
C GLY A 322 37.81 10.13 -10.95
N LYS A 323 39.01 9.61 -11.21
CA LYS A 323 40.22 10.10 -10.57
C LYS A 323 41.13 10.74 -11.61
N PRO A 324 41.48 12.02 -11.48
CA PRO A 324 41.10 12.98 -10.44
C PRO A 324 39.63 13.36 -10.50
N ARG A 325 39.11 14.03 -9.47
CA ARG A 325 37.69 14.32 -9.41
C ARG A 325 37.29 15.28 -10.53
N PRO A 326 36.26 14.97 -11.30
CA PRO A 326 35.93 15.80 -12.47
C PRO A 326 35.12 17.02 -12.08
N THR A 327 34.90 17.89 -13.07
CA THR A 327 34.04 19.06 -12.94
C THR A 327 32.86 18.92 -13.88
N VAL A 328 31.70 19.38 -13.43
CA VAL A 328 30.44 19.21 -14.16
C VAL A 328 29.91 20.58 -14.54
N ARG A 329 29.58 20.75 -15.83
CA ARG A 329 28.98 21.98 -16.32
C ARG A 329 27.76 21.64 -17.17
N TRP A 330 26.98 22.67 -17.51
CA TRP A 330 25.67 22.50 -18.12
C TRP A 330 25.56 23.26 -19.43
N LEU A 331 24.97 22.62 -20.43
CA LEU A 331 24.70 23.24 -21.70
C LEU A 331 23.21 23.16 -22.01
N ARG A 332 22.69 24.18 -22.68
CA ARG A 332 21.33 24.15 -23.20
C ARG A 332 21.38 24.55 -24.68
N ASN A 333 20.78 23.72 -25.52
CA ASN A 333 20.72 23.95 -26.97
C ASN A 333 22.10 24.18 -27.58
N GLY A 334 23.18 23.76 -26.90
CA GLY A 334 24.51 23.93 -27.40
C GLY A 334 25.29 25.14 -26.89
N GLU A 335 24.77 25.84 -25.89
CA GLU A 335 25.45 26.98 -25.31
C GLU A 335 25.55 26.81 -23.80
N PRO A 336 26.62 27.32 -23.18
CA PRO A 336 26.78 27.15 -21.74
C PRO A 336 25.67 27.84 -20.96
N LEU A 337 25.34 27.27 -19.81
CA LEU A 337 24.26 27.77 -18.98
C LEU A 337 24.82 28.54 -17.79
N ALA A 338 24.29 29.73 -17.56
CA ALA A 338 24.65 30.56 -16.41
C ALA A 338 23.38 30.91 -15.65
N SER A 339 23.55 31.53 -14.48
CA SER A 339 22.43 31.82 -13.59
C SER A 339 21.57 32.91 -14.22
N GLN A 340 20.44 32.51 -14.80
CA GLN A 340 19.48 33.42 -15.39
C GLN A 340 18.45 33.81 -14.32
N ASN A 341 17.30 34.34 -14.74
CA ASN A 341 16.27 34.82 -13.83
C ASN A 341 15.89 33.77 -12.78
N ARG A 342 15.60 32.56 -13.23
CA ARG A 342 15.16 31.49 -12.34
C ARG A 342 16.12 30.31 -12.30
N VAL A 343 16.82 30.02 -13.40
CA VAL A 343 17.72 28.88 -13.44
C VAL A 343 18.84 29.09 -12.44
N GLU A 344 19.02 28.12 -11.53
CA GLU A 344 20.09 28.16 -10.54
C GLU A 344 21.00 26.97 -10.80
N VAL A 345 22.21 27.24 -11.30
CA VAL A 345 23.19 26.20 -11.55
C VAL A 345 24.17 26.16 -10.38
N LEU A 346 24.38 24.99 -9.80
CA LEU A 346 25.33 24.87 -8.68
C LEU A 346 26.14 23.59 -8.86
N ALA A 347 27.26 23.71 -9.58
CA ALA A 347 28.35 22.73 -9.57
C ALA A 347 27.87 21.29 -9.71
N GLY A 348 26.71 21.09 -10.32
CA GLY A 348 26.20 19.75 -10.46
C GLY A 348 24.70 19.58 -10.33
N ASP A 349 23.99 20.58 -9.81
CA ASP A 349 22.54 20.47 -9.74
C ASP A 349 21.89 21.74 -10.28
N LEU A 350 20.73 21.55 -10.89
CA LEU A 350 19.98 22.60 -11.58
C LEU A 350 18.65 22.79 -10.89
N ARG A 351 18.31 24.04 -10.59
CA ARG A 351 17.08 24.37 -9.88
C ARG A 351 16.24 25.31 -10.74
N PHE A 352 15.02 24.90 -11.04
CA PHE A 352 14.04 25.71 -11.76
C PHE A 352 12.97 26.18 -10.79
N SER A 353 12.68 27.48 -10.80
CA SER A 353 11.61 28.06 -10.00
C SER A 353 10.67 28.82 -10.91
N LYS A 354 9.37 28.52 -10.81
CA LYS A 354 8.32 29.19 -11.58
C LYS A 354 8.58 29.04 -13.08
N LEU A 355 8.47 27.79 -13.52
CA LEU A 355 8.67 27.43 -14.93
C LEU A 355 7.79 28.26 -15.85
N SER A 356 8.17 28.36 -17.12
CA SER A 356 7.42 29.11 -18.11
C SER A 356 7.36 28.30 -19.40
N LEU A 357 6.75 28.90 -20.42
CA LEU A 357 6.65 28.24 -21.73
C LEU A 357 7.92 28.39 -22.56
N GLU A 358 8.87 29.20 -22.11
CA GLU A 358 10.12 29.41 -22.83
C GLU A 358 11.27 28.55 -22.30
N ASP A 359 11.01 27.70 -21.31
CA ASP A 359 12.03 26.87 -20.70
C ASP A 359 11.96 25.42 -21.16
N SER A 360 11.59 25.18 -22.41
CA SER A 360 11.56 23.85 -22.97
C SER A 360 12.72 23.67 -23.94
N GLY A 361 13.22 22.43 -24.03
CA GLY A 361 14.29 22.13 -24.96
C GLY A 361 15.20 21.06 -24.41
N MET A 362 16.35 20.91 -25.07
CA MET A 362 17.30 19.85 -24.76
C MET A 362 18.40 20.39 -23.86
N TYR A 363 18.67 19.67 -22.77
CA TYR A 363 19.68 20.04 -21.79
C TYR A 363 20.74 18.96 -21.72
N GLN A 364 22.01 19.36 -21.64
CA GLN A 364 23.13 18.45 -21.59
C GLN A 364 23.97 18.71 -20.34
N CYS A 365 24.41 17.62 -19.73
CA CYS A 365 25.33 17.65 -18.60
C CYS A 365 26.68 17.13 -19.07
N VAL A 366 27.74 17.89 -18.81
CA VAL A 366 29.07 17.59 -19.31
C VAL A 366 30.00 17.40 -18.12
N ALA A 367 30.69 16.26 -18.07
CA ALA A 367 31.68 15.98 -17.06
C ALA A 367 33.06 15.97 -17.70
N GLU A 368 34.03 16.58 -17.03
CA GLU A 368 35.34 16.79 -17.64
C GLU A 368 36.46 16.62 -16.63
N ASN A 369 37.57 16.04 -17.07
CA ASN A 369 38.83 16.11 -16.34
C ASN A 369 39.97 15.97 -17.34
N LYS A 370 41.20 16.12 -16.86
CA LYS A 370 42.35 16.20 -17.74
C LYS A 370 42.61 14.92 -18.53
N HIS A 371 41.79 13.89 -18.38
CA HIS A 371 41.92 12.68 -19.17
C HIS A 371 40.73 12.40 -20.08
N GLY A 372 39.65 13.18 -20.02
CA GLY A 372 38.54 12.95 -20.91
C GLY A 372 37.29 13.70 -20.49
N THR A 373 36.32 13.68 -21.39
CA THR A 373 35.03 14.32 -21.20
C THR A 373 33.92 13.34 -21.57
N ILE A 374 32.77 13.51 -20.92
CA ILE A 374 31.58 12.71 -21.22
C ILE A 374 30.35 13.61 -21.16
N TYR A 375 29.31 13.20 -21.89
CA TYR A 375 28.09 13.97 -22.07
C TYR A 375 26.87 13.14 -21.73
N ALA A 376 25.80 13.82 -21.30
CA ALA A 376 24.51 13.17 -21.10
C ALA A 376 23.41 14.14 -21.52
N SER A 377 22.37 13.62 -22.16
CA SER A 377 21.33 14.45 -22.76
C SER A 377 19.97 14.17 -22.12
N ALA A 378 19.10 15.19 -22.15
CA ALA A 378 17.73 15.03 -21.68
C ALA A 378 16.87 16.11 -22.32
N GLU A 379 15.56 15.94 -22.25
CA GLU A 379 14.60 16.87 -22.83
C GLU A 379 13.60 17.31 -21.78
N LEU A 380 13.37 18.62 -21.69
CA LEU A 380 12.38 19.17 -20.78
C LEU A 380 11.25 19.79 -21.59
N ALA A 381 10.02 19.38 -21.30
CA ALA A 381 8.83 19.89 -21.99
C ALA A 381 7.86 20.42 -20.95
N VAL A 382 7.43 21.67 -21.12
CA VAL A 382 6.47 22.29 -20.22
C VAL A 382 5.08 22.20 -20.86
N GLN A 383 4.07 22.05 -20.03
CA GLN A 383 2.71 21.81 -20.50
C GLN A 383 1.72 22.74 -19.81
N ALA A 384 0.70 23.14 -20.58
CA ALA A 384 -0.41 23.93 -20.07
C ALA A 384 -1.71 23.34 -20.58
N LEU A 385 -2.67 23.14 -19.68
CA LEU A 385 -3.92 22.47 -20.02
C LEU A 385 -5.10 23.31 -19.55
N ALA A 386 -6.29 23.02 -20.14
CA ALA A 386 -7.58 23.58 -19.78
C ALA A 386 -8.24 22.73 -18.71
N PRO A 387 -9.10 23.32 -17.87
CA PRO A 387 -9.72 22.54 -16.80
C PRO A 387 -10.59 21.42 -17.34
N ASP A 388 -10.37 20.21 -16.83
CA ASP A 388 -11.12 19.04 -17.22
C ASP A 388 -11.61 18.33 -15.97
N PHE A 389 -12.91 18.04 -15.92
CA PHE A 389 -13.54 17.44 -14.75
C PHE A 389 -13.76 15.94 -14.89
N ARG A 390 -13.25 15.33 -15.97
CA ARG A 390 -13.48 13.91 -16.20
C ARG A 390 -12.76 13.01 -15.20
N LEU A 391 -11.83 13.54 -14.41
CA LEU A 391 -11.09 12.72 -13.47
C LEU A 391 -11.66 12.79 -12.06
N ASN A 392 -12.04 13.98 -11.60
CA ASN A 392 -12.61 14.18 -10.27
C ASN A 392 -13.89 15.01 -10.38
N PRO A 393 -14.96 14.44 -10.92
CA PRO A 393 -16.23 15.17 -10.96
C PRO A 393 -16.83 15.29 -9.57
N VAL A 394 -17.59 16.36 -9.38
CA VAL A 394 -18.27 16.56 -8.10
C VAL A 394 -19.26 15.42 -7.88
N ARG A 395 -19.52 15.10 -6.61
CA ARG A 395 -20.47 14.04 -6.27
C ARG A 395 -21.81 14.30 -6.93
N ARG A 396 -22.31 13.29 -7.64
CA ARG A 396 -23.60 13.46 -8.30
C ARG A 396 -24.77 13.35 -7.32
N LEU A 397 -24.61 12.59 -6.24
CA LEU A 397 -25.61 12.52 -5.18
C LEU A 397 -24.90 12.63 -3.85
N ILE A 398 -25.37 13.56 -3.01
CA ILE A 398 -24.71 13.86 -1.74
C ILE A 398 -25.73 13.76 -0.61
N PRO A 399 -26.17 12.57 -0.21
CA PRO A 399 -27.07 12.47 0.94
C PRO A 399 -26.39 12.97 2.20
N ALA A 400 -27.17 13.66 3.04
CA ALA A 400 -26.65 14.24 4.27
C ALA A 400 -27.68 14.09 5.37
N ALA A 401 -27.20 13.88 6.59
CA ALA A 401 -28.08 13.77 7.74
C ALA A 401 -28.40 15.15 8.30
N ARG A 402 -29.67 15.36 8.66
CA ARG A 402 -30.09 16.62 9.23
C ARG A 402 -29.39 16.86 10.56
N GLY A 403 -28.89 18.08 10.75
CA GLY A 403 -28.20 18.45 11.97
C GLY A 403 -26.69 18.24 11.94
N GLY A 404 -26.16 17.61 10.91
CA GLY A 404 -24.73 17.39 10.76
C GLY A 404 -24.06 18.44 9.92
N GLU A 405 -23.00 18.05 9.23
CA GLU A 405 -22.27 18.95 8.35
C GLU A 405 -21.85 18.20 7.10
N ILE A 406 -21.65 18.94 6.01
CA ILE A 406 -21.26 18.37 4.73
C ILE A 406 -20.08 19.17 4.18
N LEU A 407 -19.22 18.48 3.42
CA LEU A 407 -18.07 19.09 2.78
C LEU A 407 -17.92 18.52 1.39
N ILE A 408 -17.90 19.41 0.39
CA ILE A 408 -17.84 19.03 -1.02
C ILE A 408 -16.59 19.64 -1.63
N PRO A 409 -15.60 18.83 -2.04
CA PRO A 409 -14.39 19.38 -2.65
C PRO A 409 -14.49 19.45 -4.17
N CYS A 410 -13.96 20.53 -4.73
CA CYS A 410 -13.91 20.75 -6.17
C CYS A 410 -12.45 20.90 -6.57
N GLN A 411 -11.92 19.89 -7.25
CA GLN A 411 -10.51 19.87 -7.66
C GLN A 411 -10.39 19.34 -9.08
N PRO A 412 -10.34 20.22 -10.07
CA PRO A 412 -10.20 19.79 -11.46
C PRO A 412 -8.74 19.48 -11.77
N ARG A 413 -8.50 19.10 -13.02
CA ARG A 413 -7.15 18.87 -13.53
C ARG A 413 -6.84 20.01 -14.51
N ALA A 414 -6.02 20.97 -14.05
CA ALA A 414 -5.77 22.17 -14.83
C ALA A 414 -4.40 22.73 -14.50
N ALA A 415 -3.90 23.56 -15.40
CA ALA A 415 -2.63 24.26 -15.24
C ALA A 415 -2.81 25.70 -15.67
N PRO A 416 -2.19 26.66 -14.97
CA PRO A 416 -1.33 26.50 -13.77
C PRO A 416 -2.12 26.11 -12.54
N LYS A 417 -3.29 26.72 -12.33
CA LYS A 417 -4.22 26.33 -11.29
C LYS A 417 -5.56 26.99 -11.53
N ALA A 418 -6.62 26.19 -11.69
CA ALA A 418 -7.94 26.74 -11.94
C ALA A 418 -8.55 27.26 -10.65
N VAL A 419 -9.03 28.51 -10.69
CA VAL A 419 -9.72 29.11 -9.55
C VAL A 419 -11.19 28.78 -9.67
N VAL A 420 -11.84 28.56 -8.53
CA VAL A 420 -13.20 28.03 -8.50
C VAL A 420 -14.11 28.96 -7.71
N LEU A 421 -15.39 28.89 -8.02
CA LEU A 421 -16.44 29.63 -7.34
C LEU A 421 -17.66 28.72 -7.21
N TRP A 422 -18.26 28.70 -6.03
CA TRP A 422 -19.40 27.84 -5.77
C TRP A 422 -20.71 28.63 -5.83
N SER A 423 -21.77 27.96 -6.26
CA SER A 423 -23.07 28.60 -6.34
C SER A 423 -24.14 27.57 -6.02
N LYS A 424 -25.30 28.07 -5.55
CA LYS A 424 -26.46 27.23 -5.26
C LYS A 424 -27.56 27.65 -6.22
N GLY A 425 -27.87 26.79 -7.19
CA GLY A 425 -28.83 27.16 -8.21
C GLY A 425 -28.31 28.30 -9.05
N THR A 426 -28.86 29.50 -8.85
CA THR A 426 -28.36 30.70 -9.48
C THR A 426 -27.85 31.73 -8.49
N GLU A 427 -27.89 31.44 -7.19
CA GLU A 427 -27.43 32.36 -6.16
C GLU A 427 -25.99 32.02 -5.80
N ILE A 428 -25.08 32.97 -6.04
CA ILE A 428 -23.66 32.72 -5.79
C ILE A 428 -23.42 32.67 -4.28
N LEU A 429 -22.80 31.59 -3.82
CA LEU A 429 -22.51 31.42 -2.39
C LEU A 429 -21.29 32.26 -2.00
N VAL A 430 -21.36 32.84 -0.80
CA VAL A 430 -20.29 33.69 -0.28
C VAL A 430 -20.15 33.40 1.21
N ASN A 431 -19.07 33.93 1.79
CA ASN A 431 -18.82 33.75 3.22
C ASN A 431 -20.00 34.24 4.06
N SER A 432 -20.35 33.44 5.06
CA SER A 432 -21.44 33.75 5.98
C SER A 432 -21.18 33.00 7.29
N SER A 433 -22.17 33.02 8.18
CA SER A 433 -22.09 32.29 9.45
C SER A 433 -22.70 30.89 9.32
N ARG A 434 -22.32 30.19 8.25
CA ARG A 434 -22.78 28.84 7.93
C ARG A 434 -21.97 28.30 6.77
N VAL A 435 -22.24 28.83 5.57
CA VAL A 435 -21.52 28.41 4.38
C VAL A 435 -20.07 28.91 4.46
N THR A 436 -19.13 28.01 4.21
CA THR A 436 -17.71 28.34 4.21
C THR A 436 -17.08 27.85 2.92
N VAL A 437 -16.16 28.64 2.38
CA VAL A 437 -15.44 28.31 1.15
C VAL A 437 -13.96 28.45 1.46
N THR A 438 -13.29 27.32 1.68
CA THR A 438 -11.85 27.34 1.93
C THR A 438 -11.12 27.75 0.65
N PRO A 439 -9.88 28.25 0.77
CA PRO A 439 -9.14 28.62 -0.44
C PRO A 439 -8.95 27.48 -1.44
N ASP A 440 -8.89 26.23 -0.97
CA ASP A 440 -8.78 25.10 -1.88
C ASP A 440 -10.02 24.89 -2.73
N GLY A 441 -11.13 25.54 -2.39
CA GLY A 441 -12.37 25.38 -3.10
C GLY A 441 -13.42 24.53 -2.41
N THR A 442 -13.05 23.84 -1.33
CA THR A 442 -13.99 23.00 -0.62
C THR A 442 -15.13 23.84 -0.06
N LEU A 443 -16.37 23.37 -0.27
CA LEU A 443 -17.55 24.01 0.26
C LEU A 443 -18.01 23.26 1.50
N ILE A 444 -18.14 23.98 2.62
CA ILE A 444 -18.50 23.37 3.90
C ILE A 444 -19.80 24.00 4.38
N ILE A 445 -20.79 23.15 4.65
CA ILE A 445 -22.07 23.61 5.16
C ILE A 445 -22.32 22.94 6.51
N ARG A 446 -22.60 23.76 7.53
CA ARG A 446 -22.92 23.28 8.86
C ARG A 446 -24.35 23.66 9.21
N ASN A 447 -24.86 23.05 10.29
CA ASN A 447 -26.19 23.33 10.80
C ASN A 447 -27.22 23.06 9.70
N ILE A 448 -27.04 21.92 9.02
CA ILE A 448 -27.81 21.61 7.82
C ILE A 448 -29.28 21.42 8.18
N SER A 449 -30.16 21.99 7.36
CA SER A 449 -31.59 21.93 7.62
C SER A 449 -32.35 21.45 6.39
N ARG A 450 -33.67 21.50 6.44
CA ARG A 450 -34.47 20.96 5.34
C ARG A 450 -34.47 21.88 4.13
N SER A 451 -34.31 23.18 4.33
CA SER A 451 -34.45 24.15 3.24
C SER A 451 -33.20 24.31 2.40
N ASP A 452 -32.15 23.50 2.64
CA ASP A 452 -30.91 23.62 1.88
C ASP A 452 -30.79 22.58 0.77
N GLU A 453 -31.79 21.73 0.59
CA GLU A 453 -31.76 20.77 -0.50
C GLU A 453 -31.80 21.49 -1.84
N GLY A 454 -31.17 20.89 -2.84
CA GLY A 454 -31.18 21.48 -4.17
C GLY A 454 -29.90 21.20 -4.90
N LYS A 455 -29.67 21.99 -5.95
CA LYS A 455 -28.61 21.74 -6.92
C LYS A 455 -27.49 22.76 -6.74
N TYR A 456 -26.30 22.28 -6.39
CA TYR A 456 -25.12 23.10 -6.23
C TYR A 456 -24.21 22.94 -7.44
N THR A 457 -23.46 23.99 -7.76
CA THR A 457 -22.63 24.04 -8.95
C THR A 457 -21.27 24.63 -8.63
N CYS A 458 -20.23 24.01 -9.18
CA CYS A 458 -18.86 24.49 -9.07
C CYS A 458 -18.41 24.99 -10.44
N PHE A 459 -17.92 26.23 -10.48
CA PHE A 459 -17.39 26.84 -11.70
C PHE A 459 -15.90 27.05 -11.55
N ALA A 460 -15.11 26.43 -12.41
CA ALA A 460 -13.67 26.54 -12.39
C ALA A 460 -13.21 27.23 -13.67
N GLU A 461 -12.13 27.99 -13.58
CA GLU A 461 -11.62 28.66 -14.77
C GLU A 461 -10.15 29.02 -14.60
N ASN A 462 -9.47 29.17 -15.74
CA ASN A 462 -8.10 29.64 -15.80
C ASN A 462 -7.89 30.26 -17.18
N PHE A 463 -6.70 30.83 -17.41
CA PHE A 463 -6.50 31.57 -18.65
C PHE A 463 -6.46 30.67 -19.89
N MET A 464 -6.68 29.36 -19.73
CA MET A 464 -7.00 28.49 -20.86
C MET A 464 -8.49 28.47 -21.17
N GLY A 465 -9.32 28.31 -20.16
CA GLY A 465 -10.75 28.16 -20.38
C GLY A 465 -11.48 27.87 -19.08
N LYS A 466 -12.73 27.47 -19.22
CA LYS A 466 -13.63 27.29 -18.07
C LYS A 466 -14.29 25.93 -18.11
N ALA A 467 -14.71 25.48 -16.93
CA ALA A 467 -15.38 24.21 -16.73
C ALA A 467 -16.31 24.36 -15.53
N ASN A 468 -17.15 23.35 -15.33
CA ASN A 468 -18.36 23.50 -14.54
C ASN A 468 -19.02 22.16 -14.28
N SER A 469 -19.53 21.99 -13.05
CA SER A 469 -20.05 20.70 -12.63
C SER A 469 -21.13 20.90 -11.58
N THR A 470 -21.96 19.87 -11.40
CA THR A 470 -23.15 19.99 -10.58
C THR A 470 -23.36 18.78 -9.69
N GLY A 471 -23.87 19.03 -8.49
CA GLY A 471 -24.34 17.96 -7.62
C GLY A 471 -25.67 18.34 -7.01
N ILE A 472 -26.36 17.33 -6.45
CA ILE A 472 -27.67 17.54 -5.86
C ILE A 472 -27.67 17.01 -4.43
N LEU A 473 -28.26 17.77 -3.52
CA LEU A 473 -28.26 17.48 -2.09
C LEU A 473 -29.69 17.31 -1.60
N SER A 474 -29.92 16.23 -0.86
CA SER A 474 -31.20 15.97 -0.20
C SER A 474 -30.93 15.65 1.27
N VAL A 475 -31.93 15.89 2.10
CA VAL A 475 -31.78 15.83 3.55
C VAL A 475 -32.66 14.72 4.10
N ARG A 476 -32.05 13.81 4.86
CA ARG A 476 -32.72 12.72 5.56
C ARG A 476 -32.74 13.00 7.06
N ASP A 477 -33.20 12.03 7.83
CA ASP A 477 -33.15 12.08 9.28
C ASP A 477 -31.99 11.22 9.77
N ALA A 478 -31.23 11.74 10.72
CA ALA A 478 -30.07 11.04 11.23
C ALA A 478 -30.48 9.86 12.11
N THR A 479 -29.75 8.75 11.97
CA THR A 479 -29.99 7.57 12.80
C THR A 479 -29.43 7.81 14.19
N LYS A 480 -30.25 7.57 15.21
CA LYS A 480 -29.88 7.90 16.58
C LYS A 480 -30.11 6.71 17.49
N ILE A 481 -29.40 6.70 18.61
CA ILE A 481 -29.57 5.69 19.66
C ILE A 481 -30.36 6.30 20.79
N THR A 482 -31.40 5.60 21.25
CA THR A 482 -32.25 6.09 22.32
C THR A 482 -32.09 5.32 23.62
N LEU A 483 -31.22 4.30 23.65
CA LEU A 483 -30.99 3.54 24.86
C LEU A 483 -29.62 2.88 24.77
N ALA A 484 -28.83 2.97 25.83
CA ALA A 484 -27.48 2.44 25.80
C ALA A 484 -27.34 1.27 26.76
N PRO A 485 -26.50 0.30 26.42
CA PRO A 485 -26.28 -0.84 27.33
C PRO A 485 -25.53 -0.42 28.59
N SER A 486 -25.71 -1.22 29.63
CA SER A 486 -25.15 -0.94 30.95
C SER A 486 -24.08 -1.97 31.31
N SER A 487 -22.99 -1.49 31.92
CA SER A 487 -21.92 -2.36 32.36
C SER A 487 -22.41 -3.30 33.47
N ALA A 488 -21.80 -4.47 33.55
CA ALA A 488 -22.25 -5.47 34.52
C ALA A 488 -21.10 -6.43 34.84
N ASP A 489 -21.33 -7.29 35.82
CA ASP A 489 -20.35 -8.29 36.23
C ASP A 489 -21.09 -9.50 36.77
N ILE A 490 -20.60 -10.69 36.41
CA ILE A 490 -21.22 -11.95 36.80
C ILE A 490 -20.14 -13.03 36.85
N ASN A 491 -20.40 -14.09 37.62
CA ASN A 491 -19.47 -15.21 37.63
C ASN A 491 -19.89 -16.33 36.70
N LEU A 492 -21.00 -16.99 37.01
CA LEU A 492 -21.56 -18.07 36.20
C LEU A 492 -23.08 -18.05 36.23
N GLY A 493 -23.67 -16.86 36.35
CA GLY A 493 -25.10 -16.73 36.56
C GLY A 493 -25.93 -17.22 35.39
N ASP A 494 -27.20 -16.84 35.42
CA ASP A 494 -28.18 -17.30 34.43
C ASP A 494 -28.27 -16.38 33.22
N ASN A 495 -27.15 -15.75 32.86
CA ASN A 495 -26.97 -15.03 31.59
C ASN A 495 -27.58 -13.64 31.65
N LEU A 496 -27.13 -12.76 30.76
CA LEU A 496 -27.50 -11.35 30.79
C LEU A 496 -27.82 -10.87 29.39
N THR A 497 -28.79 -9.95 29.31
CA THR A 497 -29.27 -9.40 28.04
C THR A 497 -28.88 -7.92 27.98
N LEU A 498 -27.94 -7.60 27.09
CA LEU A 498 -27.59 -6.21 26.83
C LEU A 498 -28.59 -5.61 25.85
N GLN A 499 -28.97 -4.36 26.09
CA GLN A 499 -30.01 -3.67 25.36
C GLN A 499 -29.43 -2.58 24.46
N CYS A 500 -30.07 -2.37 23.31
CA CYS A 500 -29.65 -1.34 22.38
C CYS A 500 -30.86 -0.98 21.52
N HIS A 501 -31.40 0.23 21.69
CA HIS A 501 -32.55 0.70 20.95
C HIS A 501 -32.17 1.88 20.08
N ALA A 502 -32.66 1.89 18.84
CA ALA A 502 -32.33 2.94 17.89
C ALA A 502 -33.59 3.42 17.19
N SER A 503 -33.55 4.69 16.77
CA SER A 503 -34.60 5.29 15.94
C SER A 503 -33.97 5.81 14.66
N HIS A 504 -34.63 5.55 13.55
CA HIS A 504 -34.09 5.85 12.23
C HIS A 504 -35.14 6.55 11.39
N ASP A 505 -34.73 6.97 10.20
CA ASP A 505 -35.68 7.54 9.25
C ASP A 505 -36.65 6.45 8.78
N PRO A 506 -37.93 6.76 8.58
CA PRO A 506 -38.90 5.73 8.20
C PRO A 506 -38.72 5.20 6.79
N THR A 507 -37.68 5.62 6.06
CA THR A 507 -37.52 5.26 4.66
C THR A 507 -36.43 4.24 4.40
N MET A 508 -35.37 4.21 5.20
CA MET A 508 -34.21 3.38 4.94
C MET A 508 -34.10 2.24 5.96
N ASP A 509 -33.46 1.16 5.54
CA ASP A 509 -33.28 0.00 6.41
C ASP A 509 -32.27 0.30 7.51
N LEU A 510 -32.47 -0.34 8.66
CA LEU A 510 -31.60 -0.16 9.81
C LEU A 510 -31.13 -1.54 10.28
N THR A 511 -29.81 -1.68 10.45
CA THR A 511 -29.22 -2.95 10.86
C THR A 511 -28.36 -2.74 12.10
N PHE A 512 -28.49 -3.65 13.05
CA PHE A 512 -27.67 -3.63 14.26
C PHE A 512 -26.50 -4.60 14.10
N THR A 513 -25.36 -4.22 14.68
CA THR A 513 -24.19 -5.10 14.67
C THR A 513 -23.40 -4.88 15.95
N TRP A 514 -22.84 -5.98 16.48
CA TRP A 514 -22.08 -5.94 17.71
C TRP A 514 -20.61 -6.19 17.43
N THR A 515 -19.76 -5.72 18.35
CA THR A 515 -18.34 -6.02 18.28
C THR A 515 -17.78 -6.07 19.69
N LEU A 516 -16.66 -6.78 19.83
CA LEU A 516 -16.00 -6.99 21.12
C LEU A 516 -14.54 -6.62 20.97
N ASP A 517 -14.14 -5.50 21.60
CA ASP A 517 -12.75 -5.04 21.60
C ASP A 517 -12.22 -4.87 20.18
N ASP A 518 -13.07 -4.41 19.27
CA ASP A 518 -12.72 -4.21 17.85
C ASP A 518 -12.40 -5.52 17.15
N PHE A 519 -12.83 -6.65 17.72
CA PHE A 519 -12.82 -7.89 16.94
C PHE A 519 -14.23 -8.24 16.51
N PRO A 520 -14.41 -8.74 15.29
CA PRO A 520 -15.76 -9.04 14.81
C PRO A 520 -16.44 -10.10 15.67
N ILE A 521 -17.74 -9.91 15.89
CA ILE A 521 -18.52 -10.81 16.72
C ILE A 521 -19.13 -11.89 15.83
N ASP A 522 -19.54 -13.00 16.44
CA ASP A 522 -20.18 -14.10 15.70
C ASP A 522 -21.34 -14.63 16.53
N PHE A 523 -22.54 -14.09 16.29
CA PHE A 523 -23.72 -14.48 17.06
C PHE A 523 -24.25 -15.86 16.68
N ASP A 524 -23.50 -16.65 15.91
CA ASP A 524 -23.89 -18.03 15.61
C ASP A 524 -23.55 -18.90 16.82
N LYS A 525 -23.58 -20.22 16.66
CA LYS A 525 -23.54 -21.15 17.78
C LYS A 525 -22.41 -22.16 17.64
N PRO A 526 -21.14 -21.72 17.81
CA PRO A 526 -20.05 -22.68 18.04
C PRO A 526 -19.97 -23.03 19.52
N GLY A 527 -20.40 -24.24 19.87
CA GLY A 527 -20.42 -24.63 21.26
C GLY A 527 -21.26 -23.68 22.09
N GLY A 528 -20.71 -23.23 23.22
CA GLY A 528 -21.32 -22.17 23.99
C GLY A 528 -21.42 -20.89 23.18
N HIS A 529 -22.57 -20.24 23.18
CA HIS A 529 -22.83 -19.16 22.24
C HIS A 529 -23.72 -18.09 22.84
N TYR A 530 -23.36 -16.83 22.60
CA TYR A 530 -24.30 -15.73 22.80
C TYR A 530 -25.21 -15.63 21.59
N ARG A 531 -26.47 -15.25 21.82
CA ARG A 531 -27.47 -15.23 20.76
C ARG A 531 -28.12 -13.85 20.66
N ARG A 532 -28.89 -13.69 19.58
CA ARG A 532 -29.48 -12.40 19.23
C ARG A 532 -30.95 -12.61 18.89
N THR A 533 -31.81 -11.75 19.42
CA THR A 533 -33.25 -11.84 19.19
C THR A 533 -33.63 -11.17 17.87
N ASN A 534 -34.87 -11.41 17.46
CA ASN A 534 -35.38 -10.82 16.22
C ASN A 534 -36.90 -10.72 16.33
N VAL A 535 -37.39 -9.51 16.62
CA VAL A 535 -38.82 -9.26 16.68
C VAL A 535 -39.19 -8.09 15.76
N LYS A 536 -38.48 -6.97 15.90
CA LYS A 536 -38.77 -5.79 15.11
C LYS A 536 -37.46 -5.10 14.76
N GLU A 537 -37.55 -4.17 13.81
CA GLU A 537 -36.35 -3.49 13.31
C GLU A 537 -35.65 -2.70 14.41
N THR A 538 -36.42 -1.96 15.21
CA THR A 538 -35.84 -1.07 16.22
C THR A 538 -35.58 -1.80 17.52
N ILE A 539 -34.82 -2.90 17.46
CA ILE A 539 -34.37 -3.60 18.65
C ILE A 539 -33.11 -4.36 18.30
N GLY A 540 -32.17 -4.41 19.25
CA GLY A 540 -30.90 -5.05 19.02
C GLY A 540 -30.34 -5.79 20.21
N ASP A 541 -31.22 -6.24 21.11
CA ASP A 541 -30.77 -6.88 22.34
C ASP A 541 -29.97 -8.14 22.04
N LEU A 542 -28.94 -8.37 22.84
CA LEU A 542 -28.07 -9.54 22.69
C LEU A 542 -27.91 -10.22 24.03
N THR A 543 -28.11 -11.53 24.06
CA THR A 543 -28.08 -12.30 25.31
C THR A 543 -26.86 -13.20 25.33
N ILE A 544 -26.04 -13.07 26.38
CA ILE A 544 -24.81 -13.84 26.53
C ILE A 544 -25.16 -15.11 27.29
N LEU A 545 -25.18 -16.24 26.58
CA LEU A 545 -25.66 -17.51 27.12
C LEU A 545 -24.48 -18.38 27.58
N ASN A 546 -24.80 -19.61 27.97
CA ASN A 546 -23.86 -20.68 28.31
C ASN A 546 -23.18 -20.49 29.66
N ALA A 547 -23.37 -19.32 30.28
CA ALA A 547 -22.91 -19.07 31.65
C ALA A 547 -21.44 -19.47 31.84
N GLN A 548 -20.59 -19.02 30.92
CA GLN A 548 -19.19 -19.46 30.94
C GLN A 548 -18.21 -18.30 30.97
N LEU A 549 -16.92 -18.61 30.81
CA LEU A 549 -15.82 -17.66 30.89
C LEU A 549 -15.50 -17.11 29.50
N ARG A 550 -14.43 -16.31 29.43
CA ARG A 550 -13.87 -15.81 28.16
C ARG A 550 -14.89 -15.00 27.38
N HIS A 551 -15.77 -14.27 28.07
CA HIS A 551 -16.80 -13.46 27.42
C HIS A 551 -16.86 -12.08 28.06
N GLY A 552 -15.70 -11.46 28.23
CA GLY A 552 -15.62 -10.12 28.78
C GLY A 552 -14.76 -9.23 27.91
N GLY A 553 -15.09 -7.94 27.94
CA GLY A 553 -14.35 -6.98 27.15
C GLY A 553 -15.15 -5.70 26.99
N LYS A 554 -14.81 -4.95 25.94
CA LYS A 554 -15.44 -3.67 25.62
C LYS A 554 -16.48 -3.91 24.52
N TYR A 555 -17.70 -4.25 24.94
CA TYR A 555 -18.76 -4.50 23.98
C TYR A 555 -19.21 -3.19 23.35
N THR A 556 -19.50 -3.25 22.05
CA THR A 556 -19.93 -2.06 21.32
C THR A 556 -21.09 -2.43 20.41
N CYS A 557 -22.19 -1.71 20.56
CA CYS A 557 -23.36 -1.85 19.71
C CYS A 557 -23.38 -0.72 18.68
N MET A 558 -23.65 -1.06 17.42
CA MET A 558 -23.61 -0.09 16.34
C MET A 558 -24.85 -0.25 15.48
N ALA A 559 -25.63 0.81 15.37
CA ALA A 559 -26.82 0.84 14.53
C ALA A 559 -26.47 1.61 13.27
N GLN A 560 -26.54 0.95 12.11
CA GLN A 560 -26.10 1.56 10.87
C GLN A 560 -27.15 1.38 9.78
N THR A 561 -27.21 2.38 8.91
CA THR A 561 -28.00 2.36 7.69
C THR A 561 -27.04 2.38 6.51
N VAL A 562 -27.60 2.52 5.30
CA VAL A 562 -26.77 2.61 4.11
C VAL A 562 -26.06 3.94 3.97
N VAL A 563 -26.40 4.92 4.81
CA VAL A 563 -25.85 6.28 4.72
C VAL A 563 -24.92 6.58 5.89
N ASP A 564 -25.41 6.51 7.12
CA ASP A 564 -24.64 6.88 8.29
C ASP A 564 -24.82 5.81 9.36
N SER A 565 -24.35 6.10 10.57
CA SER A 565 -24.36 5.12 11.65
C SER A 565 -24.21 5.82 12.98
N ALA A 566 -24.46 5.08 14.06
CA ALA A 566 -24.25 5.53 15.41
C ALA A 566 -23.82 4.34 16.26
N SER A 567 -23.22 4.61 17.42
CA SER A 567 -22.67 3.53 18.22
C SER A 567 -22.70 3.91 19.70
N LYS A 568 -22.66 2.87 20.53
CA LYS A 568 -22.56 3.01 21.97
C LYS A 568 -21.73 1.86 22.52
N GLU A 569 -21.20 2.04 23.73
CA GLU A 569 -20.26 1.11 24.31
C GLU A 569 -20.68 0.72 25.72
N ALA A 570 -20.26 -0.47 26.14
CA ALA A 570 -20.54 -0.99 27.47
C ALA A 570 -19.46 -2.00 27.84
N THR A 571 -19.44 -2.37 29.12
CA THR A 571 -18.43 -3.28 29.62
C THR A 571 -19.07 -4.35 30.49
N VAL A 572 -18.55 -5.56 30.38
CA VAL A 572 -18.96 -6.68 31.22
C VAL A 572 -17.73 -7.35 31.78
N LEU A 573 -17.86 -7.86 33.00
CA LEU A 573 -16.78 -8.58 33.67
C LEU A 573 -17.28 -9.93 34.14
N VAL A 574 -16.39 -10.92 34.10
CA VAL A 574 -16.69 -12.26 34.57
C VAL A 574 -15.71 -12.59 35.69
N ARG A 575 -16.25 -12.81 36.88
CA ARG A 575 -15.45 -13.19 38.05
C ARG A 575 -15.46 -14.71 38.20
N GLY A 576 -14.54 -15.20 39.03
CA GLY A 576 -14.45 -16.63 39.28
C GLY A 576 -13.28 -17.02 40.15
N PRO A 577 -13.07 -18.32 40.32
CA PRO A 577 -11.96 -18.82 41.14
C PRO A 577 -10.63 -18.49 40.50
N PRO A 578 -9.56 -18.41 41.30
CA PRO A 578 -8.25 -18.04 40.75
C PRO A 578 -7.65 -19.19 39.94
N GLY A 579 -6.55 -18.86 39.25
CA GLY A 579 -5.87 -19.83 38.42
C GLY A 579 -4.99 -20.75 39.22
N PRO A 580 -4.48 -21.78 38.56
CA PRO A 580 -3.60 -22.73 39.24
C PRO A 580 -2.27 -22.09 39.58
N PRO A 581 -1.65 -22.49 40.70
CA PRO A 581 -0.33 -21.93 41.04
C PRO A 581 0.79 -22.50 40.16
N GLY A 582 2.03 -22.10 40.44
CA GLY A 582 3.17 -22.59 39.68
C GLY A 582 4.43 -22.49 40.50
N GLY A 583 5.52 -23.00 39.92
CA GLY A 583 6.81 -22.96 40.56
C GLY A 583 6.88 -23.78 41.84
N VAL A 584 6.38 -25.00 41.80
CA VAL A 584 6.40 -25.88 42.97
C VAL A 584 7.83 -26.37 43.17
N VAL A 585 8.44 -25.98 44.28
CA VAL A 585 9.83 -26.29 44.59
C VAL A 585 9.87 -26.98 45.96
N VAL A 586 10.62 -28.09 46.03
CA VAL A 586 10.77 -28.87 47.26
C VAL A 586 12.08 -28.47 47.91
N ARG A 587 12.03 -28.18 49.22
CA ARG A 587 13.21 -27.80 49.97
C ARG A 587 13.17 -28.49 51.34
N ASP A 588 14.31 -28.43 52.03
CA ASP A 588 14.43 -28.92 53.41
C ASP A 588 13.89 -30.35 53.54
N ILE A 589 14.40 -31.23 52.67
CA ILE A 589 13.91 -32.60 52.60
C ILE A 589 14.35 -33.34 53.86
N GLY A 590 13.40 -33.63 54.75
CA GLY A 590 13.66 -34.42 55.93
C GLY A 590 13.01 -35.78 55.87
N ASP A 591 13.09 -36.49 57.00
CA ASP A 591 12.47 -37.81 57.08
C ASP A 591 10.96 -37.71 57.04
N THR A 592 10.38 -36.73 57.73
CA THR A 592 8.93 -36.57 57.81
C THR A 592 8.44 -35.20 57.39
N THR A 593 9.31 -34.19 57.35
CA THR A 593 8.92 -32.82 57.03
C THR A 593 9.60 -32.36 55.76
N ILE A 594 8.84 -31.77 54.85
CA ILE A 594 9.37 -31.25 53.58
C ILE A 594 8.78 -29.86 53.36
N GLN A 595 9.64 -28.87 53.16
CA GLN A 595 9.17 -27.53 52.89
C GLN A 595 8.81 -27.39 51.42
N LEU A 596 7.71 -26.69 51.14
CA LEU A 596 7.23 -26.47 49.80
C LEU A 596 7.13 -24.97 49.53
N SER A 597 7.58 -24.56 48.35
CA SER A 597 7.48 -23.17 47.92
C SER A 597 6.79 -23.11 46.57
N TRP A 598 6.06 -22.02 46.34
CA TRP A 598 5.30 -21.87 45.11
C TRP A 598 5.13 -20.40 44.80
N SER A 599 4.81 -20.12 43.53
CA SER A 599 4.54 -18.77 43.09
C SER A 599 3.04 -18.51 43.07
N ARG A 600 2.67 -17.24 43.30
CA ARG A 600 1.27 -16.87 43.30
C ARG A 600 0.70 -16.92 41.89
N GLY A 601 -0.47 -17.55 41.75
CA GLY A 601 -1.14 -17.65 40.46
C GLY A 601 -2.01 -16.45 40.17
N PHE A 602 -2.72 -16.53 39.06
CA PHE A 602 -3.62 -15.46 38.66
C PHE A 602 -4.84 -15.42 39.56
N ASP A 603 -5.16 -14.24 40.09
CA ASP A 603 -6.26 -14.08 41.02
C ASP A 603 -7.62 -13.95 40.33
N ASN A 604 -7.64 -13.73 39.01
CA ASN A 604 -8.88 -13.53 38.26
C ASN A 604 -9.72 -12.40 38.86
N HIS A 605 -9.05 -11.29 39.15
CA HIS A 605 -9.68 -10.08 39.68
C HIS A 605 -10.39 -10.35 41.01
N SER A 606 -9.85 -11.27 41.80
CA SER A 606 -10.36 -11.58 43.13
C SER A 606 -9.24 -12.16 43.98
N PRO A 607 -8.89 -11.52 45.09
CA PRO A 607 -7.73 -11.98 45.87
C PRO A 607 -7.90 -13.41 46.35
N ILE A 608 -6.81 -14.17 46.33
CA ILE A 608 -6.83 -15.56 46.74
C ILE A 608 -6.98 -15.64 48.25
N ALA A 609 -7.85 -16.54 48.71
CA ALA A 609 -8.14 -16.67 50.13
C ALA A 609 -7.25 -17.69 50.82
N LYS A 610 -7.09 -18.88 50.24
CA LYS A 610 -6.37 -19.95 50.90
C LYS A 610 -5.76 -20.88 49.87
N TYR A 611 -4.91 -21.79 50.37
CA TYR A 611 -4.24 -22.78 49.55
C TYR A 611 -4.48 -24.18 50.12
N THR A 612 -4.36 -25.17 49.25
CA THR A 612 -4.49 -26.57 49.62
C THR A 612 -3.37 -27.35 48.94
N LEU A 613 -2.67 -28.17 49.72
CA LEU A 613 -1.53 -28.95 49.22
C LEU A 613 -1.93 -30.41 49.11
N GLN A 614 -1.62 -31.02 47.97
CA GLN A 614 -1.91 -32.43 47.74
C GLN A 614 -0.62 -33.15 47.37
N ALA A 615 -0.53 -34.41 47.78
CA ALA A 615 0.66 -35.21 47.55
C ALA A 615 0.26 -36.59 47.04
N ARG A 616 1.19 -37.21 46.31
CA ARG A 616 0.98 -38.54 45.76
C ARG A 616 2.32 -39.27 45.72
N THR A 617 2.23 -40.60 45.67
CA THR A 617 3.40 -41.46 45.62
C THR A 617 3.56 -42.03 44.22
N PRO A 618 4.70 -41.82 43.55
CA PRO A 618 4.87 -42.35 42.21
C PRO A 618 4.96 -43.87 42.25
N PRO A 619 4.61 -44.55 41.15
CA PRO A 619 4.11 -44.01 39.88
C PRO A 619 2.59 -44.02 39.75
N ALA A 620 1.87 -44.81 40.55
CA ALA A 620 0.42 -44.96 40.40
C ALA A 620 -0.33 -44.55 41.66
N GLY A 621 0.26 -43.71 42.50
CA GLY A 621 -0.44 -43.26 43.71
C GLY A 621 -1.33 -42.06 43.43
N LYS A 622 -2.53 -42.11 43.99
CA LYS A 622 -3.49 -41.03 43.81
C LYS A 622 -3.11 -39.82 44.64
N TRP A 623 -3.55 -38.64 44.20
CA TRP A 623 -3.28 -37.41 44.93
C TRP A 623 -4.05 -37.40 46.24
N LYS A 624 -3.35 -37.08 47.33
CA LYS A 624 -3.96 -37.02 48.65
C LYS A 624 -3.53 -35.75 49.36
N GLN A 625 -4.49 -35.12 50.04
CA GLN A 625 -4.18 -33.95 50.84
C GLN A 625 -3.34 -34.35 52.06
N VAL A 626 -2.33 -33.55 52.36
CA VAL A 626 -1.38 -33.86 53.42
C VAL A 626 -1.46 -32.80 54.50
N ARG A 627 -0.99 -33.17 55.70
CA ARG A 627 -0.98 -32.24 56.82
C ARG A 627 0.06 -31.16 56.60
N THR A 628 -0.35 -29.90 56.80
CA THR A 628 0.48 -28.75 56.45
C THR A 628 0.63 -27.83 57.64
N ASN A 629 1.80 -27.22 57.74
CA ASN A 629 2.11 -26.17 58.70
C ASN A 629 2.29 -24.87 57.94
N PRO A 630 1.45 -23.84 58.18
CA PRO A 630 0.32 -23.81 59.11
C PRO A 630 -0.87 -24.64 58.62
N ALA A 631 -1.83 -24.94 59.49
CA ALA A 631 -2.98 -25.74 59.10
C ALA A 631 -3.80 -25.04 58.01
N ASN A 632 -3.98 -23.73 58.15
CA ASN A 632 -4.68 -22.91 57.16
C ASN A 632 -3.65 -22.00 56.51
N ILE A 633 -3.39 -22.23 55.22
CA ILE A 633 -2.42 -21.43 54.47
C ILE A 633 -3.14 -20.24 53.86
N GLU A 634 -2.63 -19.04 54.13
CA GLU A 634 -3.25 -17.83 53.62
C GLU A 634 -2.90 -17.60 52.15
N GLY A 635 -3.67 -16.73 51.50
CA GLY A 635 -3.46 -16.48 50.09
C GLY A 635 -2.14 -15.81 49.77
N ASN A 636 -1.66 -14.94 50.66
CA ASN A 636 -0.41 -14.25 50.43
C ASN A 636 0.82 -15.11 50.70
N ALA A 637 0.65 -16.23 51.41
CA ALA A 637 1.78 -17.09 51.74
C ALA A 637 2.26 -17.84 50.50
N GLU A 638 3.58 -18.01 50.39
CA GLU A 638 4.18 -18.74 49.29
C GLU A 638 4.97 -19.97 49.72
N THR A 639 5.19 -20.16 51.02
CA THR A 639 5.92 -21.30 51.53
C THR A 639 5.11 -21.98 52.64
N ALA A 640 5.34 -23.28 52.80
CA ALA A 640 4.63 -24.06 53.80
C ALA A 640 5.46 -25.29 54.16
N GLN A 641 5.03 -26.00 55.19
CA GLN A 641 5.66 -27.24 55.63
C GLN A 641 4.68 -28.38 55.43
N VAL A 642 5.18 -29.53 55.01
CA VAL A 642 4.37 -30.74 54.85
C VAL A 642 4.89 -31.78 55.83
N LEU A 643 4.00 -32.26 56.70
CA LEU A 643 4.33 -33.20 57.75
C LEU A 643 3.68 -34.55 57.48
N GLY A 644 3.96 -35.52 58.35
CA GLY A 644 3.38 -36.84 58.25
C GLY A 644 3.96 -37.72 57.18
N LEU A 645 5.05 -37.31 56.55
CA LEU A 645 5.65 -38.11 55.48
C LEU A 645 6.37 -39.32 56.04
N THR A 646 6.25 -40.46 55.36
CA THR A 646 6.96 -41.67 55.75
C THR A 646 8.34 -41.68 55.10
N PRO A 647 9.41 -41.82 55.89
CA PRO A 647 10.76 -41.63 55.36
C PRO A 647 11.15 -42.62 54.28
N TRP A 648 11.89 -42.11 53.28
CA TRP A 648 12.62 -42.91 52.30
C TRP A 648 11.72 -43.53 51.23
N MET A 649 10.66 -42.81 50.87
CA MET A 649 9.96 -43.07 49.62
C MET A 649 9.84 -41.77 48.83
N ASP A 650 9.67 -41.92 47.52
CA ASP A 650 9.52 -40.78 46.63
C ASP A 650 8.14 -40.16 46.77
N TYR A 651 8.05 -38.87 46.45
CA TYR A 651 6.80 -38.14 46.59
C TYR A 651 6.70 -37.08 45.50
N GLU A 652 5.46 -36.71 45.17
CA GLU A 652 5.17 -35.61 44.27
C GLU A 652 4.07 -34.75 44.88
N PHE A 653 4.11 -33.45 44.59
CA PHE A 653 3.25 -32.49 45.26
C PHE A 653 2.61 -31.55 44.25
N ARG A 654 1.45 -31.00 44.63
CA ARG A 654 0.76 -30.00 43.83
C ARG A 654 -0.03 -29.08 44.74
N VAL A 655 -0.35 -27.90 44.22
CA VAL A 655 -0.97 -26.82 44.99
C VAL A 655 -2.25 -26.39 44.29
N ILE A 656 -3.27 -26.09 45.09
CA ILE A 656 -4.54 -25.56 44.60
C ILE A 656 -4.84 -24.26 45.35
N ALA A 657 -5.37 -23.28 44.65
CA ALA A 657 -5.73 -21.99 45.23
C ALA A 657 -7.24 -21.84 45.32
N SER A 658 -7.69 -21.07 46.31
CA SER A 658 -9.11 -20.85 46.48
C SER A 658 -9.35 -19.43 46.96
N ASN A 659 -10.46 -18.83 46.52
CA ASN A 659 -10.85 -17.50 46.95
C ASN A 659 -12.28 -17.53 47.49
N ILE A 660 -12.85 -16.35 47.75
CA ILE A 660 -14.23 -16.28 48.20
C ILE A 660 -15.20 -16.74 47.12
N LEU A 661 -14.77 -16.80 45.86
CA LEU A 661 -15.62 -17.20 44.76
C LEU A 661 -15.59 -18.69 44.48
N GLY A 662 -14.72 -19.44 45.14
CA GLY A 662 -14.66 -20.87 44.95
C GLY A 662 -13.22 -21.35 44.98
N THR A 663 -13.02 -22.54 44.42
CA THR A 663 -11.71 -23.20 44.40
C THR A 663 -11.16 -23.22 42.98
N GLY A 664 -9.89 -22.88 42.84
CA GLY A 664 -9.24 -22.88 41.54
C GLY A 664 -8.75 -24.25 41.14
N GLU A 665 -7.95 -24.27 40.06
CA GLU A 665 -7.40 -25.50 39.52
C GLU A 665 -6.11 -25.90 40.24
N PRO A 666 -5.83 -27.20 40.33
CA PRO A 666 -4.57 -27.65 40.92
C PRO A 666 -3.39 -27.29 40.03
N SER A 667 -2.23 -27.13 40.66
CA SER A 667 -1.00 -26.84 39.94
C SER A 667 -0.41 -28.14 39.39
N GLY A 668 0.70 -28.00 38.66
CA GLY A 668 1.39 -29.13 38.11
C GLY A 668 2.14 -29.91 39.17
N PRO A 669 2.45 -31.18 38.88
CA PRO A 669 3.16 -32.00 39.86
C PRO A 669 4.58 -31.48 40.09
N SER A 670 5.05 -31.68 41.32
CA SER A 670 6.40 -31.26 41.68
C SER A 670 7.43 -32.28 41.22
N SER A 671 8.70 -31.90 41.34
CA SER A 671 9.79 -32.80 40.95
C SER A 671 9.85 -34.00 41.89
N LYS A 672 10.33 -35.11 41.35
CA LYS A 672 10.42 -36.35 42.13
C LYS A 672 11.55 -36.23 43.14
N ILE A 673 11.20 -36.29 44.42
CA ILE A 673 12.18 -36.18 45.51
C ILE A 673 11.94 -37.32 46.49
N ARG A 674 13.00 -37.66 47.23
CA ARG A 674 12.98 -38.76 48.18
C ARG A 674 13.30 -38.25 49.57
N THR A 675 12.54 -38.71 50.56
CA THR A 675 12.75 -38.29 51.94
C THR A 675 13.99 -38.97 52.51
N ARG A 676 14.44 -38.45 53.66
CA ARG A 676 15.63 -38.98 54.31
C ARG A 676 15.35 -40.32 54.96
N GLU A 677 16.41 -40.97 55.42
CA GLU A 677 16.30 -42.28 56.06
C GLU A 677 15.92 -42.13 57.53
N ALA A 678 15.41 -43.23 58.10
CA ALA A 678 15.00 -43.24 59.50
C ALA A 678 15.02 -44.67 60.00
N ALA A 679 14.98 -44.81 61.33
CA ALA A 679 14.99 -46.12 61.95
C ALA A 679 13.65 -46.83 61.71
N PRO A 680 13.66 -48.17 61.71
CA PRO A 680 12.41 -48.91 61.52
C PRO A 680 11.45 -48.67 62.68
N SER A 681 10.16 -48.76 62.38
CA SER A 681 9.10 -48.52 63.36
C SER A 681 8.14 -49.68 63.53
N VAL A 682 8.15 -50.66 62.63
CA VAL A 682 7.21 -51.78 62.68
C VAL A 682 8.02 -53.06 62.84
N ALA A 683 7.70 -53.83 63.88
CA ALA A 683 8.37 -55.11 64.09
C ALA A 683 7.89 -56.13 63.06
N PRO A 684 8.76 -57.02 62.60
CA PRO A 684 8.34 -58.02 61.63
C PRO A 684 7.37 -59.03 62.24
N SER A 685 6.55 -59.61 61.37
CA SER A 685 5.53 -60.58 61.77
C SER A 685 5.76 -61.89 61.01
N GLY A 686 4.81 -62.81 61.16
CA GLY A 686 4.90 -64.10 60.50
C GLY A 686 6.03 -64.98 61.01
N LEU A 687 6.28 -64.96 62.32
CA LEU A 687 7.35 -65.75 62.90
C LEU A 687 6.95 -67.23 62.94
N SER A 688 7.79 -68.08 62.35
CA SER A 688 7.53 -69.52 62.31
C SER A 688 8.84 -70.23 62.03
N GLY A 689 8.77 -71.54 61.85
CA GLY A 689 9.96 -72.33 61.54
C GLY A 689 9.83 -73.72 62.11
N GLY A 690 10.86 -74.52 61.86
CA GLY A 690 10.93 -75.88 62.36
C GLY A 690 11.52 -76.82 61.32
N GLY A 691 12.16 -77.88 61.80
CA GLY A 691 12.73 -78.89 60.93
C GLY A 691 14.11 -78.49 60.41
N GLY A 692 14.66 -79.36 59.57
CA GLY A 692 15.95 -79.17 58.96
C GLY A 692 16.84 -80.37 59.21
N ALA A 693 18.14 -80.16 59.03
CA ALA A 693 19.12 -81.19 59.29
C ALA A 693 19.23 -81.44 60.80
N PRO A 694 19.66 -82.64 61.20
CA PRO A 694 19.88 -82.89 62.63
C PRO A 694 20.87 -81.91 63.23
N GLY A 695 20.55 -81.40 64.41
CA GLY A 695 21.35 -80.37 65.03
C GLY A 695 21.15 -78.98 64.47
N GLU A 696 20.21 -78.79 63.56
CA GLU A 696 19.96 -77.50 62.94
C GLU A 696 18.54 -77.03 63.26
N LEU A 697 18.39 -75.72 63.40
CA LEU A 697 17.11 -75.09 63.66
C LEU A 697 16.86 -74.02 62.61
N ILE A 698 15.70 -74.08 61.96
CA ILE A 698 15.34 -73.17 60.89
C ILE A 698 14.17 -72.31 61.36
N VAL A 699 14.34 -70.99 61.26
CA VAL A 699 13.32 -70.03 61.65
C VAL A 699 12.94 -69.21 60.42
N ASN A 700 11.64 -69.17 60.11
CA ASN A 700 11.14 -68.48 58.94
C ASN A 700 10.26 -67.31 59.34
N TRP A 701 10.34 -66.23 58.56
CA TRP A 701 9.54 -65.04 58.82
C TRP A 701 9.06 -64.46 57.50
N THR A 702 7.99 -63.69 57.57
CA THR A 702 7.42 -63.08 56.37
C THR A 702 8.32 -61.92 55.92
N PRO A 703 8.71 -61.89 54.65
CA PRO A 703 9.52 -60.77 54.15
C PRO A 703 8.78 -59.45 54.30
N MET A 704 9.52 -58.39 54.61
CA MET A 704 8.96 -57.08 54.88
C MET A 704 9.03 -56.24 53.61
N SER A 705 8.00 -55.41 53.40
CA SER A 705 7.89 -54.62 52.17
C SER A 705 8.78 -53.39 52.21
N ARG A 706 8.56 -52.46 51.28
CA ARG A 706 9.35 -51.24 51.21
C ARG A 706 8.74 -50.08 51.97
N GLU A 707 7.47 -50.18 52.38
CA GLU A 707 6.80 -49.02 52.97
C GLU A 707 7.32 -48.69 54.36
N TYR A 708 7.84 -49.67 55.09
CA TYR A 708 8.30 -49.45 56.46
C TYR A 708 9.80 -49.67 56.64
N GLN A 709 10.56 -49.82 55.54
CA GLN A 709 12.00 -49.93 55.67
C GLN A 709 12.60 -48.63 56.20
N ASN A 710 12.12 -47.49 55.70
CA ASN A 710 12.49 -46.16 56.19
C ASN A 710 13.96 -45.84 56.00
N GLY A 711 14.68 -46.61 55.18
CA GLY A 711 16.07 -46.31 54.96
C GLY A 711 16.76 -47.45 54.23
N ASP A 712 18.02 -47.20 53.90
CA ASP A 712 18.87 -48.17 53.22
C ASP A 712 19.53 -49.12 54.22
N GLY A 713 20.16 -50.16 53.71
CA GLY A 713 20.80 -51.16 54.55
C GLY A 713 19.85 -51.92 55.43
N PHE A 714 18.67 -52.27 54.91
CA PHE A 714 17.68 -52.98 55.71
C PHE A 714 18.14 -54.39 56.02
N GLY A 715 17.85 -54.84 57.24
CA GLY A 715 18.21 -56.18 57.66
C GLY A 715 17.43 -56.56 58.90
N TYR A 716 17.70 -57.77 59.37
CA TYR A 716 16.99 -58.31 60.53
C TYR A 716 17.99 -58.80 61.58
N LEU A 717 17.58 -58.69 62.84
CA LEU A 717 18.30 -59.28 63.96
C LEU A 717 17.36 -60.27 64.65
N LEU A 718 17.82 -61.51 64.78
CA LEU A 718 17.02 -62.58 65.36
C LEU A 718 17.65 -63.01 66.67
N SER A 719 16.89 -62.92 67.76
CA SER A 719 17.33 -63.36 69.07
C SER A 719 16.64 -64.67 69.41
N PHE A 720 17.43 -65.74 69.59
CA PHE A 720 16.91 -67.06 69.86
C PHE A 720 17.57 -67.64 71.09
N ARG A 721 16.84 -68.50 71.80
CA ARG A 721 17.37 -69.15 72.99
C ARG A 721 16.64 -70.46 73.21
N ARG A 722 17.23 -71.32 74.03
CA ARG A 722 16.57 -72.55 74.43
C ARG A 722 15.50 -72.24 75.48
N GLN A 723 14.48 -73.10 75.53
CA GLN A 723 13.42 -72.93 76.52
C GLN A 723 13.97 -73.15 77.92
N GLY A 724 13.71 -72.19 78.81
CA GLY A 724 14.25 -72.22 80.14
C GLY A 724 15.61 -71.56 80.31
N SER A 725 16.24 -71.16 79.21
CA SER A 725 17.54 -70.50 79.26
C SER A 725 17.36 -68.99 79.49
N THR A 726 18.43 -68.37 79.98
CA THR A 726 18.43 -66.95 80.29
C THR A 726 19.31 -66.12 79.37
N HIS A 727 19.98 -66.75 78.40
CA HIS A 727 20.88 -66.06 77.49
C HIS A 727 20.30 -66.08 76.08
N TRP A 728 20.20 -64.91 75.47
CA TRP A 728 19.69 -64.77 74.11
C TRP A 728 20.85 -64.65 73.14
N GLN A 729 20.83 -65.44 72.07
CA GLN A 729 21.83 -65.39 71.02
C GLN A 729 21.28 -64.61 69.84
N THR A 730 22.01 -63.59 69.41
CA THR A 730 21.57 -62.67 68.37
C THR A 730 22.33 -62.93 67.07
N ALA A 731 21.59 -63.08 65.98
CA ALA A 731 22.15 -63.29 64.65
C ALA A 731 21.68 -62.19 63.71
N ARG A 732 22.55 -61.82 62.78
CA ARG A 732 22.31 -60.73 61.85
C ARG A 732 22.08 -61.30 60.45
N VAL A 733 20.93 -61.00 59.87
CA VAL A 733 20.59 -61.43 58.53
C VAL A 733 20.40 -60.19 57.66
N PRO A 734 21.38 -59.86 56.82
CA PRO A 734 21.22 -58.70 55.93
C PRO A 734 20.27 -59.00 54.78
N GLY A 735 19.74 -57.93 54.21
CA GLY A 735 18.84 -58.05 53.08
C GLY A 735 17.37 -57.94 53.44
N ALA A 736 16.63 -57.13 52.70
CA ALA A 736 15.21 -56.96 52.97
C ALA A 736 14.41 -58.20 52.59
N ASP A 737 14.85 -58.93 51.56
CA ASP A 737 14.13 -60.11 51.09
C ASP A 737 14.46 -61.37 51.86
N ALA A 738 15.37 -61.30 52.84
CA ALA A 738 15.68 -62.46 53.65
C ALA A 738 14.47 -62.88 54.46
N GLN A 739 14.19 -64.19 54.47
CA GLN A 739 13.01 -64.71 55.14
C GLN A 739 13.27 -65.88 56.07
N TYR A 740 14.49 -66.43 56.10
CA TYR A 740 14.78 -67.59 56.92
C TYR A 740 16.20 -67.53 57.45
N PHE A 741 16.41 -68.16 58.59
CA PHE A 741 17.73 -68.28 59.20
C PHE A 741 17.92 -69.69 59.72
N VAL A 742 19.13 -70.23 59.56
CA VAL A 742 19.48 -71.57 60.00
C VAL A 742 20.59 -71.47 61.02
N TYR A 743 20.37 -72.05 62.19
CA TYR A 743 21.37 -72.10 63.26
C TYR A 743 21.80 -73.55 63.45
N SER A 744 23.11 -73.80 63.33
CA SER A 744 23.65 -75.14 63.39
C SER A 744 24.49 -75.31 64.66
N ASN A 745 24.18 -76.35 65.43
CA ASN A 745 24.93 -76.67 66.64
C ASN A 745 24.76 -78.14 66.94
N GLU A 746 25.88 -78.86 67.08
CA GLU A 746 25.83 -80.29 67.33
C GLU A 746 25.29 -80.62 68.71
N SER A 747 25.30 -79.66 69.64
CA SER A 747 24.80 -79.90 70.99
C SER A 747 23.29 -79.79 71.09
N VAL A 748 22.61 -79.38 70.03
CA VAL A 748 21.15 -79.22 70.07
C VAL A 748 20.50 -80.59 69.88
N ARG A 749 19.74 -81.02 70.87
CA ARG A 749 19.03 -82.28 70.78
C ARG A 749 17.85 -82.17 69.82
N PRO A 750 17.45 -83.27 69.19
CA PRO A 750 16.28 -83.22 68.29
C PRO A 750 15.02 -82.84 69.04
N TYR A 751 14.15 -82.10 68.35
CA TYR A 751 12.86 -81.64 68.88
C TYR A 751 13.05 -80.84 70.17
N THR A 752 14.09 -80.01 70.20
CA THR A 752 14.34 -79.15 71.35
C THR A 752 13.54 -77.86 71.22
N PRO A 753 12.71 -77.51 72.19
CA PRO A 753 11.97 -76.25 72.12
C PRO A 753 12.89 -75.04 72.15
N PHE A 754 12.48 -73.99 71.43
CA PHE A 754 13.26 -72.76 71.33
C PHE A 754 12.32 -71.57 71.39
N GLU A 755 12.74 -70.52 72.09
CA GLU A 755 12.03 -69.25 72.14
C GLU A 755 12.77 -68.24 71.26
N VAL A 756 12.03 -67.61 70.34
CA VAL A 756 12.63 -66.74 69.34
C VAL A 756 11.90 -65.41 69.29
N LYS A 757 12.61 -64.40 68.81
CA LYS A 757 12.04 -63.09 68.52
C LYS A 757 12.88 -62.43 67.45
N ILE A 758 12.30 -61.46 66.75
CA ILE A 758 12.95 -60.82 65.62
C ILE A 758 12.74 -59.32 65.69
N ARG A 759 13.64 -58.59 65.02
CA ARG A 759 13.55 -57.14 64.92
C ARG A 759 14.20 -56.70 63.62
N SER A 760 13.85 -55.50 63.18
CA SER A 760 14.32 -54.95 61.92
C SER A 760 15.25 -53.76 62.18
N TYR A 761 16.30 -53.64 61.36
CA TYR A 761 17.28 -52.58 61.49
C TYR A 761 17.62 -52.02 60.12
N ASN A 762 18.24 -50.85 60.12
CA ASN A 762 18.75 -50.22 58.91
C ASN A 762 20.01 -49.43 59.28
N ARG A 763 20.44 -48.54 58.39
CA ARG A 763 21.64 -47.76 58.65
C ARG A 763 21.41 -46.65 59.67
N ARG A 764 20.15 -46.27 59.93
CA ARG A 764 19.86 -45.16 60.83
C ARG A 764 19.80 -45.59 62.29
N GLY A 765 19.09 -46.68 62.58
CA GLY A 765 18.94 -47.10 63.97
C GLY A 765 18.28 -48.45 64.07
N ASP A 766 17.77 -48.75 65.26
CA ASP A 766 17.14 -50.02 65.57
C ASP A 766 15.65 -49.84 65.77
N GLY A 767 14.88 -50.84 65.32
CA GLY A 767 13.44 -50.80 65.45
C GLY A 767 12.92 -51.71 66.55
N PRO A 768 11.60 -51.80 66.67
CA PRO A 768 11.01 -52.64 67.73
C PRO A 768 11.20 -54.12 67.45
N GLU A 769 11.19 -54.89 68.54
CA GLU A 769 11.29 -56.34 68.47
C GLU A 769 9.90 -56.97 68.34
N SER A 770 9.88 -58.20 67.86
CA SER A 770 8.64 -58.93 67.69
C SER A 770 8.34 -59.79 68.92
N LEU A 771 7.15 -60.38 68.92
CA LEU A 771 6.74 -61.23 70.03
C LEU A 771 7.53 -62.54 70.03
N THR A 772 7.72 -63.09 71.22
CA THR A 772 8.45 -64.34 71.38
C THR A 772 7.56 -65.51 70.96
N ALA A 773 8.09 -66.37 70.10
CA ALA A 773 7.38 -67.53 69.60
C ALA A 773 8.15 -68.80 69.95
N LEU A 774 7.42 -69.90 70.05
CA LEU A 774 7.98 -71.21 70.39
C LEU A 774 8.08 -72.07 69.14
N VAL A 775 9.29 -72.57 68.87
CA VAL A 775 9.55 -73.41 67.71
C VAL A 775 10.26 -74.68 68.17
N TYR A 776 10.42 -75.61 67.25
CA TYR A 776 11.06 -76.89 67.52
C TYR A 776 12.17 -77.14 66.51
N SER A 777 13.17 -77.90 66.94
CA SER A 777 14.30 -78.25 66.09
C SER A 777 13.94 -79.45 65.22
N ALA A 778 14.92 -80.01 64.54
CA ALA A 778 14.71 -81.16 63.67
C ALA A 778 14.37 -82.40 64.49
N THR B 3 -12.96 8.27 -29.93
CA THR B 3 -13.90 8.83 -28.97
C THR B 3 -15.33 8.43 -29.30
N THR B 4 -15.79 7.34 -28.68
CA THR B 4 -17.14 6.86 -28.84
C THR B 4 -17.72 6.49 -27.47
N PHE B 5 -19.04 6.55 -27.36
CA PHE B 5 -19.72 6.20 -26.13
C PHE B 5 -21.12 5.72 -26.46
N GLY B 6 -21.90 5.42 -25.43
CA GLY B 6 -23.27 5.00 -25.60
C GLY B 6 -24.23 6.16 -25.42
N PRO B 7 -25.46 5.99 -25.87
CA PRO B 7 -26.44 7.09 -25.79
C PRO B 7 -26.65 7.53 -24.35
N VAL B 8 -26.72 8.85 -24.16
CA VAL B 8 -27.03 9.45 -22.86
C VAL B 8 -28.24 10.35 -23.04
N PHE B 9 -29.27 10.13 -22.22
CA PHE B 9 -30.54 10.81 -22.41
C PHE B 9 -30.48 12.25 -21.93
N GLU B 10 -31.08 13.15 -22.70
CA GLU B 10 -31.24 14.55 -22.32
C GLU B 10 -32.69 14.94 -22.10
N ASP B 11 -33.58 14.51 -22.97
CA ASP B 11 -35.02 14.74 -22.83
C ASP B 11 -35.75 13.42 -22.89
N GLN B 12 -36.51 13.10 -21.86
CA GLN B 12 -37.27 11.87 -21.75
C GLN B 12 -38.76 12.16 -21.83
N PRO B 13 -39.57 11.21 -22.29
CA PRO B 13 -41.00 11.48 -22.47
C PRO B 13 -41.70 11.78 -21.16
N LEU B 14 -42.80 12.51 -21.26
CA LEU B 14 -43.56 12.95 -20.10
C LEU B 14 -45.02 12.55 -20.24
N SER B 15 -45.66 12.33 -19.10
CA SER B 15 -47.08 11.95 -19.09
C SER B 15 -47.94 13.11 -19.59
N VAL B 16 -48.96 12.79 -20.38
CA VAL B 16 -49.80 13.80 -21.01
C VAL B 16 -51.26 13.43 -20.82
N LEU B 17 -52.05 14.38 -20.31
CA LEU B 17 -53.50 14.27 -20.25
C LEU B 17 -54.10 15.19 -21.30
N PHE B 18 -54.93 14.63 -22.16
CA PHE B 18 -55.50 15.38 -23.27
C PHE B 18 -56.96 15.69 -22.98
N PRO B 19 -57.35 16.95 -22.82
CA PRO B 19 -58.77 17.29 -22.75
C PRO B 19 -59.42 17.09 -24.12
N GLU B 20 -60.60 16.47 -24.12
CA GLU B 20 -61.29 16.19 -25.38
C GLU B 20 -61.83 17.47 -26.01
N GLU B 21 -62.15 18.48 -25.20
CA GLU B 21 -62.77 19.69 -25.72
C GLU B 21 -61.85 20.43 -26.70
N SER B 22 -60.57 20.53 -26.36
CA SER B 22 -59.63 21.27 -27.21
C SER B 22 -59.42 20.51 -28.51
N THR B 23 -59.54 21.22 -29.63
CA THR B 23 -59.46 20.61 -30.96
C THR B 23 -58.04 20.75 -31.52
N GLU B 24 -57.08 20.14 -30.82
CA GLU B 24 -55.73 20.04 -31.34
C GLU B 24 -55.58 18.75 -32.14
N GLU B 25 -54.66 18.77 -33.10
CA GLU B 25 -54.56 17.70 -34.09
C GLU B 25 -53.26 16.91 -34.01
N GLN B 26 -52.41 17.17 -33.01
CA GLN B 26 -51.15 16.45 -32.92
C GLN B 26 -50.70 16.40 -31.47
N VAL B 27 -50.18 15.23 -31.06
CA VAL B 27 -49.58 15.07 -29.75
C VAL B 27 -48.11 14.66 -29.93
N LEU B 28 -47.25 15.26 -29.11
CA LEU B 28 -45.80 15.12 -29.18
C LEU B 28 -45.30 14.43 -27.93
N LEU B 29 -44.49 13.39 -28.11
CA LEU B 29 -43.76 12.76 -27.00
C LEU B 29 -42.28 12.86 -27.34
N ALA B 30 -41.53 13.55 -26.50
CA ALA B 30 -40.15 13.89 -26.82
C ALA B 30 -39.20 12.76 -26.42
N CYS B 31 -38.03 12.75 -27.07
CA CYS B 31 -36.96 11.82 -26.75
C CYS B 31 -35.67 12.28 -27.43
N ARG B 32 -34.58 12.38 -26.69
CA ARG B 32 -33.31 12.82 -27.27
C ARG B 32 -32.15 12.20 -26.52
N ALA B 33 -31.21 11.63 -27.28
CA ALA B 33 -30.07 10.92 -26.71
C ALA B 33 -28.81 11.35 -27.42
N ARG B 34 -27.90 11.98 -26.67
CA ARG B 34 -26.58 12.31 -27.21
C ARG B 34 -25.78 11.04 -27.43
N ALA B 35 -25.12 10.96 -28.59
CA ALA B 35 -24.37 9.76 -28.93
C ALA B 35 -23.28 10.14 -29.94
N SER B 36 -22.32 9.23 -30.10
CA SER B 36 -21.24 9.40 -31.06
C SER B 36 -20.78 8.01 -31.51
N PRO B 37 -21.17 7.57 -32.71
CA PRO B 37 -21.96 8.26 -33.75
C PRO B 37 -23.41 8.47 -33.35
N PRO B 38 -24.16 9.30 -34.09
CA PRO B 38 -25.55 9.57 -33.70
C PRO B 38 -26.39 8.30 -33.65
N ALA B 39 -27.33 8.28 -32.70
CA ALA B 39 -28.10 7.09 -32.37
C ALA B 39 -29.48 7.13 -33.01
N THR B 40 -29.99 5.95 -33.34
CA THR B 40 -31.33 5.78 -33.86
C THR B 40 -32.32 5.53 -32.72
N TYR B 41 -33.60 5.67 -33.03
CA TYR B 41 -34.65 5.60 -32.03
C TYR B 41 -35.73 4.60 -32.44
N ARG B 42 -36.26 3.89 -31.45
CA ARG B 42 -37.43 3.05 -31.61
C ARG B 42 -38.41 3.37 -30.50
N TRP B 43 -39.68 3.04 -30.71
CA TRP B 43 -40.71 3.33 -29.72
C TRP B 43 -41.50 2.07 -29.40
N LYS B 44 -41.82 1.90 -28.13
CA LYS B 44 -42.56 0.75 -27.65
C LYS B 44 -43.86 1.23 -27.02
N MET B 45 -44.98 0.64 -27.43
CA MET B 45 -46.30 1.10 -27.04
C MET B 45 -47.05 -0.03 -26.34
N ASN B 46 -47.29 0.15 -25.04
CA ASN B 46 -47.98 -0.83 -24.19
C ASN B 46 -47.42 -2.23 -24.38
N GLY B 47 -46.14 -2.39 -24.05
CA GLY B 47 -45.47 -3.69 -24.06
C GLY B 47 -44.91 -4.13 -25.40
N THR B 48 -45.70 -4.03 -26.45
CA THR B 48 -45.28 -4.47 -27.78
C THR B 48 -44.60 -3.33 -28.54
N GLU B 49 -43.75 -3.71 -29.49
CA GLU B 49 -43.03 -2.73 -30.27
C GLU B 49 -43.96 -2.03 -31.26
N MET B 50 -43.58 -0.81 -31.65
CA MET B 50 -44.38 0.03 -32.51
C MET B 50 -43.76 0.11 -33.89
N LYS B 51 -44.61 -0.02 -34.91
CA LYS B 51 -44.19 0.10 -36.31
C LYS B 51 -44.44 1.54 -36.76
N LEU B 52 -43.36 2.25 -37.09
CA LEU B 52 -43.42 3.67 -37.44
C LEU B 52 -43.39 3.89 -38.94
N GLU B 53 -44.06 3.02 -39.70
CA GLU B 53 -44.08 3.14 -41.15
C GLU B 53 -44.68 4.49 -41.56
N PRO B 54 -44.07 5.18 -42.53
CA PRO B 54 -44.68 6.41 -43.04
C PRO B 54 -46.07 6.13 -43.60
N GLY B 55 -46.93 7.14 -43.54
CA GLY B 55 -48.34 6.90 -43.81
C GLY B 55 -49.24 7.43 -42.71
N SER B 56 -49.85 6.53 -41.95
CA SER B 56 -50.84 6.89 -40.94
C SER B 56 -50.25 7.78 -39.84
N ARG B 57 -51.11 8.22 -38.91
CA ARG B 57 -50.87 9.25 -37.92
C ARG B 57 -49.66 9.00 -37.03
N HIS B 58 -48.98 7.86 -37.06
CA HIS B 58 -47.78 7.63 -36.26
C HIS B 58 -46.57 8.09 -37.07
N GLN B 59 -45.90 9.15 -36.61
CA GLN B 59 -44.77 9.69 -37.36
C GLN B 59 -43.51 9.75 -36.51
N LEU B 60 -42.44 10.32 -37.07
CA LEU B 60 -41.17 10.45 -36.36
C LEU B 60 -40.54 11.76 -36.78
N VAL B 61 -40.15 12.59 -35.81
CA VAL B 61 -39.58 13.90 -36.10
C VAL B 61 -38.13 14.00 -35.59
N GLY B 62 -37.38 12.90 -35.68
CA GLY B 62 -36.01 12.89 -35.17
C GLY B 62 -35.96 12.42 -33.73
N GLY B 63 -36.53 11.24 -33.49
CA GLY B 63 -36.66 10.74 -32.13
C GLY B 63 -38.02 11.02 -31.53
N ASN B 64 -38.48 12.27 -31.64
CA ASN B 64 -39.79 12.62 -31.11
C ASN B 64 -40.89 11.90 -31.86
N LEU B 65 -41.89 11.43 -31.13
CA LEU B 65 -43.02 10.71 -31.70
C LEU B 65 -44.22 11.65 -31.79
N VAL B 66 -44.90 11.62 -32.94
CA VAL B 66 -46.02 12.50 -33.22
C VAL B 66 -47.21 11.66 -33.62
N ILE B 67 -48.37 11.95 -33.02
CA ILE B 67 -49.62 11.29 -33.39
C ILE B 67 -50.63 12.35 -33.84
N MET B 68 -51.14 12.19 -35.06
CA MET B 68 -52.22 13.03 -35.57
C MET B 68 -53.56 12.57 -35.03
N ASN B 69 -54.37 13.53 -34.55
CA ASN B 69 -55.76 13.34 -34.19
C ASN B 69 -55.95 12.12 -33.29
N PRO B 70 -55.46 12.16 -32.05
CA PRO B 70 -55.58 10.98 -31.19
C PRO B 70 -57.01 10.74 -30.74
N THR B 71 -57.30 9.47 -30.45
CA THR B 71 -58.58 9.07 -29.90
C THR B 71 -58.34 8.10 -28.74
N LYS B 72 -59.32 8.03 -27.84
CA LYS B 72 -59.15 7.20 -26.65
C LYS B 72 -59.11 5.71 -27.01
N ALA B 73 -59.70 5.32 -28.15
CA ALA B 73 -59.79 3.92 -28.49
C ALA B 73 -58.52 3.36 -29.12
N GLN B 74 -57.57 4.22 -29.50
CA GLN B 74 -56.40 3.77 -30.25
C GLN B 74 -55.07 4.24 -29.69
N ASP B 75 -55.04 5.18 -28.74
CA ASP B 75 -53.79 5.83 -28.37
C ASP B 75 -53.52 5.93 -26.88
N ALA B 76 -54.51 5.71 -26.01
CA ALA B 76 -54.25 5.81 -24.58
C ALA B 76 -53.39 4.65 -24.12
N GLY B 77 -52.41 4.94 -23.28
CA GLY B 77 -51.56 3.88 -22.76
C GLY B 77 -50.14 4.38 -22.50
N VAL B 78 -49.23 3.42 -22.41
CA VAL B 78 -47.85 3.67 -21.97
C VAL B 78 -46.93 3.67 -23.19
N TYR B 79 -45.92 4.53 -23.15
CA TYR B 79 -44.95 4.67 -24.23
C TYR B 79 -43.54 4.69 -23.66
N GLN B 80 -42.61 4.06 -24.39
CA GLN B 80 -41.20 4.03 -24.03
C GLN B 80 -40.36 4.32 -25.27
N CYS B 81 -39.20 4.93 -25.05
CA CYS B 81 -38.28 5.30 -26.13
C CYS B 81 -36.98 4.54 -25.96
N LEU B 82 -36.56 3.84 -27.02
CA LEU B 82 -35.36 3.03 -27.03
C LEU B 82 -34.32 3.71 -27.91
N ALA B 83 -33.15 4.00 -27.35
CA ALA B 83 -32.08 4.66 -28.08
C ALA B 83 -30.96 3.67 -28.35
N SER B 84 -30.60 3.50 -29.62
CA SER B 84 -29.64 2.47 -30.02
C SER B 84 -28.51 3.07 -30.84
N ASN B 85 -27.29 2.59 -30.60
CA ASN B 85 -26.11 2.94 -31.40
C ASN B 85 -25.19 1.72 -31.45
N PRO B 86 -24.07 1.77 -32.16
CA PRO B 86 -23.20 0.57 -32.23
C PRO B 86 -22.73 0.05 -30.89
N VAL B 87 -22.55 0.91 -29.88
CA VAL B 87 -22.08 0.44 -28.58
C VAL B 87 -23.16 -0.34 -27.85
N GLY B 88 -24.28 0.31 -27.56
CA GLY B 88 -25.36 -0.33 -26.84
C GLY B 88 -26.59 0.53 -26.84
N THR B 89 -27.68 -0.01 -26.31
CA THR B 89 -28.97 0.65 -26.30
C THR B 89 -29.40 0.96 -24.87
N VAL B 90 -30.22 2.00 -24.73
CA VAL B 90 -30.73 2.43 -23.44
C VAL B 90 -32.24 2.66 -23.54
N VAL B 91 -32.89 2.54 -22.38
CA VAL B 91 -34.34 2.58 -22.26
C VAL B 91 -34.74 3.86 -21.55
N SER B 92 -35.77 4.53 -22.06
CA SER B 92 -36.28 5.76 -21.47
C SER B 92 -37.44 5.46 -20.52
N ARG B 93 -37.65 6.39 -19.59
CA ARG B 93 -38.70 6.23 -18.59
C ARG B 93 -40.07 6.24 -19.24
N GLU B 94 -40.99 5.46 -18.68
CA GLU B 94 -42.32 5.33 -19.24
C GLU B 94 -43.09 6.65 -19.20
N ALA B 95 -43.92 6.87 -20.21
CA ALA B 95 -44.79 8.03 -20.25
C ALA B 95 -46.22 7.58 -20.54
N ILE B 96 -47.18 8.08 -19.77
CA ILE B 96 -48.56 7.65 -19.87
C ILE B 96 -49.37 8.73 -20.57
N LEU B 97 -50.09 8.34 -21.62
CA LEU B 97 -51.01 9.22 -22.33
C LEU B 97 -52.43 8.82 -21.94
N ARG B 98 -53.18 9.78 -21.40
CA ARG B 98 -54.54 9.55 -20.94
C ARG B 98 -55.45 10.65 -21.46
N PHE B 99 -56.74 10.34 -21.56
CA PHE B 99 -57.73 11.26 -22.09
C PHE B 99 -58.70 11.68 -21.00
N GLY B 100 -59.14 12.93 -21.05
CA GLY B 100 -60.11 13.45 -20.09
C GLY B 100 -61.42 13.76 -20.79
N PHE B 101 -62.52 13.46 -20.11
CA PHE B 101 -63.85 13.66 -20.68
C PHE B 101 -64.86 13.73 -19.55
N LEU B 102 -66.05 14.25 -19.89
CA LEU B 102 -67.17 14.31 -18.96
C LEU B 102 -68.45 13.94 -19.69
N GLN B 103 -69.26 13.10 -19.07
CA GLN B 103 -70.54 12.70 -19.62
C GLN B 103 -71.67 13.52 -18.99
N GLU B 104 -72.84 13.46 -19.62
CA GLU B 104 -74.00 14.19 -19.17
C GLU B 104 -74.86 13.34 -18.25
N PHE B 105 -75.77 14.00 -17.53
CA PHE B 105 -76.64 13.32 -16.60
C PHE B 105 -77.68 12.47 -17.34
N SER B 106 -78.19 11.46 -16.64
CA SER B 106 -79.22 10.60 -17.21
C SER B 106 -80.52 11.38 -17.41
N LYS B 107 -81.25 11.03 -18.46
CA LYS B 107 -82.47 11.72 -18.84
C LYS B 107 -83.70 11.21 -18.09
N GLU B 108 -83.56 10.16 -17.29
CA GLU B 108 -84.70 9.66 -16.51
C GLU B 108 -85.04 10.62 -15.38
N GLU B 109 -86.33 10.79 -15.12
CA GLU B 109 -86.78 11.73 -14.11
C GLU B 109 -86.45 11.22 -12.71
N ARG B 110 -86.12 12.17 -11.83
CA ARG B 110 -85.78 11.84 -10.45
C ARG B 110 -87.04 11.75 -9.59
N ASP B 111 -87.05 10.77 -8.69
CA ASP B 111 -88.21 10.59 -7.83
C ASP B 111 -88.26 11.70 -6.77
N PRO B 112 -89.45 12.18 -6.43
CA PRO B 112 -89.56 13.19 -5.37
C PRO B 112 -89.14 12.62 -4.02
N VAL B 113 -88.63 13.51 -3.17
CA VAL B 113 -88.14 13.13 -1.85
C VAL B 113 -89.13 13.64 -0.80
N LYS B 114 -89.67 12.71 -0.01
CA LYS B 114 -90.61 13.03 1.05
C LYS B 114 -89.85 13.07 2.38
N ALA B 115 -89.92 14.21 3.06
CA ALA B 115 -89.25 14.40 4.34
C ALA B 115 -90.23 14.97 5.34
N HIS B 116 -90.03 14.63 6.61
CA HIS B 116 -90.90 15.10 7.67
C HIS B 116 -90.21 16.25 8.40
N GLU B 117 -90.89 17.40 8.48
CA GLU B 117 -90.28 18.61 9.01
C GLU B 117 -89.78 18.39 10.43
N GLY B 118 -88.56 18.85 10.70
CA GLY B 118 -87.90 18.66 11.97
C GLY B 118 -86.69 17.77 11.92
N TRP B 119 -86.54 16.94 10.89
CA TRP B 119 -85.35 16.12 10.69
C TRP B 119 -84.53 16.68 9.54
N GLY B 120 -83.32 16.13 9.39
CA GLY B 120 -82.50 16.43 8.24
C GLY B 120 -82.73 15.42 7.12
N VAL B 121 -82.50 15.87 5.89
CA VAL B 121 -82.82 15.07 4.71
C VAL B 121 -81.59 14.98 3.82
N MET B 122 -81.43 13.85 3.14
CA MET B 122 -80.32 13.58 2.24
C MET B 122 -80.85 13.60 0.81
N LEU B 123 -80.32 14.51 -0.01
CA LEU B 123 -80.72 14.64 -1.40
C LEU B 123 -79.59 14.18 -2.31
N PRO B 124 -79.78 13.12 -3.09
CA PRO B 124 -78.68 12.57 -3.89
C PRO B 124 -78.40 13.41 -5.12
N CYS B 125 -77.18 13.26 -5.63
CA CYS B 125 -76.74 13.90 -6.86
C CYS B 125 -76.44 12.90 -7.96
N ASN B 126 -75.76 11.80 -7.65
CA ASN B 126 -75.44 10.72 -8.57
C ASN B 126 -74.73 11.27 -9.82
N PRO B 127 -73.48 11.70 -9.70
CA PRO B 127 -72.78 12.26 -10.85
C PRO B 127 -72.52 11.21 -11.91
N PRO B 128 -72.45 11.60 -13.18
CA PRO B 128 -72.13 10.63 -14.24
C PRO B 128 -70.64 10.31 -14.31
N ALA B 129 -70.24 9.53 -15.31
CA ALA B 129 -68.83 9.20 -15.49
C ALA B 129 -68.03 10.46 -15.79
N HIS B 130 -66.85 10.56 -15.16
CA HIS B 130 -66.06 11.77 -15.25
C HIS B 130 -64.60 11.46 -14.94
N TYR B 131 -63.72 12.30 -15.46
CA TYR B 131 -62.29 12.28 -15.15
C TYR B 131 -61.71 13.61 -15.60
N PRO B 132 -61.01 14.34 -14.72
CA PRO B 132 -60.70 14.04 -13.31
C PRO B 132 -61.84 14.43 -12.37
N GLY B 133 -61.53 14.62 -11.09
CA GLY B 133 -62.56 14.96 -10.12
C GLY B 133 -63.26 16.26 -10.45
N LEU B 134 -64.45 16.42 -9.88
CA LEU B 134 -65.36 17.50 -10.21
C LEU B 134 -65.57 18.41 -9.00
N SER B 135 -66.31 19.49 -9.21
CA SER B 135 -66.78 20.36 -8.14
C SER B 135 -68.29 20.44 -8.22
N TYR B 136 -68.95 20.36 -7.07
CA TYR B 136 -70.38 20.14 -7.02
C TYR B 136 -71.08 21.31 -6.34
N ARG B 137 -72.23 21.70 -6.89
CA ARG B 137 -73.06 22.75 -6.31
C ARG B 137 -74.52 22.32 -6.41
N TRP B 138 -75.37 22.98 -5.64
CA TRP B 138 -76.79 22.69 -5.64
C TRP B 138 -77.58 23.97 -5.90
N LEU B 139 -78.60 23.86 -6.75
CA LEU B 139 -79.47 24.97 -7.07
C LEU B 139 -80.89 24.65 -6.66
N LEU B 140 -81.61 25.68 -6.23
CA LEU B 140 -82.98 25.55 -5.75
C LEU B 140 -83.93 26.13 -6.79
N ASN B 141 -84.86 25.30 -7.26
CA ASN B 141 -85.90 25.68 -8.19
C ASN B 141 -85.38 26.14 -9.55
N GLU B 142 -84.73 27.31 -9.61
CA GLU B 142 -84.41 27.89 -10.91
C GLU B 142 -83.12 28.71 -10.82
N PHE B 143 -82.30 28.61 -11.85
CA PHE B 143 -80.98 29.25 -11.87
C PHE B 143 -81.12 30.77 -11.74
N PRO B 144 -80.19 31.43 -11.06
CA PRO B 144 -79.03 30.92 -10.33
C PRO B 144 -79.23 30.90 -8.82
N ASN B 145 -80.36 30.38 -8.34
CA ASN B 145 -80.65 30.36 -6.91
C ASN B 145 -79.74 29.35 -6.22
N PHE B 146 -78.49 29.78 -6.03
CA PHE B 146 -77.50 28.93 -5.38
C PHE B 146 -77.78 28.88 -3.89
N ILE B 147 -77.80 27.67 -3.34
CA ILE B 147 -78.07 27.49 -1.92
C ILE B 147 -76.84 27.90 -1.13
N PRO B 148 -76.95 28.84 -0.19
CA PRO B 148 -75.78 29.29 0.55
C PRO B 148 -75.24 28.20 1.47
N THR B 149 -73.92 28.25 1.71
CA THR B 149 -73.23 27.25 2.53
C THR B 149 -73.26 27.71 3.98
N ASP B 150 -74.42 27.56 4.60
CA ASP B 150 -74.61 27.87 6.01
C ASP B 150 -74.56 26.57 6.81
N GLY B 151 -74.90 26.66 8.10
CA GLY B 151 -74.85 25.50 8.98
C GLY B 151 -75.98 24.51 8.76
N ARG B 152 -76.98 24.85 7.96
CA ARG B 152 -78.11 23.97 7.69
C ARG B 152 -78.09 23.35 6.30
N HIS B 153 -77.60 24.07 5.29
CA HIS B 153 -77.45 23.54 3.94
C HIS B 153 -76.01 23.09 3.77
N PHE B 154 -75.81 21.79 3.54
CA PHE B 154 -74.50 21.19 3.69
C PHE B 154 -74.16 20.42 2.42
N VAL B 155 -72.95 20.61 1.90
CA VAL B 155 -72.56 20.02 0.62
C VAL B 155 -71.23 19.27 0.78
N SER B 156 -71.18 18.05 0.27
CA SER B 156 -69.98 17.23 0.28
C SER B 156 -69.22 17.38 -1.04
N GLN B 157 -67.90 17.46 -0.93
CA GLN B 157 -67.04 17.66 -2.09
C GLN B 157 -66.53 16.36 -2.69
N THR B 158 -66.91 15.21 -2.14
CA THR B 158 -66.47 13.93 -2.66
C THR B 158 -67.60 13.08 -3.24
N THR B 159 -68.86 13.34 -2.88
CA THR B 159 -69.99 12.62 -3.44
C THR B 159 -71.05 13.53 -4.06
N GLY B 160 -71.09 14.80 -3.70
CA GLY B 160 -72.06 15.72 -4.24
C GLY B 160 -73.43 15.67 -3.59
N ASN B 161 -73.61 14.84 -2.57
CA ASN B 161 -74.90 14.75 -1.90
C ASN B 161 -75.18 16.00 -1.09
N LEU B 162 -76.46 16.29 -0.88
CA LEU B 162 -76.89 17.48 -0.16
C LEU B 162 -77.49 17.07 1.18
N TYR B 163 -77.11 17.78 2.23
CA TYR B 163 -77.55 17.49 3.59
C TYR B 163 -78.34 18.67 4.12
N ILE B 164 -79.49 18.40 4.72
CA ILE B 164 -80.27 19.41 5.42
C ILE B 164 -80.35 18.99 6.88
N ALA B 165 -79.83 19.83 7.77
CA ALA B 165 -79.79 19.47 9.19
C ALA B 165 -81.18 19.40 9.79
N ARG B 166 -82.04 20.37 9.48
CA ARG B 166 -83.40 20.40 10.01
C ARG B 166 -84.25 21.20 9.02
N THR B 167 -85.03 20.50 8.22
CA THR B 167 -85.82 21.16 7.18
C THR B 167 -87.00 21.92 7.78
N ASN B 168 -87.37 23.01 7.11
CA ASN B 168 -88.54 23.80 7.48
C ASN B 168 -89.31 24.12 6.20
N ALA B 169 -90.36 24.94 6.34
CA ALA B 169 -91.23 25.22 5.21
C ALA B 169 -90.52 25.98 4.09
N SER B 170 -89.41 26.65 4.38
CA SER B 170 -88.70 27.43 3.37
C SER B 170 -87.90 26.58 2.40
N ASP B 171 -87.75 25.29 2.65
CA ASP B 171 -86.94 24.41 1.81
C ASP B 171 -87.76 23.66 0.77
N LEU B 172 -89.06 23.91 0.68
CA LEU B 172 -89.90 23.22 -0.29
C LEU B 172 -89.61 23.74 -1.70
N GLY B 173 -89.47 22.83 -2.64
CA GLY B 173 -89.28 23.19 -4.03
C GLY B 173 -88.47 22.15 -4.77
N ASN B 174 -87.91 22.57 -5.89
CA ASN B 174 -87.12 21.71 -6.77
C ASN B 174 -85.64 21.94 -6.54
N TYR B 175 -84.86 20.86 -6.56
CA TYR B 175 -83.43 20.91 -6.34
C TYR B 175 -82.70 20.26 -7.51
N SER B 176 -81.56 20.84 -7.88
CA SER B 176 -80.75 20.32 -8.98
C SER B 176 -79.28 20.33 -8.56
N CYS B 177 -78.52 19.42 -9.17
CA CYS B 177 -77.09 19.26 -8.87
C CYS B 177 -76.28 19.68 -10.09
N LEU B 178 -75.39 20.66 -9.90
CA LEU B 178 -74.55 21.18 -10.96
C LEU B 178 -73.11 20.71 -10.76
N ALA B 179 -72.53 20.10 -11.79
CA ALA B 179 -71.20 19.54 -11.71
C ALA B 179 -70.28 20.26 -12.68
N THR B 180 -69.16 20.78 -12.18
CA THR B 180 -68.24 21.58 -12.97
C THR B 180 -66.87 20.91 -13.00
N SER B 181 -66.22 20.92 -14.15
CA SER B 181 -64.88 20.39 -14.30
C SER B 181 -63.90 21.52 -14.63
N HIS B 182 -62.73 21.47 -14.00
CA HIS B 182 -61.68 22.46 -14.24
C HIS B 182 -60.53 21.75 -14.94
N MET B 183 -60.60 21.68 -16.27
CA MET B 183 -59.56 21.07 -17.07
C MET B 183 -58.45 22.08 -17.35
N ASP B 184 -57.43 21.65 -18.09
CA ASP B 184 -56.32 22.54 -18.42
C ASP B 184 -56.76 23.64 -19.38
N PHE B 185 -57.79 23.39 -20.20
CA PHE B 185 -58.22 24.35 -21.20
C PHE B 185 -59.72 24.56 -21.27
N SER B 186 -60.51 23.87 -20.45
CA SER B 186 -61.96 24.01 -20.48
C SER B 186 -62.52 23.98 -19.07
N THR B 187 -63.70 24.57 -18.90
CA THR B 187 -64.35 24.69 -17.60
C THR B 187 -65.82 24.27 -17.76
N LYS B 188 -66.03 23.13 -18.40
CA LYS B 188 -67.38 22.70 -18.76
C LYS B 188 -68.19 22.35 -17.51
N SER B 189 -69.44 22.80 -17.47
CA SER B 189 -70.33 22.56 -16.35
C SER B 189 -71.65 21.99 -16.87
N VAL B 190 -72.26 21.12 -16.05
CA VAL B 190 -73.41 20.33 -16.46
C VAL B 190 -74.50 20.44 -15.40
N PHE B 191 -75.73 20.71 -15.84
CA PHE B 191 -76.91 20.81 -14.98
C PHE B 191 -77.38 19.40 -14.60
N SER B 192 -78.59 19.32 -14.05
CA SER B 192 -79.23 18.05 -13.78
C SER B 192 -80.74 18.25 -13.90
N LYS B 193 -81.50 17.23 -13.51
CA LYS B 193 -82.95 17.34 -13.48
C LYS B 193 -83.37 18.00 -12.16
N PHE B 194 -84.66 18.28 -12.04
CA PHE B 194 -85.21 18.94 -10.86
C PHE B 194 -85.97 17.91 -10.03
N ALA B 195 -85.55 17.75 -8.78
CA ALA B 195 -86.18 16.82 -7.85
C ALA B 195 -87.07 17.60 -6.89
N GLN B 196 -88.32 17.18 -6.78
CA GLN B 196 -89.31 17.84 -5.94
C GLN B 196 -89.17 17.33 -4.51
N LEU B 197 -89.05 18.25 -3.56
CA LEU B 197 -88.99 17.91 -2.15
C LEU B 197 -90.30 18.29 -1.49
N ASN B 198 -91.00 17.31 -0.93
CA ASN B 198 -92.25 17.56 -0.22
C ASN B 198 -92.09 17.12 1.23
N LEU B 199 -92.65 17.91 2.14
CA LEU B 199 -92.44 17.72 3.57
C LEU B 199 -93.73 17.26 4.24
N ALA B 200 -93.63 17.10 5.56
CA ALA B 200 -94.71 16.55 6.37
C ALA B 200 -94.86 17.46 7.59
N ALA B 201 -95.58 16.97 8.60
CA ALA B 201 -95.89 17.75 9.79
C ALA B 201 -94.61 18.18 10.52
N GLU B 202 -94.79 19.01 11.54
CA GLU B 202 -93.68 19.61 12.28
C GLU B 202 -93.79 19.27 13.76
N ASP B 203 -92.65 18.91 14.36
CA ASP B 203 -92.52 18.80 15.81
C ASP B 203 -91.10 19.23 16.18
N THR B 204 -90.99 20.30 16.98
CA THR B 204 -89.70 20.90 17.28
C THR B 204 -89.11 20.31 18.57
N ARG B 205 -88.67 19.06 18.46
CA ARG B 205 -87.95 18.41 19.55
C ARG B 205 -86.44 18.47 19.30
N LEU B 206 -85.68 18.25 20.36
CA LEU B 206 -84.22 18.30 20.30
C LEU B 206 -83.64 16.90 20.29
N PHE B 207 -82.57 16.74 19.51
CA PHE B 207 -81.92 15.44 19.35
C PHE B 207 -80.42 15.59 19.53
N ALA B 208 -79.78 14.50 19.94
CA ALA B 208 -78.33 14.46 20.00
C ALA B 208 -77.74 14.41 18.60
N PRO B 209 -76.55 14.95 18.41
CA PRO B 209 -75.94 14.95 17.06
C PRO B 209 -75.67 13.54 16.58
N SER B 210 -75.82 13.35 15.27
CA SER B 210 -75.54 12.07 14.62
C SER B 210 -74.67 12.34 13.40
N ILE B 211 -73.44 11.83 13.43
CA ILE B 211 -72.50 12.05 12.34
C ILE B 211 -72.84 11.09 11.20
N LYS B 212 -73.08 11.64 10.01
CA LYS B 212 -73.53 10.85 8.87
C LYS B 212 -72.45 10.65 7.82
N ALA B 213 -71.81 11.72 7.35
CA ALA B 213 -70.75 11.60 6.36
C ALA B 213 -69.45 11.31 7.09
N ARG B 214 -68.97 10.09 6.96
CA ARG B 214 -67.80 9.62 7.68
C ARG B 214 -66.60 9.54 6.75
N PHE B 215 -65.49 10.12 7.18
CA PHE B 215 -64.25 9.97 6.43
C PHE B 215 -63.72 8.54 6.57
N PRO B 216 -63.05 8.02 5.55
CA PRO B 216 -62.64 6.61 5.59
C PRO B 216 -61.68 6.32 6.72
N ALA B 217 -61.67 5.05 7.16
CA ALA B 217 -60.85 4.66 8.29
C ALA B 217 -59.36 4.87 8.00
N GLU B 218 -58.91 4.47 6.81
CA GLU B 218 -57.52 4.64 6.41
C GLU B 218 -57.49 5.45 5.11
N THR B 219 -56.75 6.55 5.12
CA THR B 219 -56.67 7.47 3.99
C THR B 219 -55.21 7.55 3.54
N TYR B 220 -54.83 6.68 2.61
CA TYR B 220 -53.47 6.71 2.07
C TYR B 220 -53.24 8.03 1.35
N ALA B 221 -52.08 8.64 1.60
CA ALA B 221 -51.77 9.95 1.03
C ALA B 221 -50.27 10.05 0.80
N LEU B 222 -49.88 10.35 -0.43
CA LEU B 222 -48.48 10.57 -0.73
C LEU B 222 -48.02 11.89 -0.12
N VAL B 223 -46.70 12.06 -0.04
CA VAL B 223 -46.11 13.30 0.45
C VAL B 223 -46.25 14.36 -0.64
N GLY B 224 -46.86 15.49 -0.29
CA GLY B 224 -47.12 16.53 -1.26
C GLY B 224 -48.53 16.59 -1.81
N GLN B 225 -49.47 15.88 -1.20
CA GLN B 225 -50.86 15.85 -1.66
C GLN B 225 -51.75 16.48 -0.59
N GLN B 226 -52.56 17.46 -1.00
CA GLN B 226 -53.52 18.07 -0.09
C GLN B 226 -54.57 17.04 0.33
N VAL B 227 -54.91 17.04 1.61
CA VAL B 227 -55.82 16.05 2.17
C VAL B 227 -56.98 16.76 2.83
N THR B 228 -58.20 16.33 2.52
CA THR B 228 -59.42 16.88 3.10
C THR B 228 -60.19 15.79 3.83
N LEU B 229 -60.68 16.12 5.02
CA LEU B 229 -61.48 15.21 5.82
C LEU B 229 -62.84 15.83 6.09
N GLU B 230 -63.90 15.07 5.83
CA GLU B 230 -65.27 15.55 5.94
C GLU B 230 -65.95 14.90 7.13
N CYS B 231 -66.60 15.72 7.97
CA CYS B 231 -67.32 15.26 9.15
C CYS B 231 -68.65 16.03 9.21
N PHE B 232 -69.69 15.43 8.66
CA PHE B 232 -70.97 16.08 8.44
C PHE B 232 -71.96 15.49 9.44
N ALA B 233 -72.79 16.32 10.05
CA ALA B 233 -73.59 15.84 11.18
C ALA B 233 -74.99 16.43 11.19
N PHE B 234 -75.89 15.72 11.87
CA PHE B 234 -77.25 16.13 12.16
C PHE B 234 -77.39 16.47 13.63
N GLY B 235 -78.44 17.23 13.96
CA GLY B 235 -78.72 17.56 15.33
C GLY B 235 -79.60 18.79 15.42
N ASN B 236 -80.33 18.87 16.54
CA ASN B 236 -81.18 20.02 16.84
C ASN B 236 -80.80 20.58 18.21
N PRO B 237 -80.26 21.81 18.29
CA PRO B 237 -79.94 22.75 17.21
C PRO B 237 -78.68 22.35 16.44
N VAL B 238 -78.07 23.27 15.71
CA VAL B 238 -76.93 22.97 14.86
C VAL B 238 -75.75 22.54 15.73
N PRO B 239 -75.21 21.34 15.54
CA PRO B 239 -74.06 20.91 16.33
C PRO B 239 -72.79 21.67 15.94
N ARG B 240 -71.85 21.70 16.88
CA ARG B 240 -70.55 22.32 16.66
C ARG B 240 -69.50 21.24 16.42
N ILE B 241 -68.59 21.53 15.50
CA ILE B 241 -67.59 20.56 15.06
C ILE B 241 -66.24 20.91 15.69
N LYS B 242 -65.61 19.93 16.32
CA LYS B 242 -64.29 20.10 16.92
C LYS B 242 -63.41 18.91 16.57
N TRP B 243 -62.19 19.18 16.15
CA TRP B 243 -61.23 18.15 15.78
C TRP B 243 -60.14 18.03 16.84
N ARG B 244 -59.56 16.84 16.95
CA ARG B 244 -58.47 16.62 17.89
C ARG B 244 -57.63 15.43 17.44
N LYS B 245 -56.35 15.49 17.73
CA LYS B 245 -55.42 14.41 17.40
C LYS B 245 -55.27 13.49 18.61
N VAL B 246 -55.40 12.18 18.37
CA VAL B 246 -55.41 11.22 19.46
C VAL B 246 -54.04 11.14 20.12
N ASP B 247 -52.98 11.04 19.31
CA ASP B 247 -51.64 10.80 19.81
C ASP B 247 -50.77 12.05 19.80
N GLY B 248 -51.37 13.23 20.01
CA GLY B 248 -50.59 14.45 20.04
C GLY B 248 -51.41 15.71 19.91
N SER B 249 -50.85 16.73 19.27
CA SER B 249 -51.49 18.02 19.09
C SER B 249 -52.04 18.14 17.67
N LEU B 250 -53.01 19.03 17.52
CA LEU B 250 -53.67 19.25 16.24
C LEU B 250 -52.99 20.30 15.37
N SER B 251 -51.89 20.89 15.83
CA SER B 251 -51.23 21.97 15.11
C SER B 251 -52.22 23.11 14.89
N PRO B 252 -52.56 23.86 15.94
CA PRO B 252 -53.70 24.78 15.85
C PRO B 252 -53.45 26.00 14.97
N GLN B 253 -52.38 25.96 14.17
CA GLN B 253 -52.16 27.00 13.17
C GLN B 253 -53.32 27.06 12.18
N TRP B 254 -54.02 25.94 11.95
CA TRP B 254 -55.15 25.93 11.04
C TRP B 254 -56.36 25.19 11.63
N THR B 255 -56.47 25.10 12.95
CA THR B 255 -57.63 24.45 13.56
C THR B 255 -58.89 25.24 13.23
N THR B 256 -59.98 24.52 12.96
CA THR B 256 -61.21 25.13 12.51
C THR B 256 -62.41 24.41 13.13
N ALA B 257 -63.55 25.11 13.15
CA ALA B 257 -64.82 24.54 13.56
C ALA B 257 -65.69 24.12 12.38
N GLU B 258 -65.22 24.33 11.15
CA GLU B 258 -65.97 23.91 9.98
C GLU B 258 -66.01 22.39 9.89
N PRO B 259 -67.02 21.82 9.22
CA PRO B 259 -67.12 20.35 9.15
C PRO B 259 -66.08 19.72 8.25
N THR B 260 -65.14 20.52 7.73
CA THR B 260 -64.08 20.02 6.87
C THR B 260 -62.73 20.45 7.41
N LEU B 261 -61.76 19.52 7.37
CA LEU B 261 -60.40 19.77 7.79
C LEU B 261 -59.47 19.65 6.58
N GLN B 262 -58.57 20.61 6.42
CA GLN B 262 -57.69 20.67 5.25
C GLN B 262 -56.23 20.63 5.69
N ILE B 263 -55.42 19.87 4.98
CA ILE B 263 -53.97 19.87 5.12
C ILE B 263 -53.39 20.17 3.74
N PRO B 264 -52.68 21.28 3.55
CA PRO B 264 -52.22 21.63 2.20
C PRO B 264 -51.14 20.71 1.67
N SER B 265 -50.14 20.37 2.48
CA SER B 265 -49.08 19.47 2.07
C SER B 265 -48.80 18.51 3.22
N VAL B 266 -49.02 17.22 2.97
CA VAL B 266 -48.87 16.21 4.01
C VAL B 266 -47.39 15.88 4.19
N SER B 267 -46.92 15.95 5.43
CA SER B 267 -45.57 15.55 5.78
C SER B 267 -45.62 14.28 6.62
N PHE B 268 -44.43 13.72 6.86
CA PHE B 268 -44.34 12.46 7.60
C PHE B 268 -44.75 12.63 9.06
N GLU B 269 -44.82 13.85 9.57
CA GLU B 269 -45.20 14.08 10.96
C GLU B 269 -46.71 14.14 11.16
N ASP B 270 -47.50 14.11 10.10
CA ASP B 270 -48.96 14.18 10.20
C ASP B 270 -49.59 12.79 10.27
N GLU B 271 -48.80 11.72 10.21
CA GLU B 271 -49.34 10.37 10.30
C GLU B 271 -50.00 10.16 11.65
N GLY B 272 -51.09 9.39 11.67
CA GLY B 272 -51.72 9.06 12.92
C GLY B 272 -53.21 9.22 12.87
N THR B 273 -53.84 9.19 14.05
CA THR B 273 -55.30 9.12 14.15
C THR B 273 -55.87 10.48 14.53
N TYR B 274 -56.88 10.92 13.78
CA TYR B 274 -57.64 12.13 14.05
C TYR B 274 -59.03 11.75 14.52
N GLU B 275 -59.69 12.70 15.18
CA GLU B 275 -60.98 12.46 15.81
C GLU B 275 -61.85 13.71 15.66
N CYS B 276 -63.04 13.53 15.12
CA CYS B 276 -64.02 14.60 14.97
C CYS B 276 -65.15 14.42 15.97
N GLU B 277 -65.67 15.54 16.46
CA GLU B 277 -66.72 15.52 17.48
C GLU B 277 -67.76 16.57 17.16
N ALA B 278 -69.02 16.16 17.08
CA ALA B 278 -70.15 17.05 16.88
C ALA B 278 -70.92 17.14 18.19
N GLU B 279 -70.96 18.33 18.78
CA GLU B 279 -71.50 18.51 20.11
C GLU B 279 -72.53 19.64 20.14
N ASN B 280 -73.65 19.40 20.82
CA ASN B 280 -74.65 20.41 21.09
C ASN B 280 -75.14 20.25 22.52
N SER B 281 -76.04 21.14 22.95
CA SER B 281 -76.54 21.11 24.31
C SER B 281 -77.19 19.78 24.68
N LYS B 282 -77.69 19.05 23.69
CA LYS B 282 -78.27 17.73 23.95
C LYS B 282 -77.21 16.67 24.21
N GLY B 283 -76.08 16.72 23.50
CA GLY B 283 -75.09 15.65 23.66
C GLY B 283 -73.94 15.82 22.69
N ARG B 284 -73.38 14.69 22.27
CA ARG B 284 -72.23 14.71 21.38
C ARG B 284 -72.10 13.37 20.67
N ASP B 285 -71.38 13.41 19.56
CA ASP B 285 -71.01 12.23 18.79
C ASP B 285 -69.55 12.34 18.38
N THR B 286 -68.86 11.19 18.35
CA THR B 286 -67.43 11.15 18.14
C THR B 286 -67.08 10.11 17.08
N VAL B 287 -66.18 10.47 16.16
CA VAL B 287 -65.72 9.56 15.11
C VAL B 287 -64.21 9.66 15.00
N GLN B 288 -63.57 8.57 14.58
CA GLN B 288 -62.12 8.50 14.50
C GLN B 288 -61.68 7.91 13.17
N GLY B 289 -60.47 8.27 12.75
CA GLY B 289 -59.89 7.69 11.54
C GLY B 289 -58.42 8.01 11.44
N ARG B 290 -57.69 7.12 10.78
CA ARG B 290 -56.24 7.22 10.71
C ARG B 290 -55.78 7.69 9.33
N ILE B 291 -54.60 8.30 9.30
CA ILE B 291 -53.96 8.78 8.08
C ILE B 291 -52.56 8.17 8.01
N ILE B 292 -52.25 7.54 6.88
CA ILE B 292 -50.97 6.90 6.63
C ILE B 292 -50.32 7.59 5.44
N VAL B 293 -49.01 7.80 5.54
CA VAL B 293 -48.26 8.52 4.51
C VAL B 293 -47.34 7.54 3.79
N GLN B 294 -47.01 7.87 2.54
CA GLN B 294 -46.17 7.03 1.70
C GLN B 294 -45.38 7.92 0.74
N ALA B 295 -44.32 7.35 0.17
CA ALA B 295 -43.42 8.13 -0.69
C ALA B 295 -43.02 7.28 -1.90
N GLN B 296 -42.28 7.91 -2.81
CA GLN B 296 -41.79 7.32 -4.05
C GLN B 296 -40.31 7.01 -3.96
N PRO B 297 -39.81 6.06 -4.76
CA PRO B 297 -38.39 5.70 -4.68
C PRO B 297 -37.47 6.84 -5.07
N GLU B 298 -36.32 6.89 -4.39
CA GLU B 298 -35.26 7.83 -4.71
C GLU B 298 -33.93 7.10 -4.65
N TRP B 299 -32.90 7.68 -5.26
CA TRP B 299 -31.61 7.03 -5.34
C TRP B 299 -30.73 7.41 -4.15
N LEU B 300 -29.82 6.50 -3.80
CA LEU B 300 -28.81 6.80 -2.80
C LEU B 300 -27.40 6.48 -3.29
N LYS B 301 -27.23 5.42 -4.08
CA LYS B 301 -25.95 5.09 -4.68
C LYS B 301 -26.20 4.64 -6.11
N VAL B 302 -25.46 5.22 -7.05
CA VAL B 302 -25.67 4.98 -8.47
C VAL B 302 -24.35 4.57 -9.11
N ILE B 303 -24.43 3.66 -10.08
CA ILE B 303 -23.23 3.21 -10.78
C ILE B 303 -22.68 4.31 -11.66
N SER B 304 -21.43 4.13 -12.11
CA SER B 304 -20.77 5.09 -12.98
C SER B 304 -20.02 4.34 -14.07
N ASP B 305 -19.84 5.01 -15.21
CA ASP B 305 -19.16 4.39 -16.34
C ASP B 305 -17.72 4.04 -16.00
N THR B 306 -17.28 2.86 -16.45
CA THR B 306 -15.99 2.34 -16.03
C THR B 306 -15.30 1.62 -17.18
N GLU B 307 -13.97 1.71 -17.18
CA GLU B 307 -13.12 0.94 -18.07
C GLU B 307 -12.29 -0.02 -17.23
N ALA B 308 -12.31 -1.29 -17.60
CA ALA B 308 -11.61 -2.33 -16.85
C ALA B 308 -10.77 -3.18 -17.79
N ASP B 309 -9.67 -3.70 -17.27
CA ASP B 309 -8.74 -4.50 -18.06
C ASP B 309 -9.15 -5.96 -18.04
N ILE B 310 -8.96 -6.64 -19.17
CA ILE B 310 -9.37 -8.04 -19.28
C ILE B 310 -8.58 -8.89 -18.29
N GLY B 311 -9.30 -9.76 -17.59
CA GLY B 311 -8.72 -10.57 -16.55
C GLY B 311 -8.96 -10.09 -15.14
N SER B 312 -9.74 -9.03 -14.96
CA SER B 312 -9.99 -8.44 -13.66
C SER B 312 -11.38 -8.84 -13.15
N ASN B 313 -11.78 -8.27 -12.02
CA ASN B 313 -13.10 -8.50 -11.44
C ASN B 313 -13.73 -7.16 -11.09
N LEU B 314 -15.06 -7.13 -11.07
CA LEU B 314 -15.78 -5.88 -10.85
C LEU B 314 -16.93 -6.09 -9.88
N ARG B 315 -17.17 -5.08 -9.05
CA ARG B 315 -18.30 -5.05 -8.12
C ARG B 315 -19.07 -3.77 -8.32
N TRP B 316 -20.39 -3.88 -8.51
CA TRP B 316 -21.25 -2.74 -8.78
C TRP B 316 -22.44 -2.77 -7.84
N GLY B 317 -22.81 -1.60 -7.31
CA GLY B 317 -23.88 -1.50 -6.34
C GLY B 317 -24.91 -0.47 -6.76
N CYS B 318 -26.09 -0.57 -6.14
CA CYS B 318 -27.23 0.28 -6.48
C CYS B 318 -28.21 0.24 -5.32
N ALA B 319 -28.55 1.41 -4.76
CA ALA B 319 -29.39 1.46 -3.57
C ALA B 319 -30.48 2.51 -3.73
N ALA B 320 -31.69 2.15 -3.30
CA ALA B 320 -32.84 3.04 -3.39
C ALA B 320 -33.51 3.15 -2.02
N ALA B 321 -34.22 4.26 -1.82
CA ALA B 321 -34.90 4.54 -0.57
C ALA B 321 -36.32 4.99 -0.88
N GLY B 322 -37.30 4.32 -0.28
CA GLY B 322 -38.69 4.65 -0.49
C GLY B 322 -39.56 3.95 0.53
N LYS B 323 -40.87 4.11 0.37
CA LYS B 323 -41.84 3.42 1.22
C LYS B 323 -43.10 3.12 0.42
N PRO B 324 -43.45 1.85 0.22
CA PRO B 324 -42.81 0.61 0.69
C PRO B 324 -41.43 0.39 0.10
N ARG B 325 -40.64 -0.53 0.65
CA ARG B 325 -39.25 -0.66 0.25
C ARG B 325 -39.16 -1.09 -1.21
N PRO B 326 -38.39 -0.38 -2.03
CA PRO B 326 -38.34 -0.71 -3.47
C PRO B 326 -37.55 -1.98 -3.73
N THR B 327 -37.81 -2.56 -4.90
CA THR B 327 -37.06 -3.70 -5.41
C THR B 327 -36.20 -3.26 -6.58
N VAL B 328 -35.04 -3.90 -6.71
CA VAL B 328 -34.02 -3.51 -7.68
C VAL B 328 -33.77 -4.67 -8.64
N ARG B 329 -33.65 -4.34 -9.93
CA ARG B 329 -33.32 -5.33 -10.95
C ARG B 329 -32.38 -4.70 -11.97
N TRP B 330 -31.81 -5.54 -12.83
CA TRP B 330 -30.71 -5.15 -13.71
C TRP B 330 -31.04 -5.43 -15.16
N LEU B 331 -30.70 -4.48 -16.02
CA LEU B 331 -30.83 -4.62 -17.46
C LEU B 331 -29.48 -4.45 -18.14
N ARG B 332 -29.27 -5.19 -19.23
CA ARG B 332 -28.14 -4.99 -20.11
C ARG B 332 -28.66 -4.87 -21.52
N ASN B 333 -28.28 -3.80 -22.22
CA ASN B 333 -28.70 -3.55 -23.60
C ASN B 333 -30.23 -3.57 -23.73
N GLY B 334 -30.93 -3.10 -22.70
CA GLY B 334 -32.38 -3.11 -22.75
C GLY B 334 -33.02 -4.47 -22.62
N GLU B 335 -32.34 -5.44 -21.99
CA GLU B 335 -32.91 -6.75 -21.73
C GLU B 335 -32.56 -7.17 -20.31
N PRO B 336 -33.46 -7.86 -19.60
CA PRO B 336 -33.17 -8.25 -18.22
C PRO B 336 -31.96 -9.14 -18.11
N LEU B 337 -31.22 -9.00 -17.02
CA LEU B 337 -29.97 -9.71 -16.80
C LEU B 337 -30.15 -10.65 -15.61
N ALA B 338 -30.07 -11.96 -15.86
CA ALA B 338 -30.17 -12.97 -14.83
C ALA B 338 -28.78 -13.55 -14.52
N SER B 339 -28.68 -14.23 -13.39
CA SER B 339 -27.41 -14.80 -12.96
C SER B 339 -27.00 -15.93 -13.89
N GLN B 340 -25.83 -15.79 -14.52
CA GLN B 340 -25.32 -16.80 -15.43
C GLN B 340 -23.84 -16.59 -15.65
N ASN B 341 -23.15 -17.70 -15.93
CA ASN B 341 -21.73 -17.69 -16.31
C ASN B 341 -20.87 -16.90 -15.34
N ARG B 342 -20.20 -15.87 -15.85
CA ARG B 342 -19.28 -15.06 -15.07
C ARG B 342 -19.96 -13.88 -14.37
N VAL B 343 -21.26 -13.72 -14.54
CA VAL B 343 -22.00 -12.58 -14.00
C VAL B 343 -22.87 -13.09 -12.85
N GLU B 344 -22.79 -12.42 -11.71
CA GLU B 344 -23.62 -12.76 -10.56
C GLU B 344 -24.45 -11.55 -10.16
N VAL B 345 -25.77 -11.74 -10.05
CA VAL B 345 -26.69 -10.69 -9.67
C VAL B 345 -27.33 -11.07 -8.34
N LEU B 346 -27.33 -10.14 -7.38
CA LEU B 346 -27.94 -10.42 -6.08
C LEU B 346 -28.49 -9.10 -5.52
N ALA B 347 -29.79 -8.88 -5.76
CA ALA B 347 -30.55 -7.81 -5.11
C ALA B 347 -29.85 -6.46 -5.19
N GLY B 348 -29.31 -6.15 -6.37
CA GLY B 348 -28.63 -4.89 -6.57
C GLY B 348 -27.11 -4.95 -6.49
N ASP B 349 -26.53 -6.12 -6.31
CA ASP B 349 -25.08 -6.29 -6.35
C ASP B 349 -24.72 -7.07 -7.61
N LEU B 350 -23.89 -6.48 -8.46
CA LEU B 350 -23.46 -7.08 -9.71
C LEU B 350 -21.98 -7.43 -9.59
N ARG B 351 -21.63 -8.68 -9.89
CA ARG B 351 -20.28 -9.17 -9.69
C ARG B 351 -19.79 -9.79 -10.99
N PHE B 352 -18.75 -9.19 -11.56
CA PHE B 352 -18.05 -9.73 -12.72
C PHE B 352 -16.79 -10.45 -12.25
N SER B 353 -16.59 -11.67 -12.72
CA SER B 353 -15.42 -12.46 -12.39
C SER B 353 -14.70 -12.84 -13.67
N LYS B 354 -13.43 -12.44 -13.79
CA LYS B 354 -12.58 -12.78 -14.93
C LYS B 354 -13.21 -12.30 -16.25
N LEU B 355 -13.28 -10.97 -16.37
CA LEU B 355 -13.90 -10.31 -17.51
C LEU B 355 -13.33 -10.78 -18.84
N SER B 356 -14.05 -10.51 -19.92
CA SER B 356 -13.60 -10.84 -21.26
C SER B 356 -13.92 -9.65 -22.17
N LEU B 357 -13.80 -9.86 -23.47
CA LEU B 357 -14.12 -8.81 -24.44
C LEU B 357 -15.60 -8.74 -24.77
N GLU B 358 -16.41 -9.67 -24.27
CA GLU B 358 -17.84 -9.70 -24.55
C GLU B 358 -18.68 -9.06 -23.46
N ASP B 359 -18.06 -8.49 -22.42
CA ASP B 359 -18.76 -7.85 -21.33
C ASP B 359 -18.67 -6.33 -21.42
N SER B 360 -18.71 -5.79 -22.64
CA SER B 360 -18.68 -4.36 -22.86
C SER B 360 -20.04 -3.91 -23.40
N GLY B 361 -20.63 -2.91 -22.75
CA GLY B 361 -21.94 -2.46 -23.16
C GLY B 361 -22.55 -1.56 -22.11
N MET B 362 -23.83 -1.24 -22.33
CA MET B 362 -24.57 -0.33 -21.47
C MET B 362 -25.39 -1.13 -20.47
N TYR B 363 -25.18 -0.87 -19.19
CA TYR B 363 -25.91 -1.54 -18.11
C TYR B 363 -26.79 -0.53 -17.39
N GLN B 364 -27.90 -1.02 -16.85
CA GLN B 364 -28.88 -0.15 -16.21
C GLN B 364 -29.43 -0.82 -14.95
N CYS B 365 -29.73 0.02 -13.97
CA CYS B 365 -30.28 -0.40 -12.69
C CYS B 365 -31.66 0.20 -12.53
N VAL B 366 -32.66 -0.62 -12.22
CA VAL B 366 -34.05 -0.20 -12.13
C VAL B 366 -34.55 -0.44 -10.71
N ALA B 367 -35.14 0.59 -10.11
CA ALA B 367 -35.70 0.47 -8.77
C ALA B 367 -37.17 0.87 -8.81
N GLU B 368 -38.04 0.02 -8.27
CA GLU B 368 -39.46 0.22 -8.42
C GLU B 368 -40.21 -0.13 -7.14
N ASN B 369 -41.39 0.47 -7.00
CA ASN B 369 -42.39 0.04 -6.03
C ASN B 369 -43.76 0.44 -6.56
N LYS B 370 -44.81 0.11 -5.81
CA LYS B 370 -46.17 0.29 -6.31
C LYS B 370 -46.54 1.75 -6.51
N HIS B 371 -45.63 2.68 -6.30
CA HIS B 371 -45.88 4.10 -6.57
C HIS B 371 -45.05 4.66 -7.72
N GLY B 372 -43.99 3.97 -8.14
CA GLY B 372 -43.16 4.54 -9.18
C GLY B 372 -42.02 3.62 -9.57
N THR B 373 -41.22 4.11 -10.53
CA THR B 373 -40.09 3.37 -11.09
C THR B 373 -39.04 4.37 -11.55
N ILE B 374 -37.78 4.09 -11.25
CA ILE B 374 -36.67 4.97 -11.63
C ILE B 374 -35.54 4.14 -12.21
N TYR B 375 -34.75 4.78 -13.08
CA TYR B 375 -33.68 4.14 -13.84
C TYR B 375 -32.35 4.83 -13.58
N ALA B 376 -31.27 4.08 -13.80
CA ALA B 376 -29.93 4.64 -13.82
C ALA B 376 -29.11 3.85 -14.83
N SER B 377 -28.13 4.51 -15.44
CA SER B 377 -27.38 3.93 -16.54
C SER B 377 -25.88 4.11 -16.36
N ALA B 378 -25.12 3.21 -16.97
CA ALA B 378 -23.66 3.31 -17.02
C ALA B 378 -23.15 2.50 -18.20
N GLU B 379 -21.90 2.75 -18.57
CA GLU B 379 -21.26 2.05 -19.66
C GLU B 379 -20.00 1.35 -19.16
N LEU B 380 -19.83 0.08 -19.53
CA LEU B 380 -18.66 -0.69 -19.17
C LEU B 380 -17.86 -0.98 -20.42
N ALA B 381 -16.59 -0.58 -20.42
CA ALA B 381 -15.69 -0.82 -21.54
C ALA B 381 -14.50 -1.63 -21.06
N VAL B 382 -14.22 -2.73 -21.75
CA VAL B 382 -13.09 -3.60 -21.41
C VAL B 382 -11.95 -3.29 -22.35
N GLN B 383 -10.73 -3.34 -21.82
CA GLN B 383 -9.54 -2.93 -22.54
C GLN B 383 -8.48 -4.02 -22.51
N ALA B 384 -7.79 -4.19 -23.64
CA ALA B 384 -6.64 -5.07 -23.74
C ALA B 384 -5.52 -4.30 -24.42
N LEU B 385 -4.31 -4.40 -23.87
CA LEU B 385 -3.20 -3.56 -24.31
C LEU B 385 -1.96 -4.41 -24.57
N ALA B 386 -1.06 -3.86 -25.40
CA ALA B 386 0.28 -4.36 -25.71
C ALA B 386 1.29 -3.81 -24.72
N PRO B 387 2.35 -4.55 -24.41
CA PRO B 387 3.31 -4.09 -23.40
C PRO B 387 4.03 -2.83 -23.85
N ASP B 388 4.26 -1.93 -22.89
CA ASP B 388 4.99 -0.69 -23.12
C ASP B 388 5.79 -0.36 -21.89
N PHE B 389 7.05 0.04 -22.09
CA PHE B 389 7.97 0.34 -21.00
C PHE B 389 8.18 1.83 -20.79
N ARG B 390 7.40 2.68 -21.47
CA ARG B 390 7.63 4.12 -21.38
C ARG B 390 7.42 4.64 -19.96
N LEU B 391 6.36 4.18 -19.30
CA LEU B 391 6.09 4.66 -17.94
C LEU B 391 7.05 4.07 -16.93
N ASN B 392 7.40 2.79 -17.08
CA ASN B 392 8.24 2.08 -16.12
C ASN B 392 9.37 1.37 -16.86
N PRO B 393 10.41 2.11 -17.25
CA PRO B 393 11.58 1.47 -17.86
C PRO B 393 12.53 0.95 -16.79
N VAL B 394 13.29 -0.09 -17.16
CA VAL B 394 14.29 -0.64 -16.26
C VAL B 394 15.40 0.39 -16.03
N ARG B 395 16.01 0.34 -14.85
CA ARG B 395 17.08 1.28 -14.53
C ARG B 395 18.21 1.18 -15.55
N ARG B 396 18.73 2.32 -15.96
CA ARG B 396 19.70 2.38 -17.05
C ARG B 396 21.14 2.43 -16.55
N LEU B 397 21.37 2.96 -15.36
CA LEU B 397 22.70 3.14 -14.80
C LEU B 397 22.82 2.47 -13.44
N ILE B 398 22.42 1.20 -13.37
CA ILE B 398 22.38 0.46 -12.10
C ILE B 398 23.77 0.40 -11.48
N PRO B 399 23.95 0.92 -10.26
CA PRO B 399 25.20 0.70 -9.54
C PRO B 399 25.09 -0.48 -8.59
N ALA B 400 26.25 -1.11 -8.35
CA ALA B 400 26.30 -2.28 -7.48
C ALA B 400 27.51 -2.18 -6.55
N ALA B 401 27.30 -2.47 -5.28
CA ALA B 401 28.38 -2.54 -4.31
C ALA B 401 28.91 -3.96 -4.24
N ARG B 402 30.22 -4.09 -4.04
CA ARG B 402 30.86 -5.39 -4.08
C ARG B 402 30.38 -6.28 -2.94
N GLY B 403 30.07 -7.53 -3.26
CA GLY B 403 29.60 -8.48 -2.28
C GLY B 403 28.15 -8.34 -1.87
N GLY B 404 27.40 -7.44 -2.50
CA GLY B 404 26.02 -7.18 -2.13
C GLY B 404 25.03 -7.98 -2.96
N GLU B 405 23.76 -7.64 -2.77
CA GLU B 405 22.65 -8.28 -3.46
C GLU B 405 21.85 -7.22 -4.20
N ILE B 406 21.56 -7.46 -5.47
CA ILE B 406 20.92 -6.45 -6.32
C ILE B 406 19.55 -6.95 -6.75
N LEU B 407 18.58 -6.03 -6.68
CA LEU B 407 17.20 -6.23 -7.14
C LEU B 407 17.03 -5.50 -8.46
N ILE B 408 16.38 -6.15 -9.42
CA ILE B 408 16.03 -5.47 -10.67
C ILE B 408 14.61 -5.82 -11.05
N PRO B 409 13.63 -4.96 -10.75
CA PRO B 409 12.25 -5.23 -11.15
C PRO B 409 12.01 -4.93 -12.63
N CYS B 410 10.98 -5.58 -13.17
CA CYS B 410 10.60 -5.39 -14.57
C CYS B 410 9.08 -5.57 -14.67
N GLN B 411 8.36 -4.46 -14.62
CA GLN B 411 6.89 -4.48 -14.65
C GLN B 411 6.38 -3.52 -15.73
N PRO B 412 6.10 -4.02 -16.92
CA PRO B 412 5.55 -3.15 -17.97
C PRO B 412 4.07 -2.87 -17.73
N ARG B 413 3.48 -2.09 -18.63
CA ARG B 413 2.06 -1.78 -18.59
C ARG B 413 1.36 -2.62 -19.66
N ALA B 414 0.70 -3.69 -19.23
CA ALA B 414 0.04 -4.59 -20.16
C ALA B 414 -1.18 -5.20 -19.50
N ALA B 415 -2.11 -5.67 -20.33
CA ALA B 415 -3.33 -6.32 -19.88
C ALA B 415 -3.76 -7.35 -20.91
N PRO B 416 -3.77 -8.64 -20.57
CA PRO B 416 -3.44 -9.26 -19.27
C PRO B 416 -1.95 -9.23 -18.96
N LYS B 417 -1.54 -9.83 -17.85
CA LYS B 417 -0.13 -9.85 -17.47
C LYS B 417 0.70 -10.60 -18.51
N ALA B 418 1.89 -10.08 -18.78
CA ALA B 418 2.74 -10.60 -19.84
C ALA B 418 3.83 -11.48 -19.28
N VAL B 419 4.24 -12.48 -20.07
CA VAL B 419 5.34 -13.35 -19.70
C VAL B 419 6.65 -12.56 -19.78
N VAL B 420 7.50 -12.76 -18.77
CA VAL B 420 8.74 -12.00 -18.60
C VAL B 420 9.91 -12.95 -18.60
N LEU B 421 10.93 -12.62 -19.39
CA LEU B 421 12.16 -13.40 -19.47
C LEU B 421 13.35 -12.47 -19.30
N TRP B 422 14.48 -13.02 -18.85
CA TRP B 422 15.69 -12.26 -18.61
C TRP B 422 16.83 -12.80 -19.44
N SER B 423 17.79 -11.94 -19.78
CA SER B 423 18.95 -12.38 -20.54
C SER B 423 20.11 -11.43 -20.31
N LYS B 424 21.26 -11.99 -19.95
CA LYS B 424 22.51 -11.23 -19.85
C LYS B 424 23.32 -11.46 -21.12
N GLY B 425 23.56 -10.39 -21.88
CA GLY B 425 24.20 -10.54 -23.16
C GLY B 425 23.31 -11.28 -24.13
N THR B 426 23.65 -12.52 -24.44
CA THR B 426 22.83 -13.38 -25.29
C THR B 426 22.52 -14.71 -24.62
N GLU B 427 22.71 -14.81 -23.31
CA GLU B 427 22.50 -16.03 -22.55
C GLU B 427 21.27 -15.86 -21.68
N ILE B 428 20.31 -16.78 -21.81
CA ILE B 428 19.08 -16.71 -21.04
C ILE B 428 19.33 -17.30 -19.66
N LEU B 429 19.02 -16.52 -18.61
CA LEU B 429 19.28 -16.94 -17.25
C LEU B 429 18.24 -17.94 -16.78
N VAL B 430 18.63 -18.73 -15.77
CA VAL B 430 17.73 -19.66 -15.10
C VAL B 430 17.91 -19.49 -13.59
N ASN B 431 16.87 -19.83 -12.85
CA ASN B 431 16.93 -19.74 -11.40
C ASN B 431 17.98 -20.69 -10.85
N SER B 432 18.86 -20.17 -10.01
CA SER B 432 19.97 -20.95 -9.49
C SER B 432 20.32 -20.43 -8.10
N SER B 433 21.50 -20.79 -7.60
CA SER B 433 21.94 -20.39 -6.27
C SER B 433 22.50 -18.98 -6.22
N ARG B 434 22.78 -18.36 -7.36
CA ARG B 434 23.36 -17.02 -7.40
C ARG B 434 22.49 -16.02 -8.13
N VAL B 435 21.93 -16.38 -9.28
CA VAL B 435 21.05 -15.51 -10.05
C VAL B 435 19.70 -16.19 -10.15
N THR B 436 18.63 -15.44 -9.85
CA THR B 436 17.31 -16.05 -9.82
C THR B 436 16.28 -15.09 -10.38
N VAL B 437 15.24 -15.64 -11.02
CA VAL B 437 14.09 -14.88 -11.45
C VAL B 437 12.88 -15.35 -10.67
N THR B 438 11.98 -14.43 -10.40
CA THR B 438 10.73 -14.67 -9.69
C THR B 438 9.57 -14.49 -10.65
N PRO B 439 8.41 -15.09 -10.39
CA PRO B 439 7.36 -15.10 -11.39
C PRO B 439 6.52 -13.83 -11.47
N ASP B 440 6.92 -12.76 -10.78
CA ASP B 440 6.39 -11.42 -11.03
C ASP B 440 7.31 -10.60 -11.91
N GLY B 441 8.44 -11.17 -12.36
CA GLY B 441 9.37 -10.52 -13.24
C GLY B 441 10.63 -10.01 -12.57
N THR B 442 10.63 -9.87 -11.24
CA THR B 442 11.78 -9.32 -10.55
C THR B 442 12.97 -10.27 -10.63
N LEU B 443 14.17 -9.69 -10.80
CA LEU B 443 15.40 -10.45 -10.86
C LEU B 443 16.23 -10.17 -9.60
N ILE B 444 16.86 -11.22 -9.08
CA ILE B 444 17.69 -11.13 -7.89
C ILE B 444 19.07 -11.70 -8.19
N ILE B 445 20.10 -10.99 -7.73
CA ILE B 445 21.48 -11.49 -7.84
C ILE B 445 22.17 -11.32 -6.49
N ARG B 446 22.85 -12.37 -6.03
CA ARG B 446 23.52 -12.38 -4.74
C ARG B 446 25.03 -12.44 -4.94
N ASN B 447 25.75 -12.05 -3.88
CA ASN B 447 27.21 -12.09 -3.80
C ASN B 447 27.87 -11.66 -5.12
N ILE B 448 27.51 -10.44 -5.53
CA ILE B 448 27.97 -9.90 -6.81
C ILE B 448 29.50 -9.88 -6.87
N SER B 449 30.02 -10.00 -8.09
CA SER B 449 31.46 -9.99 -8.34
C SER B 449 31.74 -9.16 -9.58
N ARG B 450 33.03 -8.91 -9.83
CA ARG B 450 33.42 -8.12 -10.99
C ARG B 450 33.11 -8.82 -12.31
N SER B 451 32.91 -10.13 -12.28
CA SER B 451 32.61 -10.87 -13.50
C SER B 451 31.19 -10.63 -14.00
N ASP B 452 30.31 -10.05 -13.18
CA ASP B 452 28.91 -9.87 -13.54
C ASP B 452 28.64 -8.55 -14.26
N GLU B 453 29.63 -7.68 -14.38
CA GLU B 453 29.43 -6.40 -15.05
C GLU B 453 29.10 -6.62 -16.52
N GLY B 454 28.18 -5.82 -17.04
CA GLY B 454 27.80 -5.92 -18.43
C GLY B 454 26.40 -5.38 -18.64
N LYS B 455 25.67 -6.04 -19.55
CA LYS B 455 24.35 -5.61 -19.98
C LYS B 455 23.33 -6.67 -19.61
N TYR B 456 22.20 -6.23 -19.06
CA TYR B 456 21.07 -7.10 -18.75
C TYR B 456 19.87 -6.63 -19.53
N THR B 457 18.99 -7.56 -19.90
CA THR B 457 17.83 -7.22 -20.70
C THR B 457 16.62 -8.00 -20.21
N CYS B 458 15.49 -7.31 -20.12
CA CYS B 458 14.21 -7.91 -19.75
C CYS B 458 13.29 -7.87 -20.97
N PHE B 459 12.74 -9.04 -21.32
CA PHE B 459 11.81 -9.19 -22.42
C PHE B 459 10.42 -9.46 -21.84
N ALA B 460 9.42 -8.77 -22.38
CA ALA B 460 8.03 -9.00 -21.98
C ALA B 460 7.21 -9.26 -23.22
N GLU B 461 6.26 -10.19 -23.13
CA GLU B 461 5.43 -10.50 -24.28
C GLU B 461 4.07 -11.03 -23.84
N ASN B 462 3.04 -10.66 -24.60
CA ASN B 462 1.70 -11.21 -24.43
C ASN B 462 1.08 -11.37 -25.81
N PHE B 463 -0.13 -11.93 -25.86
CA PHE B 463 -0.72 -12.24 -27.16
C PHE B 463 -1.08 -11.00 -27.98
N MET B 464 -0.74 -9.79 -27.53
CA MET B 464 -0.89 -8.60 -28.35
C MET B 464 0.43 -8.03 -28.86
N GLY B 465 1.56 -8.41 -28.28
CA GLY B 465 2.83 -7.89 -28.74
C GLY B 465 3.97 -8.25 -27.79
N LYS B 466 5.08 -7.52 -27.96
CA LYS B 466 6.28 -7.77 -27.19
C LYS B 466 7.10 -6.49 -27.08
N ALA B 467 7.97 -6.45 -26.08
CA ALA B 467 8.86 -5.32 -25.85
C ALA B 467 10.04 -5.79 -25.02
N ASN B 468 11.05 -4.93 -24.93
CA ASN B 468 12.25 -5.25 -24.17
C ASN B 468 12.86 -3.97 -23.62
N SER B 469 13.66 -4.12 -22.57
CA SER B 469 14.35 -2.98 -21.98
C SER B 469 15.66 -3.44 -21.36
N THR B 470 16.71 -2.64 -21.54
CA THR B 470 18.06 -3.03 -21.16
C THR B 470 18.63 -2.08 -20.11
N GLY B 471 19.43 -2.64 -19.21
CA GLY B 471 20.17 -1.86 -18.24
C GLY B 471 21.62 -2.29 -18.21
N ILE B 472 22.44 -1.46 -17.57
CA ILE B 472 23.87 -1.68 -17.48
C ILE B 472 24.23 -1.88 -16.01
N LEU B 473 24.91 -2.99 -15.72
CA LEU B 473 25.29 -3.34 -14.36
C LEU B 473 26.80 -3.23 -14.22
N SER B 474 27.25 -2.47 -13.23
CA SER B 474 28.67 -2.30 -12.94
C SER B 474 28.90 -2.38 -11.44
N VAL B 475 30.10 -2.81 -11.06
CA VAL B 475 30.43 -3.03 -9.65
C VAL B 475 31.47 -2.00 -9.22
N ARG B 476 31.42 -1.67 -7.93
CA ARG B 476 32.29 -0.67 -7.33
C ARG B 476 32.79 -1.22 -6.00
N ASP B 477 33.40 -0.36 -5.19
CA ASP B 477 33.88 -0.74 -3.86
C ASP B 477 32.94 -0.14 -2.80
N ALA B 478 32.52 -0.98 -1.86
CA ALA B 478 31.60 -0.55 -0.83
C ALA B 478 32.32 0.14 0.32
N THR B 479 31.67 1.14 0.90
CA THR B 479 32.22 1.84 2.06
C THR B 479 32.11 0.93 3.29
N LYS B 480 33.20 0.84 4.04
CA LYS B 480 33.24 -0.03 5.21
C LYS B 480 33.87 0.71 6.39
N ILE B 481 33.23 0.61 7.55
CA ILE B 481 33.72 1.29 8.74
C ILE B 481 34.83 0.46 9.38
N THR B 482 35.91 1.12 9.78
CA THR B 482 37.04 0.46 10.43
C THR B 482 37.20 0.84 11.90
N LEU B 483 36.71 2.01 12.31
CA LEU B 483 36.81 2.44 13.70
C LEU B 483 35.46 3.01 14.15
N ALA B 484 35.15 2.82 15.42
CA ALA B 484 33.89 3.25 15.98
C ALA B 484 34.11 4.08 17.23
N PRO B 485 33.20 5.00 17.53
CA PRO B 485 33.31 5.80 18.76
C PRO B 485 32.95 4.96 19.98
N SER B 486 32.97 5.61 21.14
CA SER B 486 32.73 4.94 22.41
C SER B 486 31.85 5.81 23.30
N SER B 487 31.17 5.15 24.23
CA SER B 487 30.32 5.86 25.19
C SER B 487 31.17 6.61 26.21
N ALA B 488 30.59 7.66 26.77
CA ALA B 488 31.30 8.47 27.77
C ALA B 488 30.28 9.23 28.61
N ASP B 489 30.75 9.75 29.73
CA ASP B 489 29.94 10.56 30.65
C ASP B 489 30.70 11.83 30.99
N ILE B 490 29.99 12.97 30.99
CA ILE B 490 30.58 14.27 31.25
C ILE B 490 29.57 15.13 32.01
N ASN B 491 30.02 16.31 32.42
CA ASN B 491 29.18 17.28 33.09
C ASN B 491 28.82 18.41 32.12
N LEU B 492 28.16 19.44 32.63
CA LEU B 492 27.83 20.60 31.81
C LEU B 492 29.09 21.44 31.58
N GLY B 493 29.36 21.77 30.32
CA GLY B 493 30.52 22.56 29.98
C GLY B 493 31.77 21.77 29.65
N ASP B 494 31.71 20.44 29.65
CA ASP B 494 32.86 19.61 29.35
C ASP B 494 32.99 19.40 27.85
N ASN B 495 34.19 18.97 27.44
CA ASN B 495 34.51 18.69 26.05
C ASN B 495 34.80 17.22 25.88
N LEU B 496 34.28 16.62 24.80
CA LEU B 496 34.43 15.20 24.54
C LEU B 496 34.83 15.01 23.08
N THR B 497 35.59 13.95 22.82
CA THR B 497 36.05 13.64 21.47
C THR B 497 35.73 12.20 21.13
N LEU B 498 35.11 11.98 19.98
CA LEU B 498 34.80 10.64 19.48
C LEU B 498 35.35 10.49 18.07
N GLN B 499 35.74 9.26 17.73
CA GLN B 499 36.44 8.96 16.49
C GLN B 499 35.60 8.05 15.60
N CYS B 500 35.93 8.06 14.31
CA CYS B 500 35.24 7.24 13.31
C CYS B 500 36.09 7.18 12.06
N HIS B 501 36.32 5.97 11.55
CA HIS B 501 37.15 5.76 10.37
C HIS B 501 36.42 4.90 9.35
N ALA B 502 36.67 5.16 8.07
CA ALA B 502 36.00 4.44 6.99
C ALA B 502 36.95 4.20 5.84
N SER B 503 36.54 3.32 4.92
CA SER B 503 37.29 3.01 3.72
C SER B 503 36.33 2.92 2.55
N HIS B 504 36.83 3.22 1.34
CA HIS B 504 35.95 3.39 0.19
C HIS B 504 36.77 3.18 -1.09
N ASP B 505 36.09 3.38 -2.22
CA ASP B 505 36.74 3.33 -3.52
C ASP B 505 37.59 4.57 -3.75
N PRO B 506 38.75 4.45 -4.39
CA PRO B 506 39.60 5.62 -4.60
C PRO B 506 39.02 6.67 -5.53
N THR B 507 37.86 6.41 -6.16
CA THR B 507 37.30 7.31 -7.16
C THR B 507 36.34 8.34 -6.57
N MET B 508 35.40 7.94 -5.71
CA MET B 508 34.35 8.82 -5.23
C MET B 508 34.84 9.60 -4.01
N ASP B 509 33.90 10.30 -3.37
CA ASP B 509 34.16 11.12 -2.21
C ASP B 509 33.44 10.56 -0.98
N LEU B 510 34.09 10.64 0.18
CA LEU B 510 33.44 10.36 1.44
C LEU B 510 32.85 11.62 2.04
N THR B 511 31.67 11.50 2.61
CA THR B 511 31.08 12.52 3.47
C THR B 511 30.76 11.88 4.82
N PHE B 512 31.32 12.44 5.88
CA PHE B 512 31.11 11.94 7.23
C PHE B 512 30.27 12.93 8.01
N THR B 513 29.25 12.42 8.70
CA THR B 513 28.34 13.22 9.49
C THR B 513 28.07 12.51 10.80
N TRP B 514 27.47 13.24 11.74
CA TRP B 514 27.11 12.69 13.04
C TRP B 514 25.69 13.10 13.37
N THR B 515 24.91 12.14 13.87
CA THR B 515 23.51 12.38 14.22
C THR B 515 23.31 12.10 15.70
N LEU B 516 22.69 13.03 16.40
CA LEU B 516 22.38 12.87 17.83
C LEU B 516 20.95 12.39 17.96
N ASP B 517 20.79 11.13 18.35
CA ASP B 517 19.48 10.48 18.46
C ASP B 517 18.70 10.59 17.15
N ASP B 518 19.37 10.23 16.07
CA ASP B 518 18.87 10.27 14.69
C ASP B 518 18.61 11.69 14.20
N PHE B 519 19.00 12.71 14.97
CA PHE B 519 18.87 14.09 14.53
C PHE B 519 20.22 14.59 14.06
N PRO B 520 20.34 15.08 12.83
CA PRO B 520 21.65 15.50 12.32
C PRO B 520 22.24 16.64 13.13
N ILE B 521 23.56 16.65 13.24
CA ILE B 521 24.29 17.65 14.01
C ILE B 521 24.76 18.74 13.07
N ASP B 522 24.44 19.99 13.40
CA ASP B 522 24.84 21.14 12.60
C ASP B 522 26.19 21.65 13.12
N PHE B 523 27.23 21.51 12.30
CA PHE B 523 28.56 21.99 12.65
C PHE B 523 28.81 23.42 12.23
N ASP B 524 28.00 23.96 11.33
CA ASP B 524 28.19 25.32 10.82
C ASP B 524 27.39 26.36 11.59
N LYS B 525 26.71 25.96 12.66
CA LYS B 525 25.93 26.91 13.45
C LYS B 525 26.87 27.89 14.15
N PRO B 526 26.63 29.19 14.06
CA PRO B 526 27.45 30.15 14.80
C PRO B 526 27.36 29.92 16.29
N GLY B 527 28.52 29.82 16.95
CA GLY B 527 28.53 29.46 18.35
C GLY B 527 28.15 28.03 18.63
N GLY B 528 28.26 27.15 17.63
CA GLY B 528 27.87 25.77 17.82
C GLY B 528 28.80 25.03 18.77
N HIS B 529 28.26 23.99 19.39
CA HIS B 529 28.99 23.19 20.36
C HIS B 529 29.68 21.99 19.74
N TYR B 530 29.62 21.83 18.43
CA TYR B 530 30.20 20.67 17.75
C TYR B 530 31.26 21.13 16.76
N ARG B 531 32.32 20.34 16.65
CA ARG B 531 33.45 20.66 15.78
C ARG B 531 33.97 19.37 15.16
N ARG B 532 34.57 19.50 13.98
CA ARG B 532 35.22 18.38 13.30
C ARG B 532 36.71 18.44 13.54
N THR B 533 37.29 17.36 14.04
CA THR B 533 38.70 17.31 14.39
C THR B 533 39.39 16.20 13.62
N ASN B 534 40.70 16.38 13.39
CA ASN B 534 41.50 15.45 12.60
C ASN B 534 40.89 15.23 11.22
N VAL B 535 40.57 16.34 10.56
CA VAL B 535 39.86 16.30 9.29
C VAL B 535 40.76 15.73 8.21
N LYS B 536 40.51 14.48 7.83
CA LYS B 536 41.21 13.85 6.72
C LYS B 536 40.21 13.16 5.80
N GLU B 537 40.69 12.44 4.79
CA GLU B 537 39.79 11.75 3.89
C GLU B 537 39.00 10.67 4.60
N THR B 538 39.66 9.88 5.45
CA THR B 538 39.05 8.72 6.09
C THR B 538 38.90 8.88 7.60
N ILE B 539 38.95 10.12 8.10
CA ILE B 539 38.82 10.40 9.51
C ILE B 539 37.65 11.37 9.71
N GLY B 540 36.69 10.97 10.55
CA GLY B 540 35.53 11.80 10.81
C GLY B 540 35.29 12.07 12.27
N ASP B 541 36.37 12.31 13.02
CA ASP B 541 36.24 12.51 14.46
C ASP B 541 35.54 13.84 14.77
N LEU B 542 34.69 13.82 15.78
CA LEU B 542 33.95 14.99 16.21
C LEU B 542 34.26 15.31 17.67
N THR B 543 34.05 16.58 18.04
CA THR B 543 34.31 17.07 19.38
C THR B 543 33.15 17.94 19.83
N ILE B 544 32.70 17.71 21.06
CA ILE B 544 31.65 18.50 21.68
C ILE B 544 32.31 19.44 22.69
N LEU B 545 32.08 20.73 22.52
CA LEU B 545 32.62 21.77 23.39
C LEU B 545 31.47 22.43 24.15
N ASN B 546 31.66 22.63 25.45
CA ASN B 546 30.64 23.21 26.32
C ASN B 546 29.35 22.39 26.26
N ALA B 547 29.46 21.15 26.72
CA ALA B 547 28.34 20.22 26.66
C ALA B 547 27.18 20.72 27.51
N GLN B 548 25.97 20.49 27.01
CA GLN B 548 24.73 20.88 27.67
C GLN B 548 23.88 19.64 27.92
N LEU B 549 22.74 19.83 28.60
CA LEU B 549 21.85 18.72 28.90
C LEU B 549 21.27 18.11 27.64
N ARG B 550 20.98 18.93 26.62
CA ARG B 550 20.41 18.43 25.38
C ARG B 550 21.41 17.65 24.53
N HIS B 551 22.70 17.70 24.85
CA HIS B 551 23.73 17.02 24.08
C HIS B 551 23.90 15.56 24.48
N GLY B 552 23.16 15.09 25.47
CA GLY B 552 23.25 13.68 25.87
C GLY B 552 22.32 12.81 25.03
N GLY B 553 22.86 11.71 24.53
CA GLY B 553 22.08 10.78 23.74
C GLY B 553 22.97 9.85 22.96
N LYS B 554 22.39 9.25 21.93
CA LYS B 554 23.11 8.33 21.05
C LYS B 554 23.67 9.09 19.87
N TYR B 555 24.99 8.98 19.67
CA TYR B 555 25.67 9.60 18.54
C TYR B 555 25.97 8.55 17.50
N THR B 556 25.50 8.77 16.28
CA THR B 556 25.67 7.85 15.17
C THR B 556 26.57 8.48 14.13
N CYS B 557 27.65 7.79 13.80
CA CYS B 557 28.57 8.20 12.75
C CYS B 557 28.10 7.64 11.42
N MET B 558 27.82 8.54 10.47
CA MET B 558 27.42 8.23 9.11
C MET B 558 28.62 8.48 8.19
N ALA B 559 28.98 7.48 7.40
CA ALA B 559 30.00 7.64 6.37
C ALA B 559 29.39 7.21 5.05
N GLN B 560 29.16 8.17 4.16
CA GLN B 560 28.36 7.92 2.97
C GLN B 560 29.03 8.47 1.72
N THR B 561 28.81 7.78 0.62
CA THR B 561 29.10 8.22 -0.73
C THR B 561 27.79 8.42 -1.47
N VAL B 562 27.88 8.68 -2.78
CA VAL B 562 26.68 8.92 -3.57
C VAL B 562 25.84 7.64 -3.72
N VAL B 563 26.42 6.47 -3.48
CA VAL B 563 25.71 5.22 -3.74
C VAL B 563 25.52 4.35 -2.50
N ASP B 564 26.29 4.56 -1.43
CA ASP B 564 26.20 3.68 -0.27
C ASP B 564 26.61 4.43 0.98
N SER B 565 26.32 3.83 2.14
CA SER B 565 26.61 4.44 3.43
C SER B 565 26.84 3.34 4.46
N ALA B 566 27.50 3.71 5.55
CA ALA B 566 27.76 2.80 6.65
C ALA B 566 27.78 3.58 7.96
N SER B 567 27.28 2.94 9.02
CA SER B 567 27.01 3.63 10.27
C SER B 567 27.68 2.93 11.45
N LYS B 568 27.94 3.73 12.49
CA LYS B 568 28.37 3.22 13.78
C LYS B 568 27.67 4.03 14.87
N GLU B 569 27.66 3.49 16.09
CA GLU B 569 26.91 4.09 17.18
C GLU B 569 27.74 4.17 18.46
N ALA B 570 27.39 5.16 19.29
CA ALA B 570 27.98 5.31 20.62
C ALA B 570 26.99 6.10 21.47
N THR B 571 27.29 6.18 22.77
CA THR B 571 26.42 6.86 23.72
C THR B 571 27.20 7.88 24.52
N VAL B 572 26.57 9.02 24.78
CA VAL B 572 27.17 10.09 25.58
C VAL B 572 26.14 10.55 26.60
N LEU B 573 26.55 10.64 27.86
CA LEU B 573 25.70 11.13 28.94
C LEU B 573 26.25 12.45 29.47
N VAL B 574 25.36 13.42 29.67
CA VAL B 574 25.72 14.72 30.23
C VAL B 574 24.90 14.95 31.49
N ARG B 575 25.58 15.24 32.59
CA ARG B 575 24.91 15.48 33.87
C ARG B 575 24.53 16.95 34.02
C1 NAG C . -14.55 32.23 4.16
C2 NAG C . -13.38 32.75 3.33
C3 NAG C . -12.19 31.81 3.47
C4 NAG C . -11.84 31.60 4.93
C5 NAG C . -13.07 31.16 5.73
C6 NAG C . -12.82 31.13 7.22
C7 NAG C . -13.10 33.64 1.06
C8 NAG C . -13.63 33.65 -0.34
N2 NAG C . -13.76 32.87 1.93
O3 NAG C . -11.08 32.36 2.77
O4 NAG C . -10.85 30.57 5.04
O5 NAG C . -14.14 32.09 5.52
O6 NAG C . -12.39 32.40 7.69
O7 NAG C . -12.11 34.28 1.38
C1 NAG C . -9.61 31.14 5.52
C2 NAG C . -8.85 30.06 6.26
C3 NAG C . -7.51 30.60 6.76
C4 NAG C . -6.74 31.32 5.64
C5 NAG C . -7.64 32.28 4.87
C6 NAG C . -6.99 32.83 3.62
C7 NAG C . -10.56 28.58 7.24
C8 NAG C . -11.24 28.17 8.51
N2 NAG C . -9.62 29.54 7.38
O3 NAG C . -6.73 29.53 7.26
O4 NAG C . -5.71 32.09 6.27
O5 NAG C . -8.84 31.63 4.45
O6 NAG C . -7.88 33.67 2.90
O7 NAG C . -10.82 28.09 6.16
C1 BMA C . -4.38 31.89 5.75
C2 BMA C . -3.40 32.08 6.95
C3 BMA C . -1.97 31.86 6.49
C4 BMA C . -1.82 30.55 5.72
C5 BMA C . -2.85 30.48 4.58
C6 BMA C . -2.79 29.19 3.79
O2 BMA C . -3.66 31.11 7.96
O3 BMA C . -1.06 31.88 7.59
O4 BMA C . -0.51 30.45 5.18
O5 BMA C . -4.17 30.61 5.15
O6 BMA C . -1.45 29.01 3.33
C1 NAG D . -21.80 24.36 -18.04
C2 NAG D . -22.05 25.76 -18.65
C3 NAG D . -22.32 25.66 -20.15
C4 NAG D . -21.17 24.94 -20.84
C5 NAG D . -21.12 23.52 -20.28
C6 NAG D . -20.02 22.69 -20.88
C7 NAG D . -23.13 27.77 -17.77
C8 NAG D . -24.32 28.32 -17.04
N2 NAG D . -23.12 26.45 -17.97
O3 NAG D . -22.48 26.96 -20.71
O4 NAG D . -21.28 24.97 -22.26
O5 NAG D . -20.87 23.61 -18.88
O6 NAG D . -18.92 23.49 -21.29
O7 NAG D . -22.23 28.50 -18.17
C1 NAG D . -22.48 24.38 -22.78
C2 NAG D . -22.84 25.15 -24.05
C3 NAG D . -24.08 24.55 -24.70
C4 NAG D . -23.87 23.07 -24.94
C5 NAG D . -23.46 22.37 -23.64
C6 NAG D . -23.11 20.91 -23.84
C7 NAG D . -22.32 27.54 -24.31
C8 NAG D . -22.67 28.93 -23.90
N2 NAG D . -23.04 26.56 -23.76
O3 NAG D . -24.33 25.21 -25.94
O4 NAG D . -25.09 22.48 -25.41
O5 NAG D . -22.30 23.01 -23.10
O6 NAG D . -22.43 20.70 -25.07
O7 NAG D . -21.42 27.30 -25.11
C1 NAG E . 12.59 -21.15 -10.22
C2 NAG E . 12.83 -20.48 -8.88
C3 NAG E . 11.58 -20.58 -8.02
C4 NAG E . 10.32 -20.16 -8.78
C5 NAG E . 10.29 -20.73 -10.20
C6 NAG E . 9.21 -20.10 -11.06
C7 NAG E . 14.56 -20.51 -7.13
C8 NAG E . 15.73 -21.25 -6.56
N2 NAG E . 13.98 -21.06 -8.20
O3 NAG E . 11.73 -19.76 -6.86
O4 NAG E . 9.19 -20.69 -8.13
O5 NAG E . 11.53 -20.51 -10.88
O6 NAG E . 9.75 -19.53 -12.24
O7 NAG E . 14.16 -19.46 -6.64
C1 NAG E . 8.56 -19.79 -7.20
C2 NAG E . 7.05 -20.00 -7.28
C3 NAG E . 6.33 -19.13 -6.26
C4 NAG E . 6.89 -19.37 -4.87
C5 NAG E . 8.41 -19.18 -4.87
C6 NAG E . 9.04 -19.54 -3.55
C7 NAG E . 5.90 -20.62 -9.37
C8 NAG E . 5.47 -20.16 -10.73
N2 NAG E . 6.57 -19.72 -8.63
O3 NAG E . 4.94 -19.42 -6.29
O4 NAG E . 6.30 -18.47 -3.94
O5 NAG E . 9.00 -20.04 -5.86
O6 NAG E . 9.06 -20.94 -3.34
O7 NAG E . 5.66 -21.74 -8.96
C1 NAG F . 14.01 -5.17 -28.59
C2 NAG F . 14.14 -6.11 -29.78
C3 NAG F . 14.61 -5.34 -31.02
C4 NAG F . 13.70 -4.16 -31.27
C5 NAG F . 13.55 -3.31 -30.02
C6 NAG F . 12.55 -2.18 -30.16
C7 NAG F . 14.93 -8.43 -29.96
C8 NAG F . 15.97 -9.43 -29.55
N2 NAG F . 15.08 -7.20 -29.48
O3 NAG F . 14.61 -6.21 -32.13
O4 NAG F . 14.23 -3.35 -32.31
O5 NAG F . 13.11 -4.12 -28.92
O6 NAG F . 12.38 -1.48 -28.94
O7 NAG F . 13.99 -8.74 -30.70
C1 NAG F . 13.46 -3.54 -33.51
C2 NAG F . 13.37 -2.20 -34.26
C3 NAG F . 12.59 -2.39 -35.57
C4 NAG F . 13.21 -3.51 -36.39
C5 NAG F . 13.31 -4.79 -35.56
C6 NAG F . 14.03 -5.90 -36.28
C7 NAG F . 13.35 -0.04 -33.10
C8 NAG F . 12.55 0.90 -32.24
N2 NAG F . 12.74 -1.19 -33.43
O3 NAG F . 12.62 -1.17 -36.30
O4 NAG F . 12.40 -3.76 -37.54
O5 NAG F . 14.06 -4.53 -34.36
O6 NAG F . 15.03 -6.48 -35.47
O7 NAG F . 14.48 0.22 -33.47
C1 NAG G . 43.39 23.30 -34.91
C2 NAG G . 44.08 23.76 -36.21
C3 NAG G . 45.24 22.84 -36.55
C4 NAG G . 46.18 22.67 -35.36
C5 NAG G . 45.39 22.30 -34.10
C6 NAG G . 46.24 22.28 -32.85
C7 NAG G . 43.32 24.54 -38.42
C8 NAG G . 42.23 24.46 -39.45
N2 NAG G . 43.13 23.81 -37.31
O3 NAG G . 45.97 23.38 -37.65
O4 NAG G . 47.12 21.65 -35.63
O5 NAG G . 44.34 23.25 -33.87
O6 NAG G . 46.21 23.55 -32.20
O7 NAG G . 44.31 25.22 -38.58
C1 NAG H . -28.15 26.22 14.34
C2 NAG H . -29.65 26.26 14.06
C3 NAG H . -30.39 26.80 15.29
C4 NAG H . -30.04 25.98 16.52
C5 NAG H . -28.52 25.94 16.72
C6 NAG H . -28.10 25.06 17.86
C7 NAG H . -30.97 26.75 12.05
C8 NAG H . -31.15 27.67 10.87
N2 NAG H . -29.96 27.05 12.88
O3 NAG H . -31.79 26.75 15.06
O4 NAG H . -30.66 26.52 17.68
O5 NAG H . -27.89 25.43 15.52
O6 NAG H . -27.45 23.86 17.41
O7 NAG H . -31.70 25.78 12.22
C1 NAG I . -52.51 -1.06 -24.17
C2 NAG I . -53.93 -0.79 -23.64
C3 NAG I . -54.97 -1.25 -24.65
C4 NAG I . -54.69 -0.64 -26.02
C5 NAG I . -53.26 -0.91 -26.44
C6 NAG I . -52.89 -0.25 -27.74
C7 NAG I . -54.16 -0.77 -21.20
C8 NAG I . -54.38 -1.58 -19.97
N2 NAG I . -54.13 -1.44 -22.35
O3 NAG I . -56.26 -0.87 -24.19
O4 NAG I . -55.59 -1.18 -26.98
O5 NAG I . -52.35 -0.42 -25.45
O6 NAG I . -54.00 0.45 -28.30
O7 NAG I . -54.01 0.46 -21.14
#